data_5TIG
#
_entry.id   5TIG
#
_cell.length_a   62.746
_cell.length_b   90.121
_cell.length_c   171.445
_cell.angle_alpha   90.000
_cell.angle_beta   96.850
_cell.angle_gamma   90.000
#
_symmetry.space_group_name_H-M   'P 1 21 1'
#
loop_
_entity.id
_entity.type
_entity.pdbx_description
1 polymer '2-hydroxymuconate tautomerase'
2 non-polymer '(3E)-5-hydroxy-2-oxopent-3-enoic acid'
3 water water
#
_entity_poly.entity_id   1
_entity_poly.type   'polypeptide(L)'
_entity_poly.pdbx_seq_one_letter_code
;PIAQIHILEGRSDEQKETLIREVSEAISRSLDAPLTSVRVIITEMAKGHFGIGGELASKVRR
;
_entity_poly.pdbx_strand_id   A,B,C,D,E,F,G,H,I,J,K,L,M,N,O,P,Q,R,S,T,U,V,W,X,Y,Z,a,b,c,d
#
# COMPACT_ATOMS: atom_id res chain seq x y z
N PRO A 1 19.12 -12.53 -2.22
CA PRO A 1 19.37 -11.58 -3.34
C PRO A 1 19.06 -12.27 -4.65
N ILE A 2 18.14 -11.69 -5.40
CA ILE A 2 17.57 -12.30 -6.55
C ILE A 2 17.67 -11.33 -7.70
N ALA A 3 18.36 -11.71 -8.78
CA ALA A 3 18.54 -10.82 -9.91
C ALA A 3 17.84 -11.33 -11.14
N GLN A 4 17.14 -10.44 -11.84
CA GLN A 4 16.52 -10.80 -13.12
C GLN A 4 17.12 -9.91 -14.16
N ILE A 5 17.60 -10.52 -15.23
CA ILE A 5 18.30 -9.77 -16.27
C ILE A 5 17.60 -9.96 -17.58
N HIS A 6 17.15 -8.86 -18.16
CA HIS A 6 16.54 -8.93 -19.50
C HIS A 6 17.60 -8.65 -20.53
N ILE A 7 17.74 -9.55 -21.48
CA ILE A 7 18.72 -9.37 -22.57
C ILE A 7 18.09 -9.71 -23.91
N LEU A 8 18.65 -9.13 -24.97
CA LEU A 8 18.24 -9.53 -26.32
C LEU A 8 18.60 -10.97 -26.60
N GLU A 9 17.68 -11.67 -27.28
CA GLU A 9 17.93 -13.04 -27.68
C GLU A 9 19.12 -13.05 -28.67
N GLY A 10 19.80 -14.18 -28.74
CA GLY A 10 20.85 -14.37 -29.72
C GLY A 10 22.18 -14.86 -29.21
N ARG A 11 22.34 -14.96 -27.89
CA ARG A 11 23.60 -15.33 -27.30
C ARG A 11 23.68 -16.81 -27.06
N SER A 12 24.89 -17.31 -26.88
CA SER A 12 25.13 -18.75 -26.75
C SER A 12 24.86 -19.18 -25.32
N ASP A 13 24.62 -20.46 -25.14
CA ASP A 13 24.47 -21.00 -23.82
C ASP A 13 25.68 -20.72 -22.92
N GLU A 14 26.87 -20.69 -23.50
CA GLU A 14 28.10 -20.52 -22.73
C GLU A 14 28.12 -19.11 -22.19
N GLN A 15 27.87 -18.13 -23.07
CA GLN A 15 27.86 -16.73 -22.67
C GLN A 15 26.91 -16.46 -21.52
N LYS A 16 25.75 -17.12 -21.59
CA LYS A 16 24.76 -16.99 -20.54
C LYS A 16 25.18 -17.65 -19.25
N GLU A 17 25.80 -18.81 -19.35
CA GLU A 17 26.35 -19.49 -18.18
C GLU A 17 27.38 -18.57 -17.49
N THR A 18 28.18 -17.90 -18.30
CA THR A 18 29.19 -16.99 -17.78
C THR A 18 28.51 -15.81 -17.11
N LEU A 19 27.51 -15.24 -17.79
CA LEU A 19 26.75 -14.13 -17.23
C LEU A 19 26.23 -14.48 -15.84
N ILE A 20 25.64 -15.65 -15.71
CA ILE A 20 25.10 -16.06 -14.44
C ILE A 20 26.17 -16.12 -13.37
N ARG A 21 27.32 -16.71 -13.71
CA ARG A 21 28.38 -16.86 -12.74
C ARG A 21 28.96 -15.52 -12.32
N GLU A 22 29.34 -14.72 -13.31
CA GLU A 22 30.01 -13.44 -13.05
C GLU A 22 29.14 -12.46 -12.26
N VAL A 23 27.85 -12.42 -12.61
CA VAL A 23 26.90 -11.60 -11.89
C VAL A 23 26.67 -12.13 -10.48
N SER A 24 26.49 -13.42 -10.33
CA SER A 24 26.31 -13.94 -8.98
C SER A 24 27.48 -13.61 -8.10
N GLU A 25 28.67 -13.73 -8.66
CA GLU A 25 29.86 -13.44 -7.88
C GLU A 25 29.91 -11.98 -7.51
N ALA A 26 29.68 -11.10 -8.47
CA ALA A 26 29.69 -9.67 -8.21
C ALA A 26 28.69 -9.29 -7.08
N ILE A 27 27.54 -9.94 -7.07
CA ILE A 27 26.55 -9.72 -6.02
C ILE A 27 27.10 -10.18 -4.68
N SER A 28 27.62 -11.40 -4.65
CA SER A 28 28.22 -11.94 -3.41
C SER A 28 29.33 -11.06 -2.85
N ARG A 29 30.22 -10.62 -3.72
CA ARG A 29 31.32 -9.76 -3.33
C ARG A 29 30.79 -8.47 -2.77
N SER A 30 29.93 -7.80 -3.54
CA SER A 30 29.48 -6.47 -3.22
C SER A 30 28.73 -6.37 -1.89
N LEU A 31 27.96 -7.40 -1.56
CA LEU A 31 27.09 -7.35 -0.40
C LEU A 31 27.59 -8.21 0.72
N ASP A 32 28.78 -8.79 0.56
CA ASP A 32 29.30 -9.73 1.53
C ASP A 32 28.26 -10.79 1.88
N ALA A 33 27.58 -11.31 0.87
CA ALA A 33 26.54 -12.29 1.08
C ALA A 33 27.02 -13.62 0.55
N PRO A 34 26.53 -14.71 1.14
CA PRO A 34 27.01 -16.02 0.70
C PRO A 34 26.58 -16.34 -0.72
N LEU A 35 27.55 -16.75 -1.54
CA LEU A 35 27.31 -17.04 -2.95
C LEU A 35 26.15 -17.98 -3.18
N THR A 36 25.97 -18.95 -2.30
CA THR A 36 24.94 -19.99 -2.50
C THR A 36 23.50 -19.51 -2.30
N SER A 37 23.32 -18.34 -1.71
CA SER A 37 21.98 -17.75 -1.58
C SER A 37 21.52 -16.98 -2.83
N VAL A 38 22.47 -16.65 -3.71
CA VAL A 38 22.21 -15.78 -4.87
C VAL A 38 21.49 -16.51 -5.98
N ARG A 39 20.39 -15.93 -6.42
CA ARG A 39 19.63 -16.45 -7.52
C ARG A 39 19.69 -15.49 -8.69
N VAL A 40 19.77 -16.03 -9.90
CA VAL A 40 19.74 -15.23 -11.09
C VAL A 40 18.77 -15.80 -12.09
N ILE A 41 17.97 -14.92 -12.67
CA ILE A 41 17.06 -15.30 -13.72
C ILE A 41 17.40 -14.52 -14.97
N ILE A 42 17.55 -15.23 -16.07
CA ILE A 42 17.76 -14.59 -17.34
C ILE A 42 16.48 -14.65 -18.11
N THR A 43 16.12 -13.52 -18.69
CA THR A 43 14.91 -13.43 -19.50
C THR A 43 15.30 -12.88 -20.85
N GLU A 44 15.13 -13.70 -21.88
CA GLU A 44 15.51 -13.31 -23.22
C GLU A 44 14.39 -12.57 -23.88
N MET A 45 14.70 -11.47 -24.54
CA MET A 45 13.67 -10.74 -25.27
C MET A 45 13.84 -10.94 -26.75
N ALA A 46 12.73 -11.17 -27.44
CA ALA A 46 12.71 -11.14 -28.89
C ALA A 46 13.00 -9.73 -29.38
N LYS A 47 13.61 -9.62 -30.55
CA LYS A 47 14.08 -8.31 -31.05
C LYS A 47 12.89 -7.42 -31.39
N GLY A 48 11.78 -8.04 -31.79
CA GLY A 48 10.51 -7.32 -32.02
C GLY A 48 9.75 -6.90 -30.76
N HIS A 49 10.29 -7.21 -29.58
CA HIS A 49 9.61 -6.95 -28.32
C HIS A 49 10.31 -5.91 -27.47
N PHE A 50 11.35 -5.30 -28.01
CA PHE A 50 12.13 -4.34 -27.26
C PHE A 50 12.25 -3.04 -28.01
N GLY A 51 11.84 -1.95 -27.38
CA GLY A 51 11.81 -0.63 -27.99
C GLY A 51 12.81 0.31 -27.37
N ILE A 52 13.45 1.12 -28.22
CA ILE A 52 14.23 2.27 -27.79
C ILE A 52 13.81 3.49 -28.58
N GLY A 53 13.51 4.58 -27.89
CA GLY A 53 12.96 5.74 -28.56
C GLY A 53 11.75 5.44 -29.41
N GLY A 54 10.96 4.45 -29.03
CA GLY A 54 9.69 4.15 -29.73
C GLY A 54 9.85 3.30 -30.97
N GLU A 55 11.07 2.84 -31.20
CA GLU A 55 11.40 2.08 -32.41
C GLU A 55 12.04 0.77 -32.01
N LEU A 56 11.78 -0.28 -32.76
CA LEU A 56 12.30 -1.62 -32.40
C LEU A 56 13.82 -1.66 -32.41
N ALA A 57 14.40 -2.53 -31.61
CA ALA A 57 15.86 -2.69 -31.60
C ALA A 57 16.28 -3.51 -32.82
N SER A 58 15.32 -4.21 -33.40
CA SER A 58 15.49 -4.94 -34.64
C SER A 58 15.41 -4.05 -35.94
N LYS A 59 15.46 -2.73 -35.78
CA LYS A 59 15.65 -1.79 -36.90
C LYS A 59 16.53 -0.67 -36.44
N VAL A 60 17.31 -0.99 -35.41
CA VAL A 60 18.31 -0.09 -34.94
C VAL A 60 19.47 -0.96 -34.48
N ARG A 61 19.40 -2.25 -34.79
CA ARG A 61 20.27 -3.25 -34.18
C ARG A 61 20.07 -4.53 -34.98
N ARG A 62 21.01 -5.45 -34.79
CA ARG A 62 21.21 -6.60 -35.67
C ARG A 62 20.12 -7.66 -35.53
N PRO B 1 20.67 -4.40 -22.05
CA PRO B 1 20.68 -5.30 -20.85
C PRO B 1 20.30 -4.55 -19.59
N ILE B 2 19.23 -5.02 -18.95
CA ILE B 2 18.61 -4.35 -17.84
C ILE B 2 18.48 -5.32 -16.69
N ALA B 3 19.10 -5.02 -15.57
CA ALA B 3 19.07 -5.92 -14.42
C ALA B 3 18.30 -5.32 -13.26
N GLN B 4 17.43 -6.11 -12.66
CA GLN B 4 16.73 -5.69 -11.46
C GLN B 4 17.13 -6.64 -10.37
N ILE B 5 17.58 -6.09 -9.25
CA ILE B 5 18.04 -6.90 -8.17
C ILE B 5 17.22 -6.64 -6.91
N HIS B 6 16.57 -7.68 -6.40
CA HIS B 6 15.81 -7.56 -5.17
C HIS B 6 16.70 -7.96 -4.02
N ILE B 7 16.84 -7.07 -3.04
CA ILE B 7 17.67 -7.35 -1.86
C ILE B 7 16.96 -6.91 -0.58
N LEU B 8 17.31 -7.55 0.53
CA LEU B 8 16.76 -7.13 1.79
C LEU B 8 17.23 -5.75 2.11
N GLU B 9 16.33 -4.97 2.70
CA GLU B 9 16.69 -3.63 3.17
C GLU B 9 17.72 -3.73 4.29
N GLY B 10 18.47 -2.66 4.48
CA GLY B 10 19.42 -2.59 5.57
C GLY B 10 20.85 -2.18 5.23
N ARG B 11 21.18 -2.13 3.94
CA ARG B 11 22.55 -1.92 3.51
CA ARG B 11 22.55 -1.90 3.52
C ARG B 11 22.82 -0.43 3.36
N SER B 12 24.09 -0.06 3.35
CA SER B 12 24.49 1.35 3.19
C SER B 12 24.41 1.80 1.72
N ASP B 13 24.34 3.09 1.50
CA ASP B 13 24.42 3.64 0.18
C ASP B 13 25.70 3.25 -0.57
N GLU B 14 26.81 3.09 0.16
CA GLU B 14 28.11 2.78 -0.48
C GLU B 14 28.08 1.36 -1.01
N GLN B 15 27.63 0.43 -0.18
CA GLN B 15 27.49 -0.97 -0.61
C GLN B 15 26.66 -1.10 -1.88
N LYS B 16 25.59 -0.33 -1.94
CA LYS B 16 24.70 -0.38 -3.07
C LYS B 16 25.32 0.23 -4.32
N GLU B 17 26.05 1.31 -4.14
CA GLU B 17 26.78 1.91 -5.23
C GLU B 17 27.80 0.90 -5.80
N THR B 18 28.44 0.17 -4.91
CA THR B 18 29.37 -0.85 -5.31
C THR B 18 28.67 -1.98 -6.06
N LEU B 19 27.55 -2.45 -5.52
CA LEU B 19 26.74 -3.47 -6.18
C LEU B 19 26.42 -3.07 -7.60
N ILE B 20 25.99 -1.83 -7.78
CA ILE B 20 25.61 -1.36 -9.11
C ILE B 20 26.80 -1.41 -10.06
N ARG B 21 27.94 -0.93 -9.61
CA ARG B 21 29.12 -0.89 -10.44
C ARG B 21 29.63 -2.29 -10.81
N GLU B 22 29.81 -3.12 -9.80
CA GLU B 22 30.34 -4.45 -10.01
C GLU B 22 29.46 -5.35 -10.87
N VAL B 23 28.14 -5.27 -10.67
CA VAL B 23 27.22 -6.02 -11.48
C VAL B 23 27.21 -5.48 -12.89
N SER B 24 27.16 -4.17 -13.03
CA SER B 24 27.19 -3.57 -14.38
C SER B 24 28.43 -4.04 -15.17
N GLU B 25 29.57 -4.07 -14.50
CA GLU B 25 30.81 -4.51 -15.10
C GLU B 25 30.71 -5.98 -15.49
N ALA B 26 30.24 -6.81 -14.57
CA ALA B 26 30.13 -8.25 -14.84
C ALA B 26 29.26 -8.52 -16.06
N ILE B 27 28.21 -7.72 -16.23
CA ILE B 27 27.30 -7.89 -17.35
C ILE B 27 28.03 -7.52 -18.63
N SER B 28 28.67 -6.36 -18.62
CA SER B 28 29.43 -5.90 -19.79
C SER B 28 30.51 -6.92 -20.23
N ARG B 29 31.25 -7.42 -19.26
CA ARG B 29 32.27 -8.41 -19.51
C ARG B 29 31.64 -9.63 -20.14
N SER B 30 30.65 -10.19 -19.47
CA SER B 30 30.10 -11.49 -19.82
C SER B 30 29.48 -11.55 -21.19
N LEU B 31 28.89 -10.43 -21.62
CA LEU B 31 28.14 -10.41 -22.86
C LEU B 31 28.84 -9.60 -23.92
N ASP B 32 30.05 -9.17 -23.63
CA ASP B 32 30.78 -8.33 -24.57
C ASP B 32 29.88 -7.19 -25.04
N ALA B 33 29.16 -6.59 -24.11
CA ALA B 33 28.28 -5.47 -24.42
C ALA B 33 28.85 -4.19 -23.85
N PRO B 34 28.57 -3.06 -24.53
CA PRO B 34 29.15 -1.79 -24.04
C PRO B 34 28.62 -1.42 -22.65
N LEU B 35 29.53 -1.14 -21.72
CA LEU B 35 29.17 -0.79 -20.36
C LEU B 35 28.08 0.29 -20.29
N THR B 36 28.12 1.27 -21.19
CA THR B 36 27.20 2.42 -21.09
C THR B 36 25.75 2.11 -21.44
N SER B 37 25.49 0.95 -22.04
CA SER B 37 24.13 0.51 -22.31
C SER B 37 23.47 -0.22 -21.11
N VAL B 38 24.28 -0.64 -20.14
CA VAL B 38 23.80 -1.43 -19.00
C VAL B 38 23.04 -0.59 -17.98
N ARG B 39 21.83 -1.04 -17.67
CA ARG B 39 21.02 -0.44 -16.64
C ARG B 39 20.87 -1.39 -15.48
N VAL B 40 20.92 -0.85 -14.28
CA VAL B 40 20.64 -1.64 -13.08
C VAL B 40 19.65 -0.98 -12.16
N ILE B 41 18.71 -1.77 -11.69
CA ILE B 41 17.73 -1.30 -10.74
C ILE B 41 17.89 -2.10 -9.48
N ILE B 42 17.99 -1.41 -8.36
CA ILE B 42 17.94 -2.05 -7.07
C ILE B 42 16.59 -1.84 -6.41
N THR B 43 16.01 -2.93 -5.92
CA THR B 43 14.72 -2.88 -5.28
C THR B 43 14.90 -3.47 -3.91
N GLU B 44 14.73 -2.62 -2.90
CA GLU B 44 14.88 -3.07 -1.54
C GLU B 44 13.58 -3.70 -1.05
N MET B 45 13.67 -4.85 -0.39
CA MET B 45 12.51 -5.45 0.21
C MET B 45 12.51 -5.28 1.73
N ALA B 46 11.35 -4.94 2.30
CA ALA B 46 11.18 -4.94 3.77
C ALA B 46 11.23 -6.35 4.25
N LYS B 47 11.67 -6.56 5.49
CA LYS B 47 11.94 -7.93 5.99
C LYS B 47 10.63 -8.69 6.15
N GLY B 48 9.56 -7.94 6.43
CA GLY B 48 8.22 -8.50 6.51
C GLY B 48 7.54 -8.75 5.17
N HIS B 49 8.25 -8.52 4.06
CA HIS B 49 7.69 -8.69 2.73
C HIS B 49 8.32 -9.80 1.93
N PHE B 50 9.23 -10.54 2.55
CA PHE B 50 9.96 -11.58 1.86
C PHE B 50 9.80 -12.88 2.58
N GLY B 51 9.27 -13.87 1.88
CA GLY B 51 9.00 -15.19 2.45
C GLY B 51 9.86 -16.31 1.87
N ILE B 52 10.29 -17.20 2.75
CA ILE B 52 10.98 -18.42 2.35
C ILE B 52 10.29 -19.55 3.05
N GLY B 53 9.91 -20.55 2.29
CA GLY B 53 9.14 -21.65 2.86
C GLY B 53 7.89 -21.22 3.57
N GLY B 54 7.29 -20.12 3.13
CA GLY B 54 6.05 -19.63 3.73
C GLY B 54 6.20 -18.83 5.02
N GLU B 55 7.45 -18.56 5.42
CA GLU B 55 7.77 -17.86 6.65
C GLU B 55 8.64 -16.68 6.37
N LEU B 56 8.50 -15.63 7.16
CA LEU B 56 9.24 -14.40 6.90
C LEU B 56 10.73 -14.62 7.02
N ALA B 57 11.52 -13.82 6.33
CA ALA B 57 12.96 -13.85 6.52
C ALA B 57 13.34 -13.30 7.93
N SER B 58 12.31 -13.02 8.77
CA SER B 58 12.45 -12.58 10.17
C SER B 58 11.64 -13.48 11.15
N PRO C 1 -4.83 -6.69 -7.21
CA PRO C 1 -3.75 -7.61 -6.79
C PRO C 1 -3.30 -8.52 -7.93
N ILE C 2 -2.01 -8.44 -8.26
CA ILE C 2 -1.46 -8.99 -9.47
C ILE C 2 -0.26 -9.78 -9.08
N ALA C 3 -0.27 -11.07 -9.34
CA ALA C 3 0.81 -11.94 -8.96
C ALA C 3 1.52 -12.50 -10.19
N GLN C 4 2.86 -12.46 -10.19
CA GLN C 4 3.68 -13.06 -11.24
C GLN C 4 4.49 -14.15 -10.60
N ILE C 5 4.39 -15.35 -11.14
CA ILE C 5 5.09 -16.49 -10.58
C ILE C 5 6.09 -17.07 -11.58
N HIS C 6 7.38 -17.05 -11.23
CA HIS C 6 8.39 -17.65 -12.07
C HIS C 6 8.59 -19.06 -11.64
N ILE C 7 8.45 -19.99 -12.57
CA ILE C 7 8.66 -21.41 -12.29
C ILE C 7 9.50 -22.06 -13.36
N LEU C 8 10.18 -23.14 -12.99
CA LEU C 8 10.90 -23.92 -13.99
C LEU C 8 9.93 -24.52 -14.98
N GLU C 9 10.33 -24.53 -16.25
CA GLU C 9 9.55 -25.21 -17.28
C GLU C 9 9.48 -26.70 -16.95
N GLY C 10 8.43 -27.35 -17.43
CA GLY C 10 8.31 -28.79 -17.30
C GLY C 10 7.04 -29.32 -16.71
N ARG C 11 6.16 -28.46 -16.28
CA ARG C 11 4.91 -28.86 -15.66
C ARG C 11 3.77 -28.96 -16.69
N SER C 12 2.72 -29.67 -16.32
CA SER C 12 1.59 -29.89 -17.23
C SER C 12 0.65 -28.69 -17.22
N ASP C 13 -0.15 -28.56 -18.28
CA ASP C 13 -1.16 -27.53 -18.33
C ASP C 13 -2.13 -27.60 -17.15
N GLU C 14 -2.39 -28.80 -16.64
CA GLU C 14 -3.38 -28.98 -15.56
C GLU C 14 -2.81 -28.45 -14.29
N GLN C 15 -1.58 -28.82 -14.00
CA GLN C 15 -0.87 -28.31 -12.82
C GLN C 15 -0.86 -26.79 -12.77
N LYS C 16 -0.64 -26.18 -13.92
CA LYS C 16 -0.57 -24.74 -14.01
C LYS C 16 -1.94 -24.08 -13.84
N GLU C 17 -2.96 -24.69 -14.42
CA GLU C 17 -4.32 -24.24 -14.21
C GLU C 17 -4.67 -24.29 -12.72
N THR C 18 -4.23 -25.35 -12.05
CA THR C 18 -4.45 -25.50 -10.63
C THR C 18 -3.71 -24.40 -9.86
N LEU C 19 -2.44 -24.20 -10.20
CA LEU C 19 -1.63 -23.15 -9.58
C LEU C 19 -2.33 -21.82 -9.64
N ILE C 20 -2.84 -21.47 -10.81
CA ILE C 20 -3.52 -20.21 -10.98
C ILE C 20 -4.74 -20.11 -10.07
N ARG C 21 -5.54 -21.16 -10.01
CA ARG C 21 -6.75 -21.12 -9.21
C ARG C 21 -6.43 -21.03 -7.72
N GLU C 22 -5.58 -21.91 -7.25
CA GLU C 22 -5.28 -22.00 -5.83
C GLU C 22 -4.62 -20.75 -5.28
N VAL C 23 -3.70 -20.19 -6.05
CA VAL C 23 -3.04 -18.96 -5.68
C VAL C 23 -4.04 -17.80 -5.72
N SER C 24 -4.84 -17.72 -6.77
CA SER C 24 -5.85 -16.66 -6.84
C SER C 24 -6.77 -16.69 -5.61
N GLU C 25 -7.15 -17.89 -5.21
CA GLU C 25 -8.02 -18.09 -4.06
C GLU C 25 -7.31 -17.64 -2.79
N ALA C 26 -6.08 -18.11 -2.60
CA ALA C 26 -5.31 -17.75 -1.42
C ALA C 26 -5.16 -16.22 -1.29
N ILE C 27 -4.99 -15.55 -2.41
CA ILE C 27 -4.90 -14.09 -2.39
C ILE C 27 -6.24 -13.47 -1.94
N SER C 28 -7.33 -13.88 -2.56
CA SER C 28 -8.64 -13.37 -2.24
C SER C 28 -8.98 -13.59 -0.77
N ARG C 29 -8.69 -14.78 -0.27
CA ARG C 29 -8.93 -15.12 1.13
C ARG C 29 -8.12 -14.20 2.03
N SER C 30 -6.80 -14.18 1.81
CA SER C 30 -5.86 -13.48 2.67
C SER C 30 -6.09 -11.97 2.78
N LEU C 31 -6.55 -11.34 1.71
CA LEU C 31 -6.71 -9.87 1.68
C LEU C 31 -8.16 -9.45 1.68
N ASP C 32 -9.07 -10.40 1.85
CA ASP C 32 -10.49 -10.12 1.80
C ASP C 32 -10.79 -9.30 0.56
N ALA C 33 -10.21 -9.68 -0.56
CA ALA C 33 -10.43 -8.96 -1.82
C ALA C 33 -11.28 -9.81 -2.72
N PRO C 34 -12.11 -9.16 -3.55
CA PRO C 34 -12.90 -9.96 -4.49
C PRO C 34 -12.07 -10.81 -5.49
N LEU C 35 -12.39 -12.11 -5.56
CA LEU C 35 -11.68 -13.04 -6.43
C LEU C 35 -11.56 -12.57 -7.86
N THR C 36 -12.56 -11.89 -8.38
CA THR C 36 -12.56 -11.51 -9.78
C THR C 36 -11.58 -10.42 -10.13
N SER C 37 -11.06 -9.71 -9.14
CA SER C 37 -10.06 -8.65 -9.39
C SER C 37 -8.61 -9.21 -9.46
N VAL C 38 -8.43 -10.45 -8.97
CA VAL C 38 -7.11 -11.06 -8.92
C VAL C 38 -6.59 -11.52 -10.30
N ARG C 39 -5.39 -11.06 -10.63
CA ARG C 39 -4.70 -11.47 -11.82
C ARG C 39 -3.48 -12.30 -11.47
N VAL C 40 -3.24 -13.36 -12.23
CA VAL C 40 -2.03 -14.17 -12.08
C VAL C 40 -1.32 -14.38 -13.41
N ILE C 41 -0.01 -14.18 -13.38
CA ILE C 41 0.80 -14.42 -14.54
C ILE C 41 1.78 -15.50 -14.18
N ILE C 42 1.83 -16.53 -15.02
CA ILE C 42 2.87 -17.53 -14.91
C ILE C 42 3.95 -17.28 -15.94
N THR C 43 5.19 -17.28 -15.49
CA THR C 43 6.32 -17.12 -16.36
C THR C 43 7.19 -18.35 -16.21
N GLU C 44 7.31 -19.13 -17.28
CA GLU C 44 8.14 -20.33 -17.26
C GLU C 44 9.58 -19.99 -17.56
N MET C 45 10.49 -20.52 -16.77
CA MET C 45 11.91 -20.33 -17.06
C MET C 45 12.51 -21.59 -17.66
N ALA C 46 13.32 -21.42 -18.71
CA ALA C 46 14.16 -22.51 -19.23
C ALA C 46 15.19 -22.89 -18.18
N LYS C 47 15.60 -24.16 -18.15
CA LYS C 47 16.49 -24.66 -17.10
C LYS C 47 17.88 -24.03 -17.21
N GLY C 48 18.26 -23.68 -18.44
CA GLY C 48 19.50 -22.96 -18.71
C GLY C 48 19.44 -21.46 -18.44
N HIS C 49 18.32 -20.96 -17.94
CA HIS C 49 18.15 -19.53 -17.66
C HIS C 49 18.00 -19.20 -16.19
N PHE C 50 18.17 -20.19 -15.33
CA PHE C 50 17.99 -19.98 -13.92
C PHE C 50 19.22 -20.44 -13.18
N GLY C 51 19.80 -19.53 -12.42
CA GLY C 51 21.00 -19.81 -11.64
C GLY C 51 20.79 -19.82 -10.13
N ILE C 52 21.46 -20.75 -9.46
CA ILE C 52 21.57 -20.76 -8.01
C ILE C 52 23.03 -20.93 -7.64
N GLY C 53 23.52 -20.08 -6.75
CA GLY C 53 24.92 -20.08 -6.42
C GLY C 53 25.83 -19.99 -7.63
N GLY C 54 25.41 -19.29 -8.68
CA GLY C 54 26.24 -19.09 -9.86
C GLY C 54 26.30 -20.26 -10.82
N GLU C 55 25.48 -21.28 -10.56
CA GLU C 55 25.46 -22.49 -11.36
C GLU C 55 24.02 -22.78 -11.82
N LEU C 56 23.85 -23.35 -13.00
CA LEU C 56 22.53 -23.61 -13.55
C LEU C 56 21.73 -24.56 -12.67
N ALA C 57 20.40 -24.46 -12.71
CA ALA C 57 19.54 -25.41 -12.00
C ALA C 57 19.46 -26.72 -12.77
N SER C 58 19.83 -26.67 -14.05
CA SER C 58 19.90 -27.86 -14.91
C SER C 58 21.13 -28.78 -14.63
N LYS C 59 21.70 -28.72 -13.41
CA LYS C 59 22.90 -29.49 -13.02
C LYS C 59 22.83 -30.05 -11.60
N PRO D 1 10.40 -22.05 -7.59
CA PRO D 1 9.22 -21.19 -7.78
C PRO D 1 9.24 -19.91 -6.95
N ILE D 2 9.11 -18.79 -7.64
CA ILE D 2 9.26 -17.47 -7.05
C ILE D 2 8.06 -16.63 -7.42
N ALA D 3 7.32 -16.16 -6.42
CA ALA D 3 6.13 -15.33 -6.69
C ALA D 3 6.30 -13.91 -6.23
N GLN D 4 5.96 -12.96 -7.08
CA GLN D 4 5.93 -11.56 -6.71
C GLN D 4 4.48 -11.11 -6.76
N ILE D 5 4.00 -10.52 -5.68
CA ILE D 5 2.62 -10.06 -5.60
C ILE D 5 2.55 -8.55 -5.40
N HIS D 6 1.94 -7.84 -6.35
CA HIS D 6 1.74 -6.43 -6.17
C HIS D 6 0.37 -6.20 -5.53
N ILE D 7 0.35 -5.46 -4.45
CA ILE D 7 -0.90 -5.13 -3.76
C ILE D 7 -0.94 -3.69 -3.37
N LEU D 8 -2.16 -3.18 -3.18
CA LEU D 8 -2.29 -1.84 -2.66
C LEU D 8 -1.81 -1.74 -1.24
N GLU D 9 -1.14 -0.64 -0.93
CA GLU D 9 -0.69 -0.41 0.44
C GLU D 9 -1.90 -0.31 1.33
N GLY D 10 -1.70 -0.58 2.61
CA GLY D 10 -2.75 -0.32 3.60
C GLY D 10 -3.05 -1.48 4.54
N ARG D 11 -2.45 -2.64 4.29
CA ARG D 11 -2.76 -3.84 5.04
C ARG D 11 -1.79 -4.00 6.21
N SER D 12 -2.18 -4.83 7.18
CA SER D 12 -1.38 -5.02 8.38
C SER D 12 -0.28 -6.01 8.09
N ASP D 13 0.75 -5.99 8.93
CA ASP D 13 1.78 -7.01 8.90
C ASP D 13 1.25 -8.44 9.03
N GLU D 14 0.18 -8.63 9.80
CA GLU D 14 -0.36 -9.96 10.03
C GLU D 14 -0.98 -10.46 8.75
N GLN D 15 -1.80 -9.63 8.12
CA GLN D 15 -2.45 -10.00 6.87
C GLN D 15 -1.44 -10.42 5.83
N LYS D 16 -0.34 -9.70 5.79
CA LYS D 16 0.71 -9.96 4.83
C LYS D 16 1.49 -11.24 5.13
N GLU D 17 1.74 -11.48 6.41
CA GLU D 17 2.31 -12.74 6.84
C GLU D 17 1.40 -13.93 6.40
N THR D 18 0.10 -13.76 6.53
CA THR D 18 -0.85 -14.76 6.14
C THR D 18 -0.82 -14.97 4.64
N LEU D 19 -0.86 -13.87 3.89
CA LEU D 19 -0.76 -13.92 2.45
C LEU D 19 0.45 -14.78 2.03
N ILE D 20 1.59 -14.51 2.62
CA ILE D 20 2.80 -15.20 2.23
C ILE D 20 2.63 -16.69 2.47
N ARG D 21 2.12 -17.05 3.64
CA ARG D 21 2.01 -18.44 4.00
C ARG D 21 1.03 -19.14 3.06
N GLU D 22 -0.16 -18.57 2.90
CA GLU D 22 -1.23 -19.22 2.16
C GLU D 22 -0.89 -19.37 0.70
N VAL D 23 -0.26 -18.36 0.13
CA VAL D 23 0.19 -18.44 -1.24
C VAL D 23 1.33 -19.45 -1.40
N SER D 24 2.29 -19.41 -0.50
CA SER D 24 3.35 -20.38 -0.55
C SER D 24 2.79 -21.82 -0.54
N GLU D 25 1.80 -22.06 0.32
CA GLU D 25 1.21 -23.37 0.46
C GLU D 25 0.52 -23.74 -0.83
N ALA D 26 -0.28 -22.83 -1.35
CA ALA D 26 -1.00 -23.09 -2.60
C ALA D 26 -0.05 -23.46 -3.75
N ILE D 27 1.10 -22.82 -3.80
CA ILE D 27 2.08 -23.10 -4.82
C ILE D 27 2.64 -24.52 -4.63
N SER D 28 3.06 -24.83 -3.41
CA SER D 28 3.58 -26.14 -3.10
C SER D 28 2.59 -27.24 -3.43
N ARG D 29 1.35 -27.05 -3.04
CA ARG D 29 0.29 -28.00 -3.30
C ARG D 29 0.15 -28.19 -4.81
N SER D 30 -0.05 -27.08 -5.51
CA SER D 30 -0.41 -27.11 -6.94
C SER D 30 0.64 -27.73 -7.86
N LEU D 31 1.90 -27.57 -7.50
CA LEU D 31 3.00 -28.03 -8.34
C LEU D 31 3.72 -29.21 -7.74
N ASP D 32 3.20 -29.74 -6.64
CA ASP D 32 3.87 -30.83 -5.95
C ASP D 32 5.35 -30.50 -5.73
N ALA D 33 5.63 -29.27 -5.33
CA ALA D 33 6.98 -28.83 -5.10
C ALA D 33 7.20 -28.69 -3.61
N PRO D 34 8.44 -28.96 -3.14
CA PRO D 34 8.72 -28.78 -1.71
C PRO D 34 8.50 -27.33 -1.20
N LEU D 35 7.70 -27.20 -0.15
CA LEU D 35 7.37 -25.89 0.43
C LEU D 35 8.59 -25.02 0.68
N THR D 36 9.70 -25.62 1.09
CA THR D 36 10.89 -24.84 1.48
C THR D 36 11.62 -24.18 0.32
N SER D 37 11.33 -24.58 -0.92
CA SER D 37 11.93 -23.95 -2.10
C SER D 37 11.15 -22.69 -2.56
N VAL D 38 9.93 -22.54 -2.06
CA VAL D 38 9.05 -21.44 -2.47
C VAL D 38 9.44 -20.07 -1.87
N ARG D 39 9.61 -19.10 -2.76
CA ARG D 39 9.91 -17.74 -2.39
C ARG D 39 8.75 -16.83 -2.75
N VAL D 40 8.44 -15.89 -1.87
CA VAL D 40 7.40 -14.91 -2.15
C VAL D 40 7.88 -13.52 -1.85
N ILE D 41 7.63 -12.63 -2.78
CA ILE D 41 7.91 -11.22 -2.60
C ILE D 41 6.61 -10.45 -2.65
N ILE D 42 6.40 -9.62 -1.64
CA ILE D 42 5.31 -8.69 -1.66
C ILE D 42 5.83 -7.31 -2.03
N THR D 43 5.16 -6.68 -2.96
CA THR D 43 5.47 -5.34 -3.37
C THR D 43 4.23 -4.48 -3.16
N GLU D 44 4.31 -3.54 -2.23
CA GLU D 44 3.19 -2.63 -1.96
C GLU D 44 3.17 -1.47 -2.95
N MET D 45 2.02 -1.17 -3.50
CA MET D 45 1.88 0.01 -4.34
C MET D 45 1.17 1.13 -3.60
N ALA D 46 1.69 2.33 -3.77
CA ALA D 46 0.97 3.53 -3.33
C ALA D 46 -0.29 3.69 -4.16
N LYS D 47 -1.31 4.30 -3.58
CA LYS D 47 -2.62 4.40 -4.25
C LYS D 47 -2.54 5.34 -5.46
N GLY D 48 -1.65 6.32 -5.38
CA GLY D 48 -1.38 7.21 -6.50
C GLY D 48 -0.47 6.64 -7.60
N HIS D 49 -0.07 5.37 -7.46
CA HIS D 49 0.81 4.74 -8.41
C HIS D 49 0.17 3.59 -9.19
N PHE D 50 -1.13 3.37 -8.98
CA PHE D 50 -1.82 2.26 -9.63
C PHE D 50 -3.03 2.75 -10.40
N GLY D 51 -3.05 2.48 -11.70
CA GLY D 51 -4.07 2.94 -12.59
C GLY D 51 -4.94 1.82 -13.10
N ILE D 52 -6.24 2.09 -13.20
CA ILE D 52 -7.19 1.23 -13.89
C ILE D 52 -7.97 2.09 -14.84
N GLY D 53 -8.03 1.67 -16.09
CA GLY D 53 -8.67 2.48 -17.11
C GLY D 53 -8.14 3.90 -17.21
N GLY D 54 -6.87 4.10 -16.88
CA GLY D 54 -6.24 5.42 -16.97
C GLY D 54 -6.47 6.33 -15.77
N GLU D 55 -7.16 5.82 -14.75
CA GLU D 55 -7.55 6.60 -13.58
C GLU D 55 -7.05 5.94 -12.33
N LEU D 56 -6.70 6.75 -11.35
CA LEU D 56 -6.08 6.21 -10.14
C LEU D 56 -7.03 5.28 -9.41
N ALA D 57 -6.51 4.33 -8.65
CA ALA D 57 -7.34 3.48 -7.81
C ALA D 57 -7.74 4.23 -6.53
N SER D 58 -7.03 5.31 -6.24
CA SER D 58 -7.36 6.24 -5.15
C SER D 58 -8.54 7.20 -5.46
N LYS D 59 -9.29 6.95 -6.53
CA LYS D 59 -10.66 7.50 -6.69
C LYS D 59 -11.56 6.56 -7.57
N VAL D 60 -11.44 5.26 -7.28
CA VAL D 60 -12.35 4.22 -7.76
C VAL D 60 -12.67 3.22 -6.64
N PRO E 1 13.72 5.94 -17.73
CA PRO E 1 12.37 5.35 -17.69
C PRO E 1 12.21 4.09 -18.53
N ILE E 2 11.79 3.01 -17.87
CA ILE E 2 11.75 1.71 -18.44
C ILE E 2 10.37 1.11 -18.20
N ALA E 3 9.67 0.75 -19.27
CA ALA E 3 8.36 0.18 -19.14
C ALA E 3 8.31 -1.26 -19.63
N GLN E 4 7.66 -2.12 -18.86
CA GLN E 4 7.43 -3.50 -19.26
C GLN E 4 5.93 -3.73 -19.35
N ILE E 5 5.47 -4.24 -20.48
CA ILE E 5 4.06 -4.40 -20.73
C ILE E 5 3.73 -5.84 -20.99
N HIS E 6 2.91 -6.43 -20.12
CA HIS E 6 2.47 -7.81 -20.33
C HIS E 6 1.19 -7.79 -21.09
N ILE E 7 1.16 -8.47 -22.22
CA ILE E 7 -0.05 -8.57 -23.05
C ILE E 7 -0.30 -9.99 -23.50
N LEU E 8 -1.56 -10.30 -23.79
CA LEU E 8 -1.89 -11.60 -24.33
C LEU E 8 -1.30 -11.77 -25.70
N GLU E 9 -0.80 -12.96 -25.97
CA GLU E 9 -0.26 -13.27 -27.29
C GLU E 9 -1.40 -13.16 -28.30
N GLY E 10 -1.05 -12.90 -29.55
CA GLY E 10 -2.02 -12.92 -30.63
C GLY E 10 -2.06 -11.69 -31.51
N ARG E 11 -1.30 -10.67 -31.17
CA ARG E 11 -1.30 -9.42 -31.92
C ARG E 11 -0.22 -9.41 -33.00
N SER E 12 -0.38 -8.50 -33.96
CA SER E 12 0.51 -8.45 -35.10
C SER E 12 1.74 -7.67 -34.77
N ASP E 13 2.79 -7.89 -35.54
CA ASP E 13 4.02 -7.15 -35.35
C ASP E 13 3.78 -5.64 -35.45
N GLU E 14 2.83 -5.23 -36.29
CA GLU E 14 2.60 -3.79 -36.56
C GLU E 14 1.95 -3.15 -35.35
N GLN E 15 0.93 -3.81 -34.82
CA GLN E 15 0.30 -3.37 -33.59
C GLN E 15 1.29 -3.18 -32.46
N LYS E 16 2.23 -4.12 -32.32
CA LYS E 16 3.22 -4.06 -31.27
C LYS E 16 4.25 -2.96 -31.50
N GLU E 17 4.62 -2.75 -32.74
CA GLU E 17 5.49 -1.61 -33.11
C GLU E 17 4.82 -0.29 -32.76
N THR E 18 3.53 -0.22 -33.02
CA THR E 18 2.75 0.95 -32.66
C THR E 18 2.71 1.14 -31.15
N LEU E 19 2.41 0.05 -30.43
CA LEU E 19 2.37 0.09 -28.99
C LEU E 19 3.65 0.70 -28.44
N ILE E 20 4.78 0.20 -28.94
CA ILE E 20 6.06 0.66 -28.44
C ILE E 20 6.22 2.15 -28.67
N ARG E 21 5.89 2.60 -29.87
CA ARG E 21 6.06 4.00 -30.21
C ARG E 21 5.14 4.89 -29.35
N GLU E 22 3.85 4.56 -29.35
CA GLU E 22 2.85 5.41 -28.69
C GLU E 22 3.09 5.51 -27.18
N VAL E 23 3.46 4.40 -26.57
CA VAL E 23 3.76 4.39 -25.17
C VAL E 23 5.03 5.18 -24.91
N SER E 24 6.06 4.96 -25.72
CA SER E 24 7.33 5.67 -25.53
C SER E 24 7.10 7.18 -25.59
N GLU E 25 6.26 7.60 -26.53
CA GLU E 25 5.91 9.00 -26.70
C GLU E 25 5.17 9.52 -25.48
N ALA E 26 4.15 8.78 -25.04
CA ALA E 26 3.38 9.17 -23.88
C ALA E 26 4.24 9.35 -22.63
N ILE E 27 5.23 8.50 -22.48
CA ILE E 27 6.15 8.61 -21.36
C ILE E 27 6.98 9.88 -21.48
N SER E 28 7.59 10.07 -22.64
CA SER E 28 8.40 11.26 -22.88
C SER E 28 7.61 12.55 -22.64
N ARG E 29 6.40 12.61 -23.17
CA ARG E 29 5.53 13.78 -23.01
C ARG E 29 5.25 14.01 -21.55
N SER E 30 4.74 12.98 -20.87
CA SER E 30 4.27 13.10 -19.50
C SER E 30 5.34 13.54 -18.52
N LEU E 31 6.57 13.09 -18.72
CA LEU E 31 7.64 13.32 -17.75
C LEU E 31 8.63 14.34 -18.21
N ASP E 32 8.36 14.97 -19.35
CA ASP E 32 9.30 15.87 -19.97
C ASP E 32 10.71 15.24 -20.02
N ALA E 33 10.77 13.97 -20.41
CA ALA E 33 12.04 13.25 -20.50
C ALA E 33 12.38 13.01 -21.96
N PRO E 34 13.69 12.92 -22.29
CA PRO E 34 14.06 12.78 -23.68
C PRO E 34 13.63 11.42 -24.22
N LEU E 35 12.94 11.44 -25.37
CA LEU E 35 12.42 10.21 -25.98
C LEU E 35 13.46 9.12 -26.12
N THR E 36 14.69 9.47 -26.41
CA THR E 36 15.72 8.47 -26.67
C THR E 36 16.18 7.69 -25.46
N SER E 37 15.85 8.16 -24.26
CA SER E 37 16.20 7.43 -23.02
C SER E 37 15.17 6.33 -22.69
N VAL E 38 14.00 6.40 -23.34
CA VAL E 38 12.88 5.55 -22.97
C VAL E 38 13.05 4.15 -23.53
N ARG E 39 12.93 3.17 -22.65
CA ARG E 39 13.01 1.79 -23.02
C ARG E 39 11.65 1.11 -22.78
N VAL E 40 11.24 0.25 -23.70
CA VAL E 40 10.02 -0.47 -23.55
C VAL E 40 10.23 -1.93 -23.84
N ILE E 41 9.70 -2.76 -22.96
CA ILE E 41 9.76 -4.20 -23.13
C ILE E 41 8.36 -4.76 -23.22
N ILE E 42 8.09 -5.54 -24.27
CA ILE E 42 6.83 -6.21 -24.40
C ILE E 42 7.05 -7.65 -24.05
N THR E 43 6.18 -8.16 -23.21
CA THR E 43 6.24 -9.54 -22.77
C THR E 43 4.90 -10.18 -23.11
N GLU E 44 4.90 -11.13 -24.03
CA GLU E 44 3.69 -11.79 -24.48
C GLU E 44 3.37 -12.92 -23.55
N MET E 45 2.13 -13.02 -23.12
CA MET E 45 1.72 -14.15 -22.29
C MET E 45 0.91 -15.12 -23.11
N ALA E 46 1.19 -16.40 -22.91
CA ALA E 46 0.34 -17.47 -23.46
C ALA E 46 -1.01 -17.43 -22.76
N LYS E 47 -2.06 -17.84 -23.46
CA LYS E 47 -3.43 -17.69 -22.93
C LYS E 47 -3.63 -18.62 -21.72
N GLY E 48 -2.93 -19.75 -21.72
CA GLY E 48 -2.90 -20.69 -20.59
C GLY E 48 -2.03 -20.28 -19.42
N HIS E 49 -1.41 -19.09 -19.51
CA HIS E 49 -0.53 -18.60 -18.45
C HIS E 49 -1.05 -17.35 -17.73
N PHE E 50 -2.28 -16.92 -18.03
CA PHE E 50 -2.83 -15.71 -17.44
C PHE E 50 -4.16 -16.01 -16.82
N GLY E 51 -4.26 -15.75 -15.52
CA GLY E 51 -5.47 -16.01 -14.76
C GLY E 51 -6.21 -14.73 -14.37
N ILE E 52 -7.54 -14.78 -14.43
CA ILE E 52 -8.41 -13.79 -13.81
C ILE E 52 -9.43 -14.50 -12.95
N GLY E 53 -9.58 -14.07 -11.72
CA GLY E 53 -10.48 -14.74 -10.80
C GLY E 53 -10.20 -16.22 -10.67
N GLY E 54 -8.95 -16.63 -10.84
CA GLY E 54 -8.56 -18.04 -10.68
C GLY E 54 -8.81 -18.94 -11.89
N GLU E 55 -9.27 -18.34 -12.98
CA GLU E 55 -9.68 -19.08 -14.13
C GLU E 55 -8.94 -18.48 -15.37
N LEU E 56 -8.57 -19.34 -16.32
CA LEU E 56 -7.72 -18.91 -17.45
C LEU E 56 -8.43 -17.87 -18.28
N ALA E 57 -7.67 -17.01 -18.96
CA ALA E 57 -8.27 -16.02 -19.86
C ALA E 57 -8.65 -16.68 -21.18
N SER E 58 -8.10 -17.88 -21.41
CA SER E 58 -8.45 -18.75 -22.54
C SER E 58 -9.76 -19.56 -22.35
N LYS E 59 -10.52 -19.22 -21.32
CA LYS E 59 -11.91 -19.61 -21.18
C LYS E 59 -12.69 -18.31 -21.28
N VAL E 60 -12.19 -17.21 -20.70
CA VAL E 60 -12.95 -15.96 -20.48
C VAL E 60 -12.26 -14.70 -21.06
N PRO F 1 -3.90 -6.27 -20.46
CA PRO F 1 -2.62 -5.54 -20.63
C PRO F 1 -2.26 -4.81 -19.37
N ILE F 2 -1.07 -5.13 -18.86
CA ILE F 2 -0.59 -4.62 -17.58
C ILE F 2 0.80 -4.02 -17.78
N ALA F 3 0.93 -2.72 -17.50
CA ALA F 3 2.20 -2.04 -17.69
C ALA F 3 2.81 -1.65 -16.36
N GLN F 4 4.11 -1.90 -16.19
CA GLN F 4 4.84 -1.43 -15.03
C GLN F 4 5.90 -0.46 -15.54
N ILE F 5 5.94 0.72 -14.96
CA ILE F 5 6.89 1.74 -15.37
C ILE F 5 7.82 2.11 -14.23
N HIS F 6 9.13 1.92 -14.42
CA HIS F 6 10.08 2.35 -13.41
C HIS F 6 10.56 3.73 -13.77
N ILE F 7 10.45 4.65 -12.81
CA ILE F 7 10.90 6.03 -13.02
C ILE F 7 11.65 6.51 -11.81
N LEU F 8 12.50 7.50 -12.05
CA LEU F 8 13.18 8.13 -10.93
C LEU F 8 12.19 8.84 -10.05
N GLU F 9 12.43 8.76 -8.75
CA GLU F 9 11.66 9.53 -7.79
C GLU F 9 11.85 11.03 -8.03
N GLY F 10 10.86 11.81 -7.61
CA GLY F 10 10.99 13.26 -7.64
C GLY F 10 9.85 14.01 -8.29
N ARG F 11 8.93 13.29 -8.92
CA ARG F 11 7.87 13.91 -9.69
C ARG F 11 6.65 14.14 -8.83
N SER F 12 5.76 15.01 -9.28
CA SER F 12 4.55 15.34 -8.53
C SER F 12 3.49 14.30 -8.76
N ASP F 13 2.53 14.23 -7.85
CA ASP F 13 1.35 13.38 -8.05
C ASP F 13 0.58 13.68 -9.34
N GLU F 14 0.58 14.94 -9.79
CA GLU F 14 -0.17 15.32 -10.98
C GLU F 14 0.52 14.74 -12.22
N GLN F 15 1.84 14.90 -12.29
CA GLN F 15 2.61 14.35 -13.39
C GLN F 15 2.42 12.86 -13.54
N LYS F 16 2.38 12.18 -12.41
CA LYS F 16 2.19 10.75 -12.41
C LYS F 16 0.78 10.36 -12.84
N GLU F 17 -0.21 11.12 -12.40
CA GLU F 17 -1.58 10.89 -12.79
C GLU F 17 -1.69 11.02 -14.32
N THR F 18 -1.00 12.01 -14.86
CA THR F 18 -0.96 12.23 -16.31
C THR F 18 -0.27 11.07 -17.02
N LEU F 19 0.89 10.64 -16.50
CA LEU F 19 1.57 9.47 -17.01
C LEU F 19 0.66 8.27 -17.09
N ILE F 20 -0.06 7.98 -16.01
CA ILE F 20 -0.95 6.84 -15.99
C ILE F 20 -2.00 6.96 -17.11
N ARG F 21 -2.60 8.14 -17.26
CA ARG F 21 -3.68 8.31 -18.22
C ARG F 21 -3.17 8.17 -19.64
N GLU F 22 -2.13 8.92 -19.97
CA GLU F 22 -1.61 9.00 -21.31
C GLU F 22 -1.07 7.64 -21.78
N VAL F 23 -0.39 6.93 -20.90
CA VAL F 23 0.08 5.61 -21.22
C VAL F 23 -1.09 4.63 -21.39
N SER F 24 -2.05 4.67 -20.47
CA SER F 24 -3.19 3.80 -20.58
C SER F 24 -3.91 3.99 -21.94
N GLU F 25 -4.02 5.24 -22.35
CA GLU F 25 -4.66 5.59 -23.58
C GLU F 25 -3.86 5.04 -24.75
N ALA F 26 -2.56 5.28 -24.74
CA ALA F 26 -1.68 4.79 -25.82
C ALA F 26 -1.76 3.27 -25.99
N ILE F 27 -1.89 2.56 -24.87
CA ILE F 27 -2.03 1.13 -24.93
C ILE F 27 -3.35 0.76 -25.59
N SER F 28 -4.44 1.35 -25.09
CA SER F 28 -5.77 1.05 -25.63
C SER F 28 -5.85 1.33 -27.14
N ARG F 29 -5.30 2.47 -27.56
CA ARG F 29 -5.28 2.85 -28.96
C ARG F 29 -4.50 1.83 -29.75
N SER F 30 -3.26 1.58 -29.34
CA SER F 30 -2.33 0.74 -30.08
C SER F 30 -2.78 -0.71 -30.30
N LEU F 31 -3.49 -1.26 -29.31
CA LEU F 31 -3.88 -2.67 -29.36
C LEU F 31 -5.35 -2.85 -29.58
N ASP F 32 -6.05 -1.76 -29.85
CA ASP F 32 -7.48 -1.83 -30.00
C ASP F 32 -8.09 -2.64 -28.86
N ALA F 33 -7.62 -2.38 -27.65
CA ALA F 33 -8.15 -3.03 -26.46
C ALA F 33 -8.96 -2.04 -25.62
N PRO F 34 -9.98 -2.53 -24.91
CA PRO F 34 -10.83 -1.63 -24.13
C PRO F 34 -10.05 -0.94 -23.01
N LEU F 35 -10.13 0.39 -22.97
CA LEU F 35 -9.41 1.19 -21.97
C LEU F 35 -9.57 0.67 -20.55
N THR F 36 -10.75 0.18 -20.20
CA THR F 36 -11.03 -0.23 -18.81
C THR F 36 -10.31 -1.50 -18.36
N SER F 37 -9.77 -2.27 -19.29
CA SER F 37 -8.97 -3.45 -18.95
C SER F 37 -7.49 -3.14 -18.66
N VAL F 38 -7.04 -1.94 -19.04
CA VAL F 38 -5.66 -1.56 -18.90
C VAL F 38 -5.26 -1.20 -17.47
N ARG F 39 -4.21 -1.84 -16.99
CA ARG F 39 -3.65 -1.57 -15.68
C ARG F 39 -2.28 -0.95 -15.83
N VAL F 40 -1.98 0.03 -14.99
CA VAL F 40 -0.67 0.60 -14.94
C VAL F 40 -0.13 0.67 -13.53
N ILE F 41 1.13 0.25 -13.39
CA ILE F 41 1.81 0.33 -12.12
C ILE F 41 2.99 1.27 -12.32
N ILE F 42 3.11 2.24 -11.43
CA ILE F 42 4.31 3.08 -11.36
C ILE F 42 5.18 2.64 -10.18
N THR F 43 6.46 2.46 -10.46
CA THR F 43 7.43 2.07 -9.44
C THR F 43 8.49 3.13 -9.43
N GLU F 44 8.56 3.87 -8.33
CA GLU F 44 9.55 4.94 -8.20
C GLU F 44 10.88 4.36 -7.75
N MET F 45 11.96 4.77 -8.38
CA MET F 45 13.30 4.38 -7.93
C MET F 45 14.01 5.50 -7.23
N ALA F 46 14.67 5.17 -6.12
CA ALA F 46 15.59 6.13 -5.45
C ALA F 46 16.79 6.37 -6.36
N LYS F 47 17.38 7.55 -6.27
CA LYS F 47 18.45 7.95 -7.22
C LYS F 47 19.70 7.13 -6.99
N GLY F 48 19.90 6.71 -5.74
CA GLY F 48 20.99 5.79 -5.39
C GLY F 48 20.74 4.33 -5.71
N HIS F 49 19.61 4.00 -6.33
CA HIS F 49 19.26 2.64 -6.69
C HIS F 49 19.20 2.38 -8.17
N PHE F 50 19.57 3.36 -8.99
CA PHE F 50 19.52 3.19 -10.43
C PHE F 50 20.86 3.48 -11.08
N GLY F 51 21.39 2.50 -11.80
CA GLY F 51 22.70 2.63 -12.42
C GLY F 51 22.60 2.75 -13.92
N ILE F 52 23.48 3.57 -14.51
CA ILE F 52 23.74 3.55 -15.94
C ILE F 52 25.24 3.48 -16.15
N GLY F 53 25.67 2.55 -16.99
CA GLY F 53 27.10 2.32 -17.16
C GLY F 53 27.86 2.08 -15.86
N GLY F 54 27.20 1.49 -14.86
CA GLY F 54 27.84 1.17 -13.59
C GLY F 54 27.92 2.32 -12.59
N GLU F 55 27.36 3.47 -12.95
CA GLU F 55 27.46 4.67 -12.15
C GLU F 55 26.06 5.16 -11.83
N LEU F 56 25.88 5.73 -10.63
CA LEU F 56 24.57 6.16 -10.21
C LEU F 56 24.01 7.23 -11.12
N ALA F 57 22.69 7.31 -11.22
CA ALA F 57 22.06 8.38 -11.98
C ALA F 57 22.04 9.68 -11.14
N SER F 58 22.27 9.54 -9.84
CA SER F 58 22.45 10.68 -8.92
C SER F 58 23.87 11.35 -8.98
N LYS F 59 24.67 11.01 -10.00
CA LYS F 59 25.79 11.88 -10.46
C LYS F 59 25.58 12.10 -11.99
N VAL F 60 24.35 11.91 -12.48
CA VAL F 60 23.94 12.21 -13.88
C VAL F 60 22.49 12.76 -13.92
N PRO G 1 22.99 16.45 11.63
CA PRO G 1 22.33 15.65 12.69
C PRO G 1 21.88 16.51 13.85
N ILE G 2 20.59 16.44 14.14
CA ILE G 2 19.93 17.32 15.08
C ILE G 2 19.15 16.47 16.05
N ALA G 3 19.46 16.59 17.34
CA ALA G 3 18.78 15.80 18.35
C ALA G 3 17.96 16.67 19.27
N GLN G 4 16.72 16.26 19.55
CA GLN G 4 15.88 16.94 20.53
C GLN G 4 15.60 15.95 21.63
N ILE G 5 15.86 16.35 22.87
CA ILE G 5 15.69 15.45 24.00
C ILE G 5 14.69 16.01 24.99
N HIS G 6 13.61 15.27 25.22
CA HIS G 6 12.61 15.71 26.20
C HIS G 6 12.93 15.08 27.50
N ILE G 7 13.08 15.89 28.53
CA ILE G 7 13.36 15.38 29.87
C ILE G 7 12.50 16.06 30.91
N LEU G 8 12.28 15.38 32.02
CA LEU G 8 11.58 15.99 33.13
C LEU G 8 12.37 17.15 33.69
N GLU G 9 11.68 18.21 34.03
CA GLU G 9 12.31 19.35 34.68
C GLU G 9 12.90 18.90 36.03
N GLY G 10 13.90 19.62 36.49
CA GLY G 10 14.44 19.40 37.81
C GLY G 10 15.95 19.23 37.91
N ARG G 11 16.63 19.17 36.77
CA ARG G 11 18.06 18.89 36.75
C ARG G 11 18.86 20.18 36.75
N SER G 12 20.14 20.09 37.11
CA SER G 12 21.01 21.26 37.23
C SER G 12 21.54 21.65 35.86
N ASP G 13 21.97 22.90 35.74
CA ASP G 13 22.60 23.35 34.52
C ASP G 13 23.82 22.52 34.13
N GLU G 14 24.53 22.00 35.13
CA GLU G 14 25.77 21.25 34.86
C GLU G 14 25.41 19.91 34.24
N GLN G 15 24.44 19.22 34.83
CA GLN G 15 23.97 17.95 34.29
C GLN G 15 23.55 18.08 32.83
N LYS G 16 22.87 19.16 32.52
CA LYS G 16 22.39 19.39 31.18
C LYS G 16 23.51 19.71 30.23
N GLU G 17 24.48 20.47 30.68
CA GLU G 17 25.67 20.75 29.89
C GLU G 17 26.40 19.45 29.55
N THR G 18 26.46 18.55 30.52
CA THR G 18 27.06 17.24 30.34
C THR G 18 26.27 16.41 29.34
N LEU G 19 24.95 16.40 29.51
CA LEU G 19 24.05 15.72 28.57
C LEU G 19 24.33 16.14 27.15
N ILE G 20 24.39 17.44 26.92
CA ILE G 20 24.62 17.95 25.60
C ILE G 20 25.92 17.43 25.04
N ARG G 21 26.97 17.49 25.83
CA ARG G 21 28.29 17.13 25.36
C ARG G 21 28.36 15.64 25.04
N GLU G 22 27.96 14.82 26.01
CA GLU G 22 28.07 13.38 25.89
C GLU G 22 27.24 12.85 24.72
N VAL G 23 26.04 13.39 24.56
CA VAL G 23 25.19 12.98 23.46
C VAL G 23 25.79 13.44 22.15
N SER G 24 26.24 14.68 22.08
CA SER G 24 26.84 15.19 20.85
C SER G 24 28.01 14.30 20.42
N GLU G 25 28.82 13.89 21.40
CA GLU G 25 29.96 13.03 21.15
C GLU G 25 29.50 11.68 20.64
N ALA G 26 28.54 11.07 21.33
CA ALA G 26 28.02 9.77 20.92
C ALA G 26 27.50 9.79 19.48
N ILE G 27 26.87 10.88 19.08
CA ILE G 27 26.36 11.01 17.74
C ILE G 27 27.53 11.06 16.77
N SER G 28 28.49 11.93 17.04
CA SER G 28 29.67 12.09 16.16
C SER G 28 30.40 10.76 15.98
N ARG G 29 30.61 10.05 17.09
CA ARG G 29 31.28 8.74 17.07
C ARG G 29 30.50 7.77 16.21
N SER G 30 29.21 7.60 16.53
CA SER G 30 28.38 6.58 15.92
C SER G 30 28.20 6.73 14.41
N LEU G 31 28.18 7.96 13.92
CA LEU G 31 27.89 8.20 12.51
C LEU G 31 29.12 8.68 11.75
N ASP G 32 30.26 8.69 12.41
CA ASP G 32 31.48 9.21 11.82
C ASP G 32 31.21 10.59 11.20
N ALA G 33 30.49 11.43 11.93
CA ALA G 33 30.16 12.77 11.46
C ALA G 33 30.95 13.78 12.24
N PRO G 34 31.29 14.91 11.62
CA PRO G 34 32.04 15.94 12.37
C PRO G 34 31.27 16.50 13.56
N LEU G 35 31.90 16.47 14.74
CA LEU G 35 31.29 16.96 15.96
C LEU G 35 30.67 18.35 15.82
N THR G 36 31.30 19.24 15.06
CA THR G 36 30.82 20.63 14.98
C THR G 36 29.52 20.82 14.21
N SER G 37 29.09 19.81 13.46
CA SER G 37 27.80 19.87 12.76
C SER G 37 26.60 19.45 13.65
N VAL G 38 26.91 18.80 14.77
CA VAL G 38 25.88 18.25 15.65
C VAL G 38 25.18 19.34 16.46
N ARG G 39 23.86 19.34 16.38
CA ARG G 39 23.01 20.21 17.18
C ARG G 39 22.19 19.41 18.19
N VAL G 40 22.06 19.93 19.39
CA VAL G 40 21.23 19.32 20.41
C VAL G 40 20.30 20.33 21.05
N ILE G 41 19.03 19.96 21.15
CA ILE G 41 18.04 20.77 21.81
C ILE G 41 17.49 20.02 22.99
N ILE G 42 17.49 20.66 24.14
CA ILE G 42 16.89 20.09 25.34
C ILE G 42 15.59 20.76 25.60
N THR G 43 14.56 19.97 25.82
CA THR G 43 13.24 20.49 26.06
C THR G 43 12.79 19.91 27.39
N GLU G 44 12.63 20.80 28.37
CA GLU G 44 12.23 20.38 29.71
C GLU G 44 10.73 20.24 29.77
N MET G 45 10.24 19.16 30.35
CA MET G 45 8.80 19.03 30.57
C MET G 45 8.44 19.23 32.04
N ALA G 46 7.37 19.99 32.28
CA ALA G 46 6.77 20.08 33.61
C ALA G 46 6.19 18.72 33.98
N LYS G 47 6.17 18.42 35.28
CA LYS G 47 5.79 17.07 35.75
C LYS G 47 4.29 16.82 35.50
N GLY G 48 3.52 17.91 35.53
CA GLY G 48 2.11 17.85 35.17
C GLY G 48 1.80 17.82 33.68
N HIS G 49 2.83 17.76 32.84
CA HIS G 49 2.65 17.71 31.39
C HIS G 49 3.07 16.41 30.73
N PHE G 50 3.46 15.43 31.52
CA PHE G 50 3.96 14.18 30.99
C PHE G 50 3.16 13.03 31.56
N GLY G 51 2.57 12.24 30.68
CA GLY G 51 1.74 11.11 31.05
C GLY G 51 2.33 9.76 30.70
N ILE G 52 2.16 8.80 31.59
CA ILE G 52 2.47 7.41 31.34
C ILE G 52 1.27 6.57 31.75
N GLY G 53 0.82 5.69 30.88
CA GLY G 53 -0.39 4.95 31.12
C GLY G 53 -1.59 5.79 31.47
N GLY G 54 -1.66 7.01 30.95
CA GLY G 54 -2.81 7.91 31.20
C GLY G 54 -2.77 8.67 32.52
N GLU G 55 -1.65 8.54 33.26
CA GLU G 55 -1.50 9.16 34.55
C GLU G 55 -0.24 10.00 34.58
N LEU G 56 -0.25 11.08 35.36
CA LEU G 56 0.90 11.96 35.43
C LEU G 56 2.15 11.26 35.96
N ALA G 57 3.34 11.72 35.56
CA ALA G 57 4.59 11.21 36.12
C ALA G 57 4.83 11.82 37.50
N SER G 58 4.13 12.91 37.80
CA SER G 58 4.14 13.54 39.12
C SER G 58 3.25 12.82 40.16
N LYS G 59 2.76 11.62 39.82
CA LYS G 59 2.08 10.69 40.72
C LYS G 59 2.47 9.20 40.39
N VAL G 60 3.69 8.97 39.89
CA VAL G 60 4.28 7.63 39.69
C VAL G 60 5.77 7.66 40.05
N PRO H 1 13.14 10.15 29.87
CA PRO H 1 13.95 10.82 28.82
C PRO H 1 13.78 10.21 27.45
N ILE H 2 13.39 11.07 26.50
CA ILE H 2 13.03 10.65 25.14
C ILE H 2 13.77 11.47 24.11
N ALA H 3 14.58 10.82 23.29
CA ALA H 3 15.40 11.55 22.33
C ALA H 3 14.95 11.24 20.93
N GLN H 4 14.84 12.27 20.11
CA GLN H 4 14.59 12.09 18.70
C GLN H 4 15.79 12.64 17.96
N ILE H 5 16.33 11.86 17.03
CA ILE H 5 17.47 12.28 16.28
C ILE H 5 17.17 12.30 14.79
N HIS H 6 17.31 13.48 14.18
CA HIS H 6 17.14 13.56 12.76
C HIS H 6 18.50 13.40 12.09
N ILE H 7 18.60 12.45 11.16
CA ILE H 7 19.82 12.24 10.41
C ILE H 7 19.56 12.07 8.94
N LEU H 8 20.57 12.35 8.13
CA LEU H 8 20.46 12.10 6.70
C LEU H 8 20.35 10.62 6.44
N GLU H 9 19.49 10.28 5.48
CA GLU H 9 19.36 8.90 5.04
C GLU H 9 20.70 8.41 4.47
N GLY H 10 20.91 7.11 4.51
CA GLY H 10 22.06 6.51 3.83
C GLY H 10 22.90 5.56 4.66
N ARG H 11 22.60 5.46 5.95
CA ARG H 11 23.42 4.69 6.86
C ARG H 11 22.90 3.27 6.94
N SER H 12 23.74 2.37 7.43
CA SER H 12 23.37 0.96 7.60
C SER H 12 22.57 0.73 8.87
N ASP H 13 21.85 -0.38 8.93
CA ASP H 13 21.13 -0.77 10.13
C ASP H 13 22.05 -0.93 11.34
N GLU H 14 23.30 -1.34 11.11
CA GLU H 14 24.23 -1.57 12.22
C GLU H 14 24.64 -0.24 12.82
N GLN H 15 25.00 0.71 11.97
CA GLN H 15 25.36 2.05 12.44
C GLN H 15 24.27 2.67 13.29
N LYS H 16 23.03 2.48 12.87
CA LYS H 16 21.90 3.05 13.55
C LYS H 16 21.65 2.35 14.88
N GLU H 17 21.84 1.03 14.89
CA GLU H 17 21.75 0.28 16.12
C GLU H 17 22.78 0.81 17.13
N THR H 18 23.97 1.11 16.62
CA THR H 18 25.04 1.62 17.45
C THR H 18 24.70 3.01 17.97
N LEU H 19 24.22 3.86 17.08
CA LEU H 19 23.75 5.17 17.46
C LEU H 19 22.75 5.10 18.62
N ILE H 20 21.76 4.24 18.50
CA ILE H 20 20.77 4.10 19.54
C ILE H 20 21.40 3.73 20.87
N ARG H 21 22.29 2.76 20.85
CA ARG H 21 22.89 2.25 22.09
C ARG H 21 23.76 3.33 22.72
N GLU H 22 24.67 3.89 21.94
CA GLU H 22 25.64 4.86 22.46
C GLU H 22 24.99 6.14 22.99
N VAL H 23 23.97 6.61 22.30
CA VAL H 23 23.21 7.75 22.77
C VAL H 23 22.40 7.41 24.02
N SER H 24 21.74 6.26 24.00
CA SER H 24 20.99 5.85 25.18
C SER H 24 21.90 5.80 26.43
N GLU H 25 23.11 5.25 26.24
CA GLU H 25 24.09 5.16 27.32
C GLU H 25 24.49 6.55 27.79
N ALA H 26 24.84 7.43 26.85
CA ALA H 26 25.27 8.78 27.19
C ALA H 26 24.20 9.54 28.00
N ILE H 27 22.95 9.31 27.67
CA ILE H 27 21.85 9.93 28.40
C ILE H 27 21.80 9.39 29.81
N SER H 28 21.81 8.06 29.94
CA SER H 28 21.76 7.40 31.25
C SER H 28 22.90 7.86 32.15
N ARG H 29 24.10 7.92 31.59
CA ARG H 29 25.28 8.37 32.32
C ARG H 29 25.10 9.80 32.77
N SER H 30 24.79 10.67 31.82
CA SER H 30 24.75 12.11 32.07
C SER H 30 23.72 12.56 33.09
N LEU H 31 22.59 11.87 33.16
CA LEU H 31 21.50 12.27 34.03
C LEU H 31 21.31 11.34 35.19
N ASP H 32 22.21 10.38 35.34
CA ASP H 32 22.08 9.37 36.38
C ASP H 32 20.69 8.76 36.36
N ALA H 33 20.19 8.46 35.17
CA ALA H 33 18.85 7.90 35.01
C ALA H 33 18.97 6.46 34.57
N PRO H 34 18.01 5.63 34.96
CA PRO H 34 18.09 4.21 34.62
C PRO H 34 18.03 4.02 33.10
N LEU H 35 19.00 3.27 32.57
CA LEU H 35 19.08 3.01 31.14
C LEU H 35 17.76 2.51 30.54
N THR H 36 17.02 1.70 31.28
CA THR H 36 15.81 1.08 30.71
C THR H 36 14.64 2.04 30.50
N SER H 37 14.71 3.24 31.08
CA SER H 37 13.67 4.26 30.87
C SER H 37 13.90 5.08 29.58
N VAL H 38 15.12 5.01 29.04
CA VAL H 38 15.52 5.84 27.90
C VAL H 38 14.93 5.35 26.59
N ARG H 39 14.27 6.26 25.89
CA ARG H 39 13.74 5.99 24.57
C ARG H 39 14.48 6.80 23.54
N VAL H 40 14.75 6.19 22.39
CA VAL H 40 15.34 6.90 21.28
C VAL H 40 14.58 6.66 19.98
N ILE H 41 14.32 7.74 19.27
CA ILE H 41 13.71 7.67 17.98
C ILE H 41 14.67 8.22 16.96
N ILE H 42 14.89 7.45 15.90
CA ILE H 42 15.63 7.92 14.77
C ILE H 42 14.68 8.29 13.67
N THR H 43 14.90 9.46 13.09
CA THR H 43 14.09 9.94 11.97
C THR H 43 15.03 10.26 10.81
N GLU H 44 14.91 9.49 9.73
CA GLU H 44 15.77 9.68 8.59
C GLU H 44 15.21 10.77 7.74
N MET H 45 16.08 11.66 7.28
CA MET H 45 15.67 12.63 6.27
C MET H 45 16.20 12.30 4.90
N ALA H 46 15.35 12.45 3.89
CA ALA H 46 15.78 12.45 2.48
C ALA H 46 16.66 13.65 2.21
N LYS H 47 17.60 13.50 1.28
CA LYS H 47 18.62 14.55 1.07
C LYS H 47 17.98 15.82 0.47
N GLY H 48 16.91 15.61 -0.28
CA GLY H 48 16.12 16.69 -0.83
C GLY H 48 15.16 17.35 0.14
N HIS H 49 15.18 16.93 1.40
CA HIS H 49 14.28 17.47 2.43
C HIS H 49 14.98 18.23 3.53
N PHE H 50 16.29 18.40 3.43
CA PHE H 50 17.06 19.06 4.46
C PHE H 50 17.83 20.23 3.87
N GLY H 51 17.57 21.42 4.39
CA GLY H 51 18.19 22.65 3.91
C GLY H 51 19.18 23.26 4.91
N ILE H 52 20.27 23.79 4.38
CA ILE H 52 21.19 24.60 5.13
C ILE H 52 21.43 25.86 4.35
N GLY H 53 21.27 27.00 5.01
CA GLY H 53 21.38 28.25 4.32
C GLY H 53 20.48 28.36 3.11
N GLY H 54 19.34 27.68 3.14
CA GLY H 54 18.36 27.77 2.05
C GLY H 54 18.62 26.84 0.87
N GLU H 55 19.66 26.02 0.98
CA GLU H 55 20.12 25.17 -0.12
C GLU H 55 20.17 23.74 0.36
N LEU H 56 19.89 22.80 -0.54
CA LEU H 56 19.79 21.42 -0.14
C LEU H 56 21.12 20.90 0.36
N ALA H 57 21.11 19.91 1.23
CA ALA H 57 22.33 19.24 1.67
C ALA H 57 22.83 18.28 0.59
N SER H 58 21.94 17.93 -0.34
CA SER H 58 22.29 17.12 -1.53
C SER H 58 23.01 17.92 -2.65
N LYS H 59 23.41 19.16 -2.36
CA LYS H 59 24.25 20.00 -3.23
C LYS H 59 25.29 20.80 -2.41
N VAL H 60 25.69 20.30 -1.24
CA VAL H 60 26.78 20.91 -0.44
C VAL H 60 27.65 19.89 0.30
N PRO I 1 -0.48 22.17 5.91
CA PRO I 1 0.95 22.47 6.18
C PRO I 1 1.19 23.17 7.52
N ILE I 2 2.03 22.55 8.35
CA ILE I 2 2.24 22.97 9.73
C ILE I 2 3.73 23.11 9.97
N ALA I 3 4.19 24.29 10.33
CA ALA I 3 5.58 24.52 10.54
C ALA I 3 5.87 24.83 12.00
N GLN I 4 6.91 24.21 12.55
CA GLN I 4 7.38 24.51 13.88
C GLN I 4 8.79 25.06 13.74
N ILE I 5 9.05 26.22 14.32
CA ILE I 5 10.35 26.85 14.21
C ILE I 5 11.00 27.04 15.59
N HIS I 6 12.14 26.42 15.80
CA HIS I 6 12.85 26.57 17.05
C HIS I 6 13.83 27.69 16.87
N ILE I 7 13.75 28.68 17.76
CA ILE I 7 14.67 29.82 17.73
C ILE I 7 15.17 30.13 19.11
N LEU I 8 16.34 30.75 19.16
CA LEU I 8 16.87 31.23 20.44
C LEU I 8 15.98 32.31 20.98
N GLU I 9 15.78 32.27 22.28
CA GLU I 9 15.04 33.33 22.95
C GLU I 9 15.78 34.66 22.77
N GLY I 10 15.03 35.76 22.85
CA GLY I 10 15.65 37.07 22.85
C GLY I 10 15.10 38.05 21.85
N ARG I 11 14.19 37.62 21.00
CA ARG I 11 13.64 38.47 19.95
C ARG I 11 12.36 39.17 20.40
N SER I 12 11.99 40.21 19.68
CA SER I 12 10.84 40.99 20.05
C SER I 12 9.58 40.36 19.53
N ASP I 13 8.45 40.74 20.12
CA ASP I 13 7.17 40.28 19.63
C ASP I 13 6.95 40.65 18.15
N GLU I 14 7.48 41.78 17.72
CA GLU I 14 7.23 42.26 16.35
C GLU I 14 7.99 41.38 15.38
N GLN I 15 9.25 41.13 15.69
CA GLN I 15 10.06 40.24 14.88
C GLN I 15 9.41 38.88 14.69
N LYS I 16 8.82 38.36 15.76
CA LYS I 16 8.18 37.07 15.72
C LYS I 16 6.89 37.09 14.94
N GLU I 17 6.13 38.16 15.07
CA GLU I 17 4.95 38.34 14.25
C GLU I 17 5.32 38.35 12.76
N THR I 18 6.42 39.01 12.46
CA THR I 18 6.91 39.10 11.09
C THR I 18 7.31 37.70 10.61
N LEU I 19 8.05 36.98 11.46
CA LEU I 19 8.49 35.64 11.14
C LEU I 19 7.31 34.77 10.76
N ILE I 20 6.26 34.84 11.55
CA ILE I 20 5.08 34.04 11.29
C ILE I 20 4.49 34.38 9.95
N ARG I 21 4.35 35.66 9.66
CA ARG I 21 3.72 36.08 8.42
C ARG I 21 4.57 35.68 7.20
N GLU I 22 5.84 36.04 7.22
CA GLU I 22 6.72 35.81 6.08
C GLU I 22 6.87 34.33 5.76
N VAL I 23 6.98 33.52 6.80
CA VAL I 23 7.11 32.09 6.62
C VAL I 23 5.80 31.52 6.10
N SER I 24 4.69 31.93 6.70
CA SER I 24 3.40 31.46 6.24
C SER I 24 3.21 31.75 4.73
N GLU I 25 3.61 32.95 4.33
CA GLU I 25 3.52 33.37 2.93
C GLU I 25 4.41 32.49 2.05
N ALA I 26 5.67 32.33 2.44
CA ALA I 26 6.60 31.52 1.69
C ALA I 26 6.09 30.09 1.48
N ILE I 27 5.44 29.54 2.50
CA ILE I 27 4.87 28.22 2.39
C ILE I 27 3.75 28.21 1.36
N SER I 28 2.82 29.15 1.49
CA SER I 28 1.68 29.25 0.58
C SER I 28 2.13 29.40 -0.87
N ARG I 29 3.10 30.29 -1.08
CA ARG I 29 3.66 30.53 -2.42
C ARG I 29 4.28 29.26 -2.97
N SER I 30 5.20 28.68 -2.20
CA SER I 30 5.98 27.54 -2.65
C SER I 30 5.14 26.30 -3.02
N LEU I 31 4.04 26.07 -2.30
CA LEU I 31 3.27 24.84 -2.46
C LEU I 31 1.95 25.09 -3.14
N ASP I 32 1.74 26.32 -3.59
CA ASP I 32 0.47 26.71 -4.16
C ASP I 32 -0.68 26.26 -3.24
N ALA I 33 -0.52 26.47 -1.94
CA ALA I 33 -1.55 26.08 -0.96
C ALA I 33 -2.20 27.32 -0.41
N PRO I 34 -3.48 27.23 -0.04
CA PRO I 34 -4.18 28.40 0.47
C PRO I 34 -3.56 28.90 1.78
N LEU I 35 -3.21 30.20 1.81
CA LEU I 35 -2.61 30.80 2.99
C LEU I 35 -3.33 30.47 4.29
N THR I 36 -4.66 30.40 4.27
CA THR I 36 -5.41 30.25 5.51
C THR I 36 -5.29 28.87 6.15
N SER I 37 -4.77 27.90 5.41
CA SER I 37 -4.57 26.54 5.95
C SER I 37 -3.23 26.41 6.70
N VAL I 38 -2.33 27.36 6.47
CA VAL I 38 -1.00 27.31 7.04
C VAL I 38 -0.94 27.65 8.52
N ARG I 39 -0.34 26.76 9.28
CA ARG I 39 -0.14 26.93 10.72
C ARG I 39 1.32 27.06 11.03
N VAL I 40 1.67 27.97 11.93
CA VAL I 40 3.05 28.13 12.35
C VAL I 40 3.16 28.16 13.86
N ILE I 41 4.12 27.40 14.38
CA ILE I 41 4.39 27.36 15.80
C ILE I 41 5.79 27.83 16.01
N ILE I 42 5.95 28.80 16.90
CA ILE I 42 7.26 29.23 17.31
C ILE I 42 7.58 28.65 18.66
N THR I 43 8.76 28.07 18.78
CA THR I 43 9.21 27.52 20.02
C THR I 43 10.53 28.18 20.38
N GLU I 44 10.53 28.92 21.48
CA GLU I 44 11.75 29.63 21.92
C GLU I 44 12.61 28.71 22.75
N MET I 45 13.91 28.69 22.47
CA MET I 45 14.83 27.92 23.29
C MET I 45 15.64 28.84 24.18
N ALA I 46 15.81 28.42 25.44
CA ALA I 46 16.76 29.06 26.35
C ALA I 46 18.17 28.82 25.85
N LYS I 47 19.07 29.76 26.12
CA LYS I 47 20.42 29.71 25.55
C LYS I 47 21.21 28.55 26.15
N GLY I 48 20.87 28.21 27.40
CA GLY I 48 21.45 27.04 28.07
C GLY I 48 20.86 25.69 27.65
N HIS I 49 19.92 25.70 26.70
CA HIS I 49 19.27 24.48 26.26
C HIS I 49 19.61 24.07 24.83
N PHE I 50 20.49 24.81 24.18
CA PHE I 50 20.82 24.57 22.81
C PHE I 50 22.31 24.35 22.65
N GLY I 51 22.68 23.21 22.10
CA GLY I 51 24.08 22.84 21.92
C GLY I 51 24.52 22.78 20.46
N ILE I 52 25.72 23.26 20.20
CA ILE I 52 26.39 23.09 18.91
C ILE I 52 27.78 22.55 19.16
N GLY I 53 28.13 21.47 18.48
CA GLY I 53 29.40 20.80 18.75
C GLY I 53 29.60 20.41 20.20
N GLY I 54 28.53 20.12 20.92
CA GLY I 54 28.63 19.71 22.33
C GLY I 54 28.80 20.83 23.33
N GLU I 55 28.72 22.08 22.86
CA GLU I 55 28.94 23.26 23.68
C GLU I 55 27.75 24.22 23.56
N LEU I 56 27.42 24.92 24.64
CA LEU I 56 26.23 25.77 24.64
C LEU I 56 26.35 26.88 23.61
N ALA I 57 25.22 27.38 23.10
CA ALA I 57 25.24 28.53 22.20
C ALA I 57 25.43 29.82 22.99
N SER I 58 25.20 29.74 24.30
CA SER I 58 25.45 30.82 25.24
C SER I 58 26.95 30.96 25.66
N LYS I 59 27.86 30.25 24.99
CA LYS I 59 29.32 30.55 25.05
C LYS I 59 30.00 30.26 23.67
N VAL I 60 29.24 30.36 22.56
CA VAL I 60 29.77 30.28 21.17
C VAL I 60 28.98 31.26 20.27
N PRO J 1 18.36 29.00 14.33
CA PRO J 1 16.96 28.80 13.93
C PRO J 1 16.72 27.58 13.05
N ILE J 2 15.83 26.70 13.51
CA ILE J 2 15.60 25.41 12.90
C ILE J 2 14.12 25.24 12.66
N ALA J 3 13.72 25.06 11.42
CA ALA J 3 12.30 24.92 11.07
C ALA J 3 11.99 23.53 10.60
N GLN J 4 10.93 22.93 11.14
CA GLN J 4 10.41 21.68 10.63
C GLN J 4 9.04 21.95 10.02
N ILE J 5 8.84 21.52 8.78
CA ILE J 5 7.59 21.75 8.09
C ILE J 5 6.95 20.41 7.74
N HIS J 6 5.75 20.17 8.25
CA HIS J 6 4.98 18.97 7.86
C HIS J 6 4.05 19.32 6.71
N ILE J 7 4.16 18.56 5.63
CA ILE J 7 3.33 18.79 4.46
C ILE J 7 2.82 17.50 3.91
N LEU J 8 1.70 17.57 3.21
CA LEU J 8 1.15 16.39 2.56
C LEU J 8 2.08 15.93 1.47
N GLU J 9 2.24 14.61 1.37
CA GLU J 9 3.04 14.04 0.29
C GLU J 9 2.39 14.40 -1.04
N GLY J 10 3.19 14.42 -2.09
CA GLY J 10 2.68 14.58 -3.45
C GLY J 10 3.35 15.65 -4.29
N ARG J 11 4.23 16.43 -3.70
CA ARG J 11 4.88 17.52 -4.39
C ARG J 11 6.20 17.10 -5.04
N SER J 12 6.67 17.91 -5.97
CA SER J 12 7.86 17.60 -6.73
C SER J 12 9.08 18.02 -5.94
N ASP J 13 10.22 17.44 -6.28
CA ASP J 13 11.46 17.87 -5.68
C ASP J 13 11.72 19.37 -5.86
N GLU J 14 11.31 19.94 -6.98
CA GLU J 14 11.60 21.32 -7.29
C GLU J 14 10.82 22.20 -6.34
N GLN J 15 9.54 21.90 -6.21
CA GLN J 15 8.69 22.64 -5.30
C GLN J 15 9.22 22.66 -3.88
N LYS J 16 9.74 21.52 -3.43
CA LYS J 16 10.32 21.40 -2.12
C LYS J 16 11.61 22.14 -1.98
N GLU J 17 12.44 22.11 -3.00
CA GLU J 17 13.66 22.91 -3.03
C GLU J 17 13.33 24.40 -2.88
N THR J 18 12.27 24.81 -3.57
CA THR J 18 11.82 26.18 -3.51
C THR J 18 11.33 26.53 -2.10
N LEU J 19 10.51 25.66 -1.54
CA LEU J 19 10.03 25.80 -0.19
C LEU J 19 11.18 26.04 0.77
N ILE J 20 12.20 25.21 0.67
CA ILE J 20 13.31 25.33 1.58
C ILE J 20 13.95 26.70 1.45
N ARG J 21 14.18 27.14 0.22
CA ARG J 21 14.89 28.38 0.00
C ARG J 21 14.05 29.54 0.52
N GLU J 22 12.80 29.61 0.10
CA GLU J 22 11.96 30.74 0.39
C GLU J 22 11.70 30.89 1.88
N VAL J 23 11.48 29.77 2.54
CA VAL J 23 11.31 29.79 3.95
C VAL J 23 12.61 30.19 4.66
N SER J 24 13.73 29.61 4.24
CA SER J 24 15.01 29.96 4.84
C SER J 24 15.27 31.49 4.75
N GLU J 25 14.95 32.06 3.60
CA GLU J 25 15.08 33.47 3.37
C GLU J 25 14.16 34.27 4.30
N ALA J 26 12.89 33.88 4.35
CA ALA J 26 11.91 34.57 5.19
C ALA J 26 12.32 34.58 6.67
N ILE J 27 12.93 33.49 7.13
CA ILE J 27 13.42 33.43 8.49
C ILE J 27 14.56 34.43 8.67
N SER J 28 15.53 34.39 7.76
CA SER J 28 16.71 35.26 7.84
C SER J 28 16.32 36.73 7.85
N ARG J 29 15.40 37.07 6.97
CA ARG J 29 14.89 38.41 6.87
C ARG J 29 14.24 38.80 8.21
N SER J 30 13.28 37.99 8.64
CA SER J 30 12.43 38.32 9.76
C SER J 30 13.17 38.51 11.08
N LEU J 31 14.23 37.75 11.27
CA LEU J 31 14.94 37.75 12.53
C LEU J 31 16.29 38.41 12.44
N ASP J 32 16.58 38.99 11.28
CA ASP J 32 17.89 39.58 11.07
C ASP J 32 18.98 38.59 11.46
N ALA J 33 18.81 37.33 11.08
CA ALA J 33 19.78 36.30 11.39
C ALA J 33 20.50 35.89 10.11
N PRO J 34 21.77 35.48 10.24
CA PRO J 34 22.52 35.07 9.03
C PRO J 34 21.93 33.84 8.33
N LEU J 35 21.68 33.97 7.04
CA LEU J 35 21.06 32.92 6.26
C LEU J 35 21.73 31.58 6.44
N THR J 36 23.04 31.57 6.59
CA THR J 36 23.78 30.29 6.64
C THR J 36 23.59 29.49 7.93
N SER J 37 23.02 30.11 8.96
CA SER J 37 22.70 29.41 10.21
C SER J 37 21.32 28.69 10.17
N VAL J 38 20.49 29.05 9.20
CA VAL J 38 19.13 28.53 9.10
C VAL J 38 19.06 27.09 8.58
N ARG J 39 18.40 26.24 9.35
CA ARG J 39 18.15 24.86 8.98
C ARG J 39 16.67 24.64 8.73
N VAL J 40 16.37 23.88 7.71
CA VAL J 40 14.99 23.50 7.42
C VAL J 40 14.85 22.00 7.20
N ILE J 41 13.84 21.42 7.83
CA ILE J 41 13.52 20.02 7.67
C ILE J 41 12.12 19.93 7.11
N ILE J 42 11.98 19.19 6.03
CA ILE J 42 10.70 18.88 5.49
C ILE J 42 10.33 17.47 5.89
N THR J 43 9.11 17.30 6.38
CA THR J 43 8.59 16.03 6.75
C THR J 43 7.30 15.82 5.96
N GLU J 44 7.31 14.82 5.08
CA GLU J 44 6.14 14.51 4.29
C GLU J 44 5.20 13.60 5.05
N MET J 45 3.91 13.92 5.02
CA MET J 45 2.90 13.05 5.64
C MET J 45 2.10 12.31 4.58
N ALA J 46 1.91 11.01 4.80
CA ALA J 46 0.98 10.23 3.97
C ALA J 46 -0.44 10.76 4.20
N LYS J 47 -1.29 10.64 3.21
CA LYS J 47 -2.62 11.22 3.27
C LYS J 47 -3.49 10.52 4.31
N GLY J 48 -3.23 9.24 4.52
CA GLY J 48 -3.89 8.44 5.55
C GLY J 48 -3.36 8.65 6.97
N HIS J 49 -2.39 9.55 7.12
CA HIS J 49 -1.78 9.83 8.41
C HIS J 49 -2.07 11.23 8.98
N PHE J 50 -2.89 11.98 8.29
CA PHE J 50 -3.19 13.33 8.69
C PHE J 50 -4.70 13.52 8.84
N GLY J 51 -5.12 13.93 10.04
CA GLY J 51 -6.51 14.13 10.33
C GLY J 51 -6.88 15.59 10.53
N ILE J 52 -8.06 15.96 10.02
CA ILE J 52 -8.70 17.23 10.36
C ILE J 52 -10.13 16.95 10.80
N GLY J 53 -10.51 17.48 11.94
CA GLY J 53 -11.81 17.16 12.50
C GLY J 53 -12.08 15.68 12.65
N GLY J 54 -11.04 14.88 12.85
CA GLY J 54 -11.20 13.44 13.07
C GLY J 54 -11.31 12.61 11.81
N GLU J 55 -11.22 13.28 10.67
CA GLU J 55 -11.49 12.74 9.36
C GLU J 55 -10.17 12.86 8.55
N LEU J 56 -9.81 11.83 7.76
CA LEU J 56 -8.58 11.88 7.00
C LEU J 56 -8.61 13.03 6.00
N ALA J 57 -7.44 13.55 5.62
CA ALA J 57 -7.36 14.57 4.58
C ALA J 57 -7.48 13.94 3.20
N SER J 58 -7.31 12.63 3.13
CA SER J 58 -7.60 11.85 1.90
C SER J 58 -9.02 11.80 1.26
N LYS J 59 -9.94 12.09 2.15
CA LYS J 59 -11.36 12.00 1.92
C LYS J 59 -11.91 13.41 1.67
N VAL J 60 -11.24 14.47 2.15
CA VAL J 60 -11.49 15.86 1.64
C VAL J 60 -12.85 16.28 2.17
N PRO K 1 4.09 3.68 21.70
CA PRO K 1 3.31 4.86 21.19
C PRO K 1 3.44 6.10 22.06
N ILE K 2 3.87 7.20 21.43
CA ILE K 2 4.25 8.44 22.12
C ILE K 2 3.56 9.58 21.45
N ALA K 3 2.70 10.28 22.18
CA ALA K 3 1.93 11.38 21.59
C ALA K 3 2.35 12.73 22.17
N GLN K 4 2.57 13.71 21.31
CA GLN K 4 2.84 15.07 21.75
C GLN K 4 1.71 15.95 21.25
N ILE K 5 1.12 16.72 22.15
CA ILE K 5 -0.04 17.52 21.82
C ILE K 5 0.24 18.97 22.08
N HIS K 6 0.17 19.77 21.05
CA HIS K 6 0.37 21.20 21.21
C HIS K 6 -0.96 21.85 21.37
N ILE K 7 -1.12 22.57 22.46
CA ILE K 7 -2.37 23.28 22.73
C ILE K 7 -2.10 24.72 23.15
N LEU K 8 -3.08 25.58 22.93
CA LEU K 8 -3.00 26.94 23.46
C LEU K 8 -2.99 26.93 24.97
N GLU K 9 -2.16 27.79 25.55
CA GLU K 9 -2.13 27.97 26.99
C GLU K 9 -3.49 28.49 27.46
N GLY K 10 -3.80 28.23 28.73
CA GLY K 10 -5.01 28.76 29.33
C GLY K 10 -5.92 27.78 30.03
N ARG K 11 -5.64 26.49 29.93
CA ARG K 11 -6.50 25.46 30.47
C ARG K 11 -6.09 25.08 31.88
N SER K 12 -7.01 24.44 32.61
CA SER K 12 -6.76 24.07 33.99
C SER K 12 -5.98 22.78 34.07
N ASP K 13 -5.32 22.54 35.21
CA ASP K 13 -4.63 21.29 35.44
C ASP K 13 -5.55 20.08 35.30
N GLU K 14 -6.83 20.23 35.64
CA GLU K 14 -7.76 19.11 35.63
C GLU K 14 -8.07 18.74 34.18
N GLN K 15 -8.36 19.76 33.38
CA GLN K 15 -8.61 19.54 31.96
C GLN K 15 -7.47 18.79 31.29
N LYS K 16 -6.25 19.14 31.65
CA LYS K 16 -5.06 18.54 31.07
C LYS K 16 -4.82 17.15 31.52
N GLU K 17 -5.10 16.90 32.79
CA GLU K 17 -5.09 15.55 33.32
C GLU K 17 -6.10 14.66 32.57
N THR K 18 -7.28 15.20 32.31
CA THR K 18 -8.32 14.49 31.58
C THR K 18 -7.86 14.21 30.14
N LEU K 19 -7.30 15.24 29.48
CA LEU K 19 -6.75 15.09 28.17
C LEU K 19 -5.78 13.92 28.10
N ILE K 20 -4.86 13.88 29.05
CA ILE K 20 -3.88 12.85 29.04
C ILE K 20 -4.53 11.49 29.11
N ARG K 21 -5.49 11.34 29.99
CA ARG K 21 -6.09 10.05 30.22
C ARG K 21 -6.86 9.62 29.00
N GLU K 22 -7.74 10.48 28.53
CA GLU K 22 -8.68 10.14 27.45
C GLU K 22 -7.94 9.82 26.16
N VAL K 23 -6.89 10.57 25.89
CA VAL K 23 -6.07 10.33 24.72
C VAL K 23 -5.31 9.04 24.89
N SER K 24 -4.70 8.84 26.05
CA SER K 24 -3.97 7.60 26.28
C SER K 24 -4.91 6.39 26.03
N GLU K 25 -6.15 6.49 26.50
CA GLU K 25 -7.12 5.42 26.37
C GLU K 25 -7.47 5.20 24.92
N ALA K 26 -7.76 6.28 24.21
CA ALA K 26 -8.08 6.19 22.80
C ALA K 26 -6.96 5.53 21.99
N ILE K 27 -5.71 5.81 22.34
CA ILE K 27 -4.59 5.21 21.66
C ILE K 27 -4.58 3.71 21.94
N SER K 28 -4.66 3.35 23.20
CA SER K 28 -4.67 1.94 23.59
C SER K 28 -5.79 1.15 22.92
N ARG K 29 -6.99 1.70 22.92
CA ARG K 29 -8.13 1.07 22.28
C ARG K 29 -7.87 0.88 20.79
N SER K 30 -7.52 1.98 20.12
CA SER K 30 -7.39 1.98 18.67
C SER K 30 -6.34 1.02 18.13
N LEU K 31 -5.24 0.85 18.85
CA LEU K 31 -4.11 0.06 18.35
C LEU K 31 -4.00 -1.27 19.03
N ASP K 32 -4.95 -1.57 19.90
CA ASP K 32 -4.88 -2.77 20.72
C ASP K 32 -3.50 -2.87 21.42
N ALA K 33 -3.03 -1.77 21.96
CA ALA K 33 -1.73 -1.72 22.61
C ALA K 33 -1.95 -1.56 24.10
N PRO K 34 -1.03 -2.09 24.90
CA PRO K 34 -1.20 -1.99 26.34
C PRO K 34 -1.14 -0.52 26.81
N LEU K 35 -2.16 -0.12 27.58
CA LEU K 35 -2.24 1.23 28.11
C LEU K 35 -0.97 1.69 28.77
N THR K 36 -0.27 0.83 29.49
CA THR K 36 0.89 1.26 30.27
C THR K 36 2.11 1.64 29.46
N SER K 37 2.11 1.28 28.18
CA SER K 37 3.22 1.66 27.28
C SER K 37 3.05 3.09 26.71
N VAL K 38 1.83 3.61 26.79
CA VAL K 38 1.47 4.89 26.15
C VAL K 38 2.02 6.10 26.91
N ARG K 39 2.74 6.94 26.19
CA ARG K 39 3.29 8.16 26.73
C ARG K 39 2.61 9.34 26.08
N VAL K 40 2.32 10.36 26.87
CA VAL K 40 1.76 11.58 26.35
C VAL K 40 2.52 12.79 26.85
N ILE K 41 2.82 13.69 25.93
CA ILE K 41 3.45 14.96 26.27
C ILE K 41 2.54 16.10 25.86
N ILE K 42 2.26 16.99 26.81
CA ILE K 42 1.52 18.19 26.50
C ILE K 42 2.47 19.37 26.40
N THR K 43 2.34 20.14 25.33
CA THR K 43 3.18 21.31 25.12
C THR K 43 2.27 22.50 24.93
N GLU K 44 2.34 23.42 25.89
CA GLU K 44 1.47 24.60 25.87
C GLU K 44 2.09 25.68 25.02
N MET K 45 1.31 26.31 24.15
CA MET K 45 1.81 27.40 23.33
C MET K 45 1.26 28.70 23.84
N ALA K 46 2.14 29.70 23.91
CA ALA K 46 1.70 31.08 24.16
C ALA K 46 0.88 31.57 22.95
N LYS K 47 -0.06 32.46 23.20
CA LYS K 47 -1.01 32.89 22.15
C LYS K 47 -0.29 33.70 21.07
N GLY K 48 0.77 34.39 21.49
CA GLY K 48 1.66 35.11 20.56
C GLY K 48 2.65 34.24 19.80
N HIS K 49 2.60 32.93 19.99
CA HIS K 49 3.52 32.01 19.33
C HIS K 49 2.86 31.08 18.31
N PHE K 50 1.57 31.25 18.07
CA PHE K 50 0.83 30.37 17.21
C PHE K 50 0.14 31.15 16.13
N GLY K 51 0.43 30.81 14.88
CA GLY K 51 -0.09 31.51 13.74
C GLY K 51 -1.04 30.67 12.93
N ILE K 52 -2.09 31.30 12.44
CA ILE K 52 -2.96 30.71 11.44
C ILE K 52 -3.12 31.72 10.30
N GLY K 53 -2.94 31.28 9.07
CA GLY K 53 -2.98 32.18 7.96
C GLY K 53 -2.04 33.36 8.10
N GLY K 54 -0.93 33.19 8.79
CA GLY K 54 0.07 34.27 8.95
C GLY K 54 -0.23 35.28 10.04
N GLU K 55 -1.31 35.05 10.80
CA GLU K 55 -1.77 35.96 11.83
C GLU K 55 -1.89 35.24 13.15
N LEU K 56 -1.67 35.95 14.23
CA LEU K 56 -1.70 35.30 15.55
C LEU K 56 -3.08 34.75 15.89
N ALA K 57 -3.13 33.73 16.72
CA ALA K 57 -4.40 33.20 17.21
C ALA K 57 -4.95 34.11 18.31
N SER K 58 -4.07 34.95 18.88
CA SER K 58 -4.45 35.96 19.86
C SER K 58 -5.12 37.22 19.22
N LYS K 59 -5.45 37.15 17.93
CA LYS K 59 -6.25 38.14 17.19
C LYS K 59 -7.19 37.44 16.16
N VAL K 60 -7.63 36.21 16.45
CA VAL K 60 -8.66 35.49 15.66
C VAL K 60 -9.57 34.70 16.61
N PRO L 1 -5.40 22.77 18.54
CA PRO L 1 -4.82 21.59 19.20
C PRO L 1 -4.33 20.62 18.13
N ILE L 2 -3.04 20.30 18.20
CA ILE L 2 -2.35 19.54 17.19
C ILE L 2 -1.63 18.39 17.85
N ALA L 3 -1.98 17.16 17.49
CA ALA L 3 -1.38 16.00 18.10
C ALA L 3 -0.52 15.22 17.11
N GLN L 4 0.71 14.86 17.52
CA GLN L 4 1.56 14.02 16.71
C GLN L 4 1.77 12.74 17.46
N ILE L 5 1.51 11.61 16.81
CA ILE L 5 1.62 10.32 17.48
C ILE L 5 2.66 9.45 16.77
N HIS L 6 3.71 9.06 17.51
CA HIS L 6 4.68 8.15 16.96
C HIS L 6 4.28 6.74 17.33
N ILE L 7 4.16 5.87 16.31
CA ILE L 7 3.82 4.47 16.53
C ILE L 7 4.71 3.57 15.72
N LEU L 8 4.86 2.33 16.17
CA LEU L 8 5.58 1.34 15.37
C LEU L 8 4.82 1.03 14.09
N GLU L 9 5.58 0.89 13.01
CA GLU L 9 4.98 0.50 11.74
C GLU L 9 4.36 -0.88 11.88
N GLY L 10 3.40 -1.16 11.02
CA GLY L 10 2.82 -2.51 10.94
C GLY L 10 1.30 -2.59 10.96
N ARG L 11 0.63 -1.48 11.20
CA ARG L 11 -0.80 -1.51 11.35
C ARG L 11 -1.50 -1.24 10.06
N SER L 12 -2.81 -1.51 10.04
CA SER L 12 -3.61 -1.32 8.84
C SER L 12 -4.07 0.10 8.73
N ASP L 13 -4.43 0.50 7.52
CA ASP L 13 -5.01 1.81 7.30
C ASP L 13 -6.27 2.03 8.13
N GLU L 14 -7.04 0.97 8.37
CA GLU L 14 -8.31 1.10 9.10
C GLU L 14 -8.02 1.41 10.56
N GLN L 15 -7.10 0.66 11.15
CA GLN L 15 -6.70 0.93 12.53
C GLN L 15 -6.25 2.37 12.73
N LYS L 16 -5.50 2.88 11.76
CA LYS L 16 -4.97 4.21 11.85
C LYS L 16 -6.06 5.25 11.68
N GLU L 17 -6.99 4.98 10.78
CA GLU L 17 -8.15 5.84 10.60
C GLU L 17 -8.93 5.93 11.94
N THR L 18 -9.07 4.80 12.60
CA THR L 18 -9.74 4.74 13.87
C THR L 18 -8.97 5.55 14.92
N LEU L 19 -7.67 5.33 14.99
CA LEU L 19 -6.83 6.07 15.90
C LEU L 19 -7.05 7.58 15.74
N ILE L 20 -7.03 8.05 14.51
CA ILE L 20 -7.18 9.46 14.25
C ILE L 20 -8.52 9.95 14.80
N ARG L 21 -9.59 9.22 14.51
CA ARG L 21 -10.91 9.63 14.91
C ARG L 21 -11.06 9.63 16.43
N GLU L 22 -10.72 8.52 17.05
CA GLU L 22 -10.89 8.37 18.50
C GLU L 22 -10.07 9.37 19.30
N VAL L 23 -8.84 9.62 18.86
CA VAL L 23 -7.96 10.59 19.51
C VAL L 23 -8.51 12.00 19.29
N SER L 24 -8.92 12.30 18.08
CA SER L 24 -9.49 13.62 17.78
C SER L 24 -10.71 13.89 18.67
N GLU L 25 -11.55 12.88 18.84
CA GLU L 25 -12.73 12.97 19.69
C GLU L 25 -12.35 13.18 21.16
N ALA L 26 -11.41 12.38 21.65
CA ALA L 26 -10.95 12.53 23.01
C ALA L 26 -10.39 13.92 23.32
N ILE L 27 -9.71 14.51 22.36
CA ILE L 27 -9.16 15.84 22.53
C ILE L 27 -10.31 16.85 22.61
N SER L 28 -11.22 16.77 21.63
CA SER L 28 -12.38 17.68 21.61
C SER L 28 -13.21 17.61 22.90
N ARG L 29 -13.45 16.39 23.37
CA ARG L 29 -14.18 16.18 24.62
C ARG L 29 -13.43 16.82 25.78
N SER L 30 -12.16 16.46 25.92
CA SER L 30 -11.38 16.81 27.08
C SER L 30 -11.16 18.31 27.26
N LEU L 31 -11.07 19.04 26.16
CA LEU L 31 -10.76 20.46 26.21
C LEU L 31 -11.93 21.32 25.83
N ASP L 32 -13.09 20.70 25.63
CA ASP L 32 -14.26 21.43 25.20
C ASP L 32 -13.92 22.30 24.00
N ALA L 33 -13.17 21.73 23.07
CA ALA L 33 -12.78 22.45 21.86
C ALA L 33 -13.52 21.86 20.66
N PRO L 34 -13.82 22.71 19.67
CA PRO L 34 -14.53 22.21 18.50
C PRO L 34 -13.74 21.15 17.76
N LEU L 35 -14.40 20.02 17.51
CA LEU L 35 -13.76 18.90 16.81
C LEU L 35 -13.06 19.31 15.52
N THR L 36 -13.61 20.24 14.77
CA THR L 36 -13.07 20.58 13.44
C THR L 36 -11.76 21.34 13.48
N SER L 37 -11.38 21.85 14.64
CA SER L 37 -10.08 22.51 14.80
C SER L 37 -8.93 21.52 15.13
N VAL L 38 -9.28 20.31 15.52
CA VAL L 38 -8.29 19.30 15.91
C VAL L 38 -7.54 18.66 14.73
N ARG L 39 -6.22 18.70 14.80
CA ARG L 39 -5.35 18.11 13.82
C ARG L 39 -4.62 16.94 14.45
N VAL L 40 -4.49 15.84 13.71
CA VAL L 40 -3.67 14.73 14.16
C VAL L 40 -2.68 14.27 13.08
N ILE L 41 -1.46 14.05 13.50
CA ILE L 41 -0.44 13.54 12.63
C ILE L 41 0.00 12.22 13.17
N ILE L 42 0.01 11.20 12.30
CA ILE L 42 0.61 9.94 12.63
C ILE L 42 1.98 9.82 12.00
N THR L 43 2.96 9.43 12.78
CA THR L 43 4.32 9.22 12.30
C THR L 43 4.71 7.79 12.60
N GLU L 44 4.87 7.00 11.55
CA GLU L 44 5.23 5.58 11.71
C GLU L 44 6.73 5.47 11.92
N MET L 45 7.15 4.66 12.89
CA MET L 45 8.56 4.38 13.05
C MET L 45 8.89 2.97 12.56
N ALA L 46 10.02 2.85 11.84
CA ALA L 46 10.58 1.51 11.50
C ALA L 46 11.09 0.85 12.78
N LYS L 47 11.06 -0.47 12.82
CA LYS L 47 11.35 -1.21 14.08
C LYS L 47 12.81 -1.10 14.45
N GLY L 48 13.64 -0.95 13.42
CA GLY L 48 15.07 -0.62 13.60
C GLY L 48 15.40 0.82 13.95
N HIS L 49 14.39 1.67 14.12
CA HIS L 49 14.60 3.09 14.44
C HIS L 49 14.12 3.50 15.82
N PHE L 50 13.67 2.54 16.61
CA PHE L 50 13.11 2.84 17.93
C PHE L 50 13.82 2.04 18.99
N GLY L 51 14.39 2.75 19.96
CA GLY L 51 15.17 2.12 21.01
C GLY L 51 14.52 2.25 22.38
N ILE L 52 14.61 1.18 23.15
CA ILE L 52 14.25 1.20 24.55
C ILE L 52 15.41 0.63 25.32
N GLY L 53 15.84 1.33 26.33
CA GLY L 53 17.01 0.91 27.08
C GLY L 53 18.23 0.66 26.19
N GLY L 54 18.34 1.37 25.08
CA GLY L 54 19.51 1.27 24.20
C GLY L 54 19.45 0.12 23.20
N GLU L 55 18.36 -0.64 23.21
CA GLU L 55 18.23 -1.86 22.42
C GLU L 55 16.98 -1.68 21.53
N LEU L 56 17.04 -2.22 20.33
CA LEU L 56 15.94 -2.04 19.39
C LEU L 56 14.66 -2.64 19.92
N ALA L 57 13.52 -2.13 19.49
CA ALA L 57 12.26 -2.77 19.83
C ALA L 57 12.12 -4.13 19.09
N SER L 58 13.20 -4.58 18.38
CA SER L 58 13.28 -5.91 17.69
C SER L 58 14.04 -6.97 18.52
N PRO M 1 -25.07 -29.84 40.71
CA PRO M 1 -24.50 -28.69 39.95
C PRO M 1 -23.84 -27.64 40.84
N ILE M 2 -22.57 -27.34 40.54
CA ILE M 2 -21.72 -26.49 41.38
C ILE M 2 -21.08 -25.43 40.51
N ALA M 3 -21.33 -24.17 40.79
CA ALA M 3 -20.80 -23.06 39.97
C ALA M 3 -19.80 -22.25 40.76
N GLN M 4 -18.66 -21.94 40.15
CA GLN M 4 -17.68 -21.05 40.73
C GLN M 4 -17.57 -19.83 39.83
N ILE M 5 -17.71 -18.64 40.41
CA ILE M 5 -17.69 -17.39 39.62
C ILE M 5 -16.59 -16.47 40.08
N HIS M 6 -15.66 -16.19 39.17
CA HIS M 6 -14.56 -15.28 39.50
C HIS M 6 -14.95 -13.89 39.07
N ILE M 7 -14.88 -12.95 40.01
CA ILE M 7 -15.26 -11.58 39.73
C ILE M 7 -14.26 -10.66 40.33
N LEU M 8 -14.18 -9.47 39.77
CA LEU M 8 -13.36 -8.43 40.39
C LEU M 8 -13.90 -8.03 41.73
N GLU M 9 -13.00 -7.81 42.66
CA GLU M 9 -13.38 -7.27 43.97
C GLU M 9 -14.01 -5.88 43.82
N GLY M 10 -14.85 -5.51 44.76
CA GLY M 10 -15.38 -4.15 44.80
C GLY M 10 -16.87 -4.04 44.98
N ARG M 11 -17.57 -5.15 44.92
CA ARG M 11 -19.02 -5.12 44.93
C ARG M 11 -19.54 -5.24 46.35
N SER M 12 -20.81 -4.88 46.55
CA SER M 12 -21.44 -4.95 47.86
C SER M 12 -21.89 -6.37 48.18
N ASP M 13 -22.08 -6.67 49.46
CA ASP M 13 -22.65 -7.94 49.88
C ASP M 13 -24.04 -8.19 49.28
N GLU M 14 -24.82 -7.14 49.04
CA GLU M 14 -26.17 -7.30 48.51
C GLU M 14 -26.10 -7.74 47.06
N GLN M 15 -25.27 -7.07 46.28
CA GLN M 15 -25.08 -7.45 44.88
C GLN M 15 -24.68 -8.91 44.74
N LYS M 16 -23.81 -9.36 45.62
CA LYS M 16 -23.32 -10.72 45.58
C LYS M 16 -24.39 -11.69 45.99
N GLU M 17 -25.18 -11.33 46.98
CA GLU M 17 -26.31 -12.15 47.40
C GLU M 17 -27.27 -12.32 46.22
N THR M 18 -27.48 -11.25 45.48
CA THR M 18 -28.33 -11.27 44.32
C THR M 18 -27.72 -12.18 43.24
N LEU M 19 -26.44 -12.02 42.97
CA LEU M 19 -25.74 -12.85 42.02
C LEU M 19 -25.96 -14.31 42.33
N ILE M 20 -25.79 -14.68 43.60
CA ILE M 20 -25.92 -16.07 43.99
C ILE M 20 -27.32 -16.57 43.68
N ARG M 21 -28.33 -15.77 44.03
CA ARG M 21 -29.72 -16.20 43.86
C ARG M 21 -30.06 -16.34 42.39
N GLU M 22 -29.78 -15.30 41.62
CA GLU M 22 -30.17 -15.25 40.21
C GLU M 22 -29.48 -16.32 39.38
N VAL M 23 -28.21 -16.57 39.66
CA VAL M 23 -27.49 -17.63 39.01
C VAL M 23 -28.02 -18.99 39.44
N SER M 24 -28.22 -19.19 40.73
CA SER M 24 -28.77 -20.46 41.22
C SER M 24 -30.09 -20.77 40.52
N GLU M 25 -30.92 -19.75 40.37
CA GLU M 25 -32.22 -19.89 39.73
C GLU M 25 -32.04 -20.26 38.26
N ALA M 26 -31.19 -19.52 37.55
CA ALA M 26 -30.94 -19.79 36.14
C ALA M 26 -30.47 -21.24 35.90
N ILE M 27 -29.65 -21.76 36.82
CA ILE M 27 -29.17 -23.13 36.71
C ILE M 27 -30.33 -24.09 36.88
N SER M 28 -31.09 -23.91 37.96
CA SER M 28 -32.24 -24.77 38.23
C SER M 28 -33.24 -24.81 37.07
N ARG M 29 -33.55 -23.64 36.53
CA ARG M 29 -34.46 -23.58 35.40
C ARG M 29 -33.89 -24.28 34.20
N SER M 30 -32.65 -23.94 33.82
CA SER M 30 -32.03 -24.44 32.59
C SER M 30 -31.86 -25.96 32.54
N LEU M 31 -31.63 -26.58 33.70
CA LEU M 31 -31.35 -28.00 33.75
C LEU M 31 -32.47 -28.79 34.39
N ASP M 32 -33.58 -28.11 34.68
CA ASP M 32 -34.69 -28.76 35.36
C ASP M 32 -34.20 -29.52 36.57
N ALA M 33 -33.30 -28.90 37.31
CA ALA M 33 -32.75 -29.53 38.51
C ALA M 33 -33.32 -28.83 39.73
N PRO M 34 -33.48 -29.57 40.84
CA PRO M 34 -33.99 -28.95 42.05
C PRO M 34 -33.09 -27.82 42.60
N LEU M 35 -33.68 -26.64 42.83
CA LEU M 35 -32.94 -25.47 43.30
C LEU M 35 -32.08 -25.77 44.51
N THR M 36 -32.53 -26.60 45.42
CA THR M 36 -31.77 -26.79 46.65
C THR M 36 -30.48 -27.58 46.50
N SER M 37 -30.28 -28.24 45.35
CA SER M 37 -29.04 -28.98 45.11
C SER M 37 -27.93 -28.06 44.58
N VAL M 38 -28.33 -26.88 44.12
CA VAL M 38 -27.39 -25.96 43.47
C VAL M 38 -26.46 -25.24 44.46
N ARG M 39 -25.17 -25.33 44.20
CA ARG M 39 -24.17 -24.66 44.98
C ARG M 39 -23.50 -23.59 44.14
N VAL M 40 -23.22 -22.45 44.75
CA VAL M 40 -22.46 -21.40 44.10
C VAL M 40 -21.34 -20.90 44.97
N ILE M 41 -20.18 -20.74 44.35
CA ILE M 41 -19.04 -20.18 45.01
C ILE M 41 -18.63 -18.92 44.30
N ILE M 42 -18.48 -17.84 45.06
CA ILE M 42 -17.96 -16.61 44.53
C ILE M 42 -16.53 -16.45 44.95
N THR M 43 -15.67 -16.15 44.00
CA THR M 43 -14.26 -15.95 44.26
C THR M 43 -13.88 -14.56 43.75
N GLU M 44 -13.51 -13.68 44.68
CA GLU M 44 -13.18 -12.31 44.36
C GLU M 44 -11.75 -12.22 43.95
N MET M 45 -11.47 -11.53 42.85
CA MET M 45 -10.08 -11.31 42.44
C MET M 45 -9.65 -9.87 42.73
N ALA M 46 -8.45 -9.71 43.27
CA ALA M 46 -7.83 -8.39 43.43
C ALA M 46 -7.55 -7.84 42.04
N LYS M 47 -7.57 -6.53 41.89
CA LYS M 47 -7.45 -5.90 40.56
C LYS M 47 -6.05 -6.09 39.99
N GLY M 48 -5.06 -6.18 40.88
CA GLY M 48 -3.70 -6.53 40.51
C GLY M 48 -3.42 -8.01 40.22
N HIS M 49 -4.46 -8.85 40.28
CA HIS M 49 -4.30 -10.28 40.05
C HIS M 49 -4.98 -10.78 38.79
N PHE M 50 -5.55 -9.88 38.01
CA PHE M 50 -6.32 -10.28 36.84
C PHE M 50 -5.80 -9.59 35.60
N GLY M 51 -5.38 -10.37 34.63
CA GLY M 51 -4.77 -9.87 33.43
C GLY M 51 -5.65 -10.06 32.21
N ILE M 52 -5.65 -9.06 31.34
CA ILE M 52 -6.23 -9.18 30.00
C ILE M 52 -5.19 -8.69 29.02
N GLY M 53 -4.93 -9.48 28.01
CA GLY M 53 -3.88 -9.14 27.07
C GLY M 53 -2.55 -8.83 27.72
N GLY M 54 -2.26 -9.46 28.86
CA GLY M 54 -0.95 -9.33 29.52
C GLY M 54 -0.84 -8.12 30.42
N GLU M 55 -1.93 -7.37 30.54
CA GLU M 55 -1.95 -6.10 31.30
C GLU M 55 -3.03 -6.17 32.35
N LEU M 56 -2.79 -5.52 33.48
CA LEU M 56 -3.73 -5.60 34.58
C LEU M 56 -5.08 -5.00 34.20
N ALA M 57 -6.14 -5.46 34.84
CA ALA M 57 -7.47 -4.85 34.67
C ALA M 57 -7.58 -3.57 35.46
N SER M 58 -6.66 -3.39 36.43
CA SER M 58 -6.52 -2.14 37.19
C SER M 58 -5.78 -0.99 36.42
N LYS M 59 -5.54 -1.18 35.11
CA LYS M 59 -5.03 -0.18 34.20
C LYS M 59 -5.73 -0.26 32.81
N VAL M 60 -7.03 -0.63 32.79
CA VAL M 60 -7.96 -0.17 31.73
C VAL M 60 -8.92 0.88 32.31
N PRO N 1 -15.98 -11.12 34.35
CA PRO N 1 -16.67 -12.20 35.06
C PRO N 1 -16.63 -13.54 34.33
N ILE N 2 -16.14 -14.57 35.01
CA ILE N 2 -15.88 -15.87 34.43
C ILE N 2 -16.51 -16.93 35.30
N ALA N 3 -17.43 -17.70 34.77
CA ALA N 3 -18.12 -18.74 35.54
C ALA N 3 -17.75 -20.13 35.05
N GLN N 4 -17.42 -21.03 35.98
CA GLN N 4 -17.21 -22.43 35.66
C GLN N 4 -18.29 -23.22 36.37
N ILE N 5 -18.97 -24.09 35.63
CA ILE N 5 -20.06 -24.86 36.18
C ILE N 5 -19.79 -26.34 36.02
N HIS N 6 -19.72 -27.06 37.14
CA HIS N 6 -19.55 -28.49 37.11
C HIS N 6 -20.88 -29.16 37.17
N ILE N 7 -21.16 -30.02 36.18
CA ILE N 7 -22.45 -30.71 36.12
C ILE N 7 -22.23 -32.16 35.80
N LEU N 8 -23.17 -33.00 36.21
CA LEU N 8 -23.14 -34.40 35.82
C LEU N 8 -23.32 -34.54 34.32
N GLU N 9 -22.55 -35.45 33.75
CA GLU N 9 -22.68 -35.76 32.33
C GLU N 9 -24.09 -36.30 32.07
N GLY N 10 -24.53 -36.18 30.83
CA GLY N 10 -25.79 -36.78 30.41
C GLY N 10 -26.77 -35.87 29.69
N ARG N 11 -26.48 -34.58 29.65
CA ARG N 11 -27.41 -33.61 29.11
C ARG N 11 -27.16 -33.37 27.64
N SER N 12 -28.13 -32.80 26.94
CA SER N 12 -28.02 -32.56 25.49
C SER N 12 -27.27 -31.29 25.22
N ASP N 13 -26.74 -31.17 24.02
CA ASP N 13 -26.08 -29.93 23.61
C ASP N 13 -26.99 -28.72 23.71
N GLU N 14 -28.30 -28.90 23.49
CA GLU N 14 -29.25 -27.79 23.52
C GLU N 14 -29.40 -27.28 24.95
N GLN N 15 -29.59 -28.21 25.87
CA GLN N 15 -29.72 -27.86 27.29
C GLN N 15 -28.53 -27.07 27.78
N LYS N 16 -27.36 -27.48 27.33
CA LYS N 16 -26.12 -26.83 27.71
C LYS N 16 -25.98 -25.45 27.08
N GLU N 17 -26.38 -25.32 25.82
CA GLU N 17 -26.41 -24.02 25.16
C GLU N 17 -27.34 -23.06 25.94
N THR N 18 -28.47 -23.58 26.39
CA THR N 18 -29.40 -22.80 27.16
C THR N 18 -28.79 -22.39 28.49
N LEU N 19 -28.18 -23.35 29.19
CA LEU N 19 -27.49 -23.08 30.44
C LEU N 19 -26.51 -21.93 30.28
N ILE N 20 -25.70 -21.98 29.24
CA ILE N 20 -24.73 -20.94 29.02
C ILE N 20 -25.40 -19.59 28.87
N ARG N 21 -26.45 -19.52 28.07
CA ARG N 21 -27.11 -18.25 27.78
C ARG N 21 -27.77 -17.69 29.03
N GLU N 22 -28.57 -18.51 29.70
CA GLU N 22 -29.34 -18.06 30.86
C GLU N 22 -28.45 -17.63 32.02
N VAL N 23 -27.39 -18.37 32.27
CA VAL N 23 -26.44 -18.00 33.29
C VAL N 23 -25.67 -16.74 32.90
N SER N 24 -25.22 -16.66 31.66
CA SER N 24 -24.54 -15.44 31.21
C SER N 24 -25.43 -14.19 31.43
N GLU N 25 -26.71 -14.33 31.11
CA GLU N 25 -27.69 -13.25 31.25
C GLU N 25 -27.86 -12.89 32.70
N ALA N 26 -28.06 -13.90 33.55
CA ALA N 26 -28.20 -13.66 34.98
C ALA N 26 -27.00 -12.91 35.59
N ILE N 27 -25.81 -13.23 35.12
CA ILE N 27 -24.60 -12.56 35.58
C ILE N 27 -24.62 -11.10 35.14
N SER N 28 -24.86 -10.86 33.86
CA SER N 28 -24.92 -9.51 33.32
C SER N 28 -25.95 -8.65 34.03
N ARG N 29 -27.14 -9.20 34.26
CA ARG N 29 -28.20 -8.51 34.97
C ARG N 29 -27.75 -8.16 36.38
N SER N 30 -27.31 -9.18 37.11
CA SER N 30 -27.00 -9.05 38.54
C SER N 30 -25.89 -8.04 38.86
N LEU N 31 -24.91 -7.94 37.99
CA LEU N 31 -23.76 -7.11 38.24
C LEU N 31 -23.72 -5.87 37.39
N ASP N 32 -24.79 -5.65 36.63
CA ASP N 32 -24.82 -4.55 35.69
C ASP N 32 -23.56 -4.53 34.82
N ALA N 33 -23.16 -5.69 34.34
CA ALA N 33 -21.93 -5.80 33.54
C ALA N 33 -22.33 -6.10 32.12
N PRO N 34 -21.52 -5.63 31.16
CA PRO N 34 -21.85 -5.90 29.77
C PRO N 34 -21.84 -7.41 29.45
N LEU N 35 -22.93 -7.89 28.85
CA LEU N 35 -23.09 -9.30 28.50
C LEU N 35 -21.89 -9.86 27.73
N THR N 36 -21.29 -9.07 26.86
CA THR N 36 -20.22 -9.58 25.99
C THR N 36 -18.90 -9.86 26.70
N SER N 37 -18.74 -9.37 27.93
CA SER N 37 -17.54 -9.65 28.73
C SER N 37 -17.65 -11.01 29.48
N VAL N 38 -18.87 -11.53 29.60
CA VAL N 38 -19.13 -12.74 30.40
C VAL N 38 -18.66 -14.01 29.70
N ARG N 39 -17.86 -14.80 30.42
CA ARG N 39 -17.39 -16.08 29.97
C ARG N 39 -17.99 -17.19 30.81
N VAL N 40 -18.39 -18.28 30.18
CA VAL N 40 -18.87 -19.44 30.90
C VAL N 40 -18.18 -20.70 30.43
N ILE N 41 -17.74 -21.50 31.39
CA ILE N 41 -17.15 -22.79 31.10
C ILE N 41 -18.02 -23.86 31.73
N ILE N 42 -18.40 -24.84 30.93
CA ILE N 42 -19.08 -26.02 31.45
C ILE N 42 -18.10 -27.18 31.54
N THR N 43 -18.10 -27.83 32.68
CA THR N 43 -17.24 -28.95 32.91
C THR N 43 -18.12 -30.12 33.30
N GLU N 44 -18.15 -31.15 32.45
CA GLU N 44 -19.00 -32.32 32.71
C GLU N 44 -18.26 -33.31 33.57
N MET N 45 -18.93 -33.82 34.58
CA MET N 45 -18.35 -34.84 35.41
C MET N 45 -18.94 -36.21 35.10
N ALA N 46 -18.08 -37.22 35.01
CA ALA N 46 -18.53 -38.62 34.96
C ALA N 46 -19.19 -38.99 36.28
N LYS N 47 -20.15 -39.90 36.25
CA LYS N 47 -20.96 -40.22 37.44
C LYS N 47 -20.11 -40.92 38.49
N GLY N 48 -19.11 -41.65 38.02
CA GLY N 48 -18.11 -42.27 38.89
C GLY N 48 -17.02 -41.36 39.43
N HIS N 49 -17.10 -40.08 39.09
CA HIS N 49 -16.12 -39.10 39.53
C HIS N 49 -16.64 -38.04 40.52
N PHE N 50 -17.87 -38.20 40.96
CA PHE N 50 -18.50 -37.24 41.82
C PHE N 50 -19.01 -37.93 43.07
N GLY N 51 -18.52 -37.49 44.21
CA GLY N 51 -18.89 -38.06 45.48
C GLY N 51 -19.71 -37.13 46.34
N ILE N 52 -20.70 -37.70 47.04
CA ILE N 52 -21.44 -36.99 48.09
C ILE N 52 -21.43 -37.88 49.31
N GLY N 53 -21.04 -37.33 50.45
CA GLY N 53 -20.90 -38.11 51.66
C GLY N 53 -19.99 -39.32 51.52
N GLY N 54 -18.98 -39.23 50.64
CA GLY N 54 -18.07 -40.35 50.42
C GLY N 54 -18.53 -41.48 49.49
N GLU N 55 -19.71 -41.30 48.87
CA GLU N 55 -20.33 -42.29 48.02
C GLU N 55 -20.65 -41.71 46.67
N LEU N 56 -20.58 -42.51 45.63
CA LEU N 56 -20.77 -42.00 44.28
C LEU N 56 -22.17 -41.45 44.10
N ALA N 57 -22.34 -40.50 43.19
CA ALA N 57 -23.68 -40.02 42.80
C ALA N 57 -24.37 -41.02 41.88
N SER N 58 -23.58 -41.91 41.28
CA SER N 58 -24.11 -43.01 40.44
C SER N 58 -24.77 -44.16 41.24
N LYS N 59 -25.24 -43.89 42.47
CA LYS N 59 -25.83 -44.89 43.38
C LYS N 59 -27.06 -44.37 44.13
N PRO O 1 -0.74 -35.88 41.56
CA PRO O 1 -2.08 -35.72 42.15
C PRO O 1 -2.12 -34.45 42.96
N ILE O 2 -3.07 -33.59 42.60
CA ILE O 2 -3.17 -32.26 43.14
C ILE O 2 -4.57 -32.06 43.60
N ALA O 3 -4.75 -31.78 44.86
CA ALA O 3 -6.10 -31.59 45.41
C ALA O 3 -6.34 -30.15 45.85
N GLN O 4 -7.50 -29.59 45.48
CA GLN O 4 -7.90 -28.29 45.96
C GLN O 4 -9.16 -28.47 46.77
N ILE O 5 -9.15 -27.95 48.00
CA ILE O 5 -10.27 -28.11 48.89
C ILE O 5 -10.85 -26.77 49.28
N HIS O 6 -12.13 -26.55 48.94
CA HIS O 6 -12.78 -25.35 49.33
C HIS O 6 -13.46 -25.62 50.64
N ILE O 7 -13.17 -24.80 51.63
CA ILE O 7 -13.84 -24.88 52.92
C ILE O 7 -14.30 -23.51 53.42
N LEU O 8 -15.28 -23.52 54.30
CA LEU O 8 -15.69 -22.29 54.95
C LEU O 8 -14.59 -21.77 55.84
N GLU O 9 -14.43 -20.46 55.84
CA GLU O 9 -13.47 -19.83 56.73
C GLU O 9 -13.88 -20.08 58.16
N GLY O 10 -12.90 -20.03 59.06
CA GLY O 10 -13.18 -20.09 60.48
C GLY O 10 -12.35 -21.06 61.31
N ARG O 11 -11.58 -21.92 60.64
CA ARG O 11 -10.89 -22.99 61.30
C ARG O 11 -9.48 -22.55 61.69
N SER O 12 -8.86 -23.30 62.61
CA SER O 12 -7.54 -22.95 63.12
C SER O 12 -6.47 -23.45 62.19
N ASP O 13 -5.28 -22.89 62.30
CA ASP O 13 -4.14 -23.37 61.51
C ASP O 13 -3.83 -24.83 61.76
N GLU O 14 -4.07 -25.33 62.97
CA GLU O 14 -3.75 -26.71 63.32
C GLU O 14 -4.70 -27.63 62.59
N GLN O 15 -5.99 -27.32 62.64
CA GLN O 15 -6.97 -28.12 61.94
C GLN O 15 -6.62 -28.27 60.46
N LYS O 16 -6.16 -27.18 59.87
CA LYS O 16 -5.87 -27.13 58.47
C LYS O 16 -4.61 -27.90 58.15
N GLU O 17 -3.63 -27.80 59.02
CA GLU O 17 -2.44 -28.63 58.90
C GLU O 17 -2.81 -30.13 58.95
N THR O 18 -3.71 -30.48 59.84
CA THR O 18 -4.19 -31.83 59.93
C THR O 18 -4.92 -32.25 58.67
N LEU O 19 -5.81 -31.39 58.18
CA LEU O 19 -6.53 -31.64 56.93
C LEU O 19 -5.57 -31.98 55.81
N ILE O 20 -4.52 -31.18 55.69
CA ILE O 20 -3.56 -31.37 54.62
C ILE O 20 -2.90 -32.75 54.75
N ARG O 21 -2.50 -33.12 55.94
CA ARG O 21 -1.79 -34.37 56.14
C ARG O 21 -2.70 -35.54 55.87
N GLU O 22 -3.87 -35.54 56.49
CA GLU O 22 -4.78 -36.67 56.41
C GLU O 22 -5.28 -36.92 55.00
N VAL O 23 -5.54 -35.85 54.27
CA VAL O 23 -5.98 -35.97 52.90
C VAL O 23 -4.84 -36.44 52.05
N SER O 24 -3.67 -35.86 52.26
CA SER O 24 -2.49 -36.28 51.46
C SER O 24 -2.25 -37.80 51.61
N GLU O 25 -2.40 -38.28 52.83
CA GLU O 25 -2.24 -39.68 53.14
C GLU O 25 -3.30 -40.52 52.45
N ALA O 26 -4.56 -40.12 52.58
CA ALA O 26 -5.65 -40.82 51.93
C ALA O 26 -5.48 -40.92 50.40
N ILE O 27 -5.00 -39.86 49.78
CA ILE O 27 -4.71 -39.90 48.35
C ILE O 27 -3.59 -40.91 48.04
N SER O 28 -2.46 -40.82 48.74
CA SER O 28 -1.35 -41.76 48.55
C SER O 28 -1.78 -43.22 48.71
N ARG O 29 -2.52 -43.49 49.76
CA ARG O 29 -3.01 -44.85 50.04
C ARG O 29 -3.89 -45.30 48.87
N SER O 30 -4.88 -44.50 48.54
CA SER O 30 -5.94 -44.90 47.60
C SER O 30 -5.43 -45.16 46.19
N LEU O 31 -4.43 -44.41 45.78
CA LEU O 31 -3.91 -44.50 44.40
C LEU O 31 -2.55 -45.17 44.35
N ASP O 32 -2.06 -45.66 45.49
CA ASP O 32 -0.76 -46.25 45.50
C ASP O 32 0.27 -45.35 44.87
N ALA O 33 0.17 -44.07 45.18
CA ALA O 33 1.09 -43.07 44.65
C ALA O 33 2.01 -42.60 45.76
N PRO O 34 3.23 -42.21 45.39
CA PRO O 34 4.17 -41.79 46.45
C PRO O 34 3.69 -40.52 47.17
N LEU O 35 3.67 -40.56 48.50
CA LEU O 35 3.20 -39.44 49.31
C LEU O 35 3.85 -38.11 48.92
N THR O 36 5.12 -38.11 48.58
CA THR O 36 5.83 -36.87 48.32
C THR O 36 5.43 -36.16 47.03
N SER O 37 4.71 -36.84 46.15
CA SER O 37 4.21 -36.22 44.89
C SER O 37 2.87 -35.48 45.09
N VAL O 38 2.21 -35.77 46.21
CA VAL O 38 0.90 -35.21 46.50
C VAL O 38 0.96 -33.72 46.91
N ARG O 39 0.19 -32.91 46.20
CA ARG O 39 0.01 -31.51 46.53
C ARG O 39 -1.42 -31.25 47.01
N VAL O 40 -1.56 -30.40 48.02
CA VAL O 40 -2.87 -29.96 48.47
C VAL O 40 -2.93 -28.45 48.58
N ILE O 41 -4.02 -27.90 48.07
CA ILE O 41 -4.32 -26.50 48.20
C ILE O 41 -5.59 -26.34 48.98
N ILE O 42 -5.54 -25.51 50.01
CA ILE O 42 -6.74 -25.14 50.74
C ILE O 42 -7.18 -23.77 50.34
N THR O 43 -8.46 -23.62 50.02
CA THR O 43 -9.01 -22.35 49.64
C THR O 43 -10.15 -22.07 50.61
N GLU O 44 -10.00 -21.01 51.40
CA GLU O 44 -11.03 -20.61 52.36
C GLU O 44 -12.09 -19.72 51.70
N MET O 45 -13.36 -20.01 51.94
CA MET O 45 -14.44 -19.19 51.40
C MET O 45 -15.07 -18.38 52.51
N ALA O 46 -15.33 -17.10 52.20
CA ALA O 46 -16.09 -16.25 53.14
C ALA O 46 -17.51 -16.76 53.19
N LYS O 47 -18.18 -16.56 54.31
CA LYS O 47 -19.52 -17.14 54.53
C LYS O 47 -20.55 -16.47 53.58
N GLY O 48 -20.29 -15.21 53.25
CA GLY O 48 -21.10 -14.49 52.27
C GLY O 48 -20.83 -14.83 50.82
N HIS O 49 -19.91 -15.76 50.55
CA HIS O 49 -19.52 -16.10 49.19
C HIS O 49 -19.94 -17.49 48.76
N PHE O 50 -20.65 -18.19 49.62
CA PHE O 50 -20.99 -19.57 49.38
C PHE O 50 -22.47 -19.73 49.48
N GLY O 51 -23.08 -20.18 48.39
CA GLY O 51 -24.52 -20.34 48.29
C GLY O 51 -24.95 -21.80 48.19
N ILE O 52 -26.03 -22.13 48.89
CA ILE O 52 -26.70 -23.39 48.76
C ILE O 52 -28.17 -23.07 48.49
N GLY O 53 -28.72 -23.68 47.46
CA GLY O 53 -30.09 -23.41 47.09
C GLY O 53 -30.37 -21.94 46.85
N GLY O 54 -29.37 -21.18 46.41
CA GLY O 54 -29.55 -19.75 46.14
C GLY O 54 -29.49 -18.83 47.37
N GLU O 55 -29.18 -19.40 48.53
CA GLU O 55 -29.13 -18.67 49.79
C GLU O 55 -27.78 -18.84 50.45
N LEU O 56 -27.33 -17.82 51.17
CA LEU O 56 -26.01 -17.89 51.78
C LEU O 56 -25.92 -19.01 52.81
N ALA O 57 -24.71 -19.54 53.02
CA ALA O 57 -24.48 -20.49 54.11
C ALA O 57 -24.41 -19.78 55.46
N SER O 58 -24.18 -18.47 55.42
CA SER O 58 -24.21 -17.63 56.62
C SER O 58 -25.64 -17.34 57.19
N LYS O 59 -26.62 -18.21 56.90
CA LYS O 59 -28.04 -18.06 57.32
C LYS O 59 -28.73 -19.35 57.75
N PRO P 1 -17.61 -28.38 52.58
CA PRO P 1 -16.22 -28.70 52.17
C PRO P 1 -16.26 -29.50 50.87
N ILE P 2 -15.59 -28.96 49.87
CA ILE P 2 -15.66 -29.46 48.51
C ILE P 2 -14.24 -29.65 48.00
N ALA P 3 -13.90 -30.87 47.63
CA ALA P 3 -12.54 -31.15 47.20
C ALA P 3 -12.50 -31.54 45.75
N GLN P 4 -11.58 -30.95 44.99
CA GLN P 4 -11.36 -31.33 43.62
C GLN P 4 -9.97 -31.91 43.54
N ILE P 5 -9.85 -33.10 42.98
CA ILE P 5 -8.55 -33.77 42.90
C ILE P 5 -8.18 -34.04 41.45
N HIS P 6 -7.04 -33.50 41.02
CA HIS P 6 -6.55 -33.78 39.70
C HIS P 6 -5.59 -34.91 39.76
N ILE P 7 -5.85 -35.93 38.95
CA ILE P 7 -4.98 -37.11 38.91
C ILE P 7 -4.72 -37.53 37.49
N LEU P 8 -3.60 -38.20 37.28
CA LEU P 8 -3.33 -38.76 35.97
C LEU P 8 -4.32 -39.84 35.62
N GLU P 9 -4.75 -39.84 34.36
CA GLU P 9 -5.64 -40.90 33.87
C GLU P 9 -4.95 -42.23 34.00
N GLY P 10 -5.75 -43.29 34.08
CA GLY P 10 -5.22 -44.63 34.03
C GLY P 10 -5.67 -45.59 35.13
N ARG P 11 -6.40 -45.07 36.11
CA ARG P 11 -6.78 -45.86 37.28
C ARG P 11 -8.16 -46.47 37.10
N SER P 12 -8.48 -47.47 37.88
CA SER P 12 -9.73 -48.21 37.76
C SER P 12 -10.82 -47.47 38.48
N ASP P 13 -12.05 -47.77 38.13
CA ASP P 13 -13.19 -47.23 38.83
C ASP P 13 -13.16 -47.54 40.32
N GLU P 14 -12.63 -48.70 40.69
CA GLU P 14 -12.62 -49.11 42.09
C GLU P 14 -11.67 -48.23 42.85
N GLN P 15 -10.48 -48.04 42.31
CA GLN P 15 -9.48 -47.20 42.95
C GLN P 15 -10.00 -45.80 43.21
N LYS P 16 -10.76 -45.29 42.24
CA LYS P 16 -11.32 -43.96 42.32
C LYS P 16 -12.46 -43.87 43.31
N GLU P 17 -13.26 -44.91 43.37
CA GLU P 17 -14.27 -45.03 44.41
C GLU P 17 -13.61 -45.01 45.80
N THR P 18 -12.53 -45.73 45.95
CA THR P 18 -11.80 -45.76 47.22
C THR P 18 -11.22 -44.38 47.56
N LEU P 19 -10.59 -43.74 46.58
CA LEU P 19 -10.11 -42.39 46.73
C LEU P 19 -11.18 -41.44 47.26
N ILE P 20 -12.37 -41.49 46.66
CA ILE P 20 -13.43 -40.64 47.09
C ILE P 20 -13.78 -40.89 48.54
N ARG P 21 -13.90 -42.14 48.91
CA ARG P 21 -14.31 -42.47 50.25
C ARG P 21 -13.25 -42.03 51.27
N GLU P 22 -12.01 -42.44 51.05
CA GLU P 22 -10.97 -42.21 52.01
C GLU P 22 -10.71 -40.74 52.22
N VAL P 23 -10.75 -39.98 51.13
CA VAL P 23 -10.54 -38.55 51.20
C VAL P 23 -11.70 -37.89 51.90
N SER P 24 -12.93 -38.28 51.55
CA SER P 24 -14.13 -37.76 52.22
C SER P 24 -14.04 -37.99 53.74
N GLU P 25 -13.58 -39.16 54.14
CA GLU P 25 -13.44 -39.45 55.55
C GLU P 25 -12.35 -38.62 56.20
N ALA P 26 -11.19 -38.54 55.57
CA ALA P 26 -10.11 -37.73 56.10
C ALA P 26 -10.53 -36.26 56.32
N ILE P 27 -11.35 -35.74 55.41
CA ILE P 27 -11.85 -34.39 55.55
C ILE P 27 -12.75 -34.29 56.77
N SER P 28 -13.72 -35.20 56.85
CA SER P 28 -14.66 -35.19 57.95
C SER P 28 -13.92 -35.26 59.30
N ARG P 29 -12.95 -36.17 59.39
CA ARG P 29 -12.20 -36.39 60.63
C ARG P 29 -11.48 -35.10 60.97
N SER P 30 -10.73 -34.58 60.00
CA SER P 30 -9.83 -33.46 60.23
C SER P 30 -10.52 -32.17 60.67
N LEU P 31 -11.72 -31.92 60.16
CA LEU P 31 -12.43 -30.68 60.42
C LEU P 31 -13.60 -30.85 61.36
N ASP P 32 -13.76 -32.05 61.90
CA ASP P 32 -14.93 -32.37 62.69
C ASP P 32 -16.22 -31.95 61.99
N ALA P 33 -16.31 -32.22 60.69
CA ALA P 33 -17.47 -31.84 59.90
C ALA P 33 -18.24 -33.08 59.55
N PRO P 34 -19.57 -32.94 59.43
CA PRO P 34 -20.36 -34.12 59.11
C PRO P 34 -19.98 -34.70 57.74
N LEU P 35 -19.70 -36.00 57.73
CA LEU P 35 -19.37 -36.71 56.50
C LEU P 35 -20.33 -36.43 55.32
N THR P 36 -21.61 -36.32 55.59
CA THR P 36 -22.58 -36.19 54.51
C THR P 36 -22.54 -34.85 53.78
N SER P 37 -21.86 -33.87 54.35
CA SER P 37 -21.73 -32.55 53.69
C SER P 37 -20.56 -32.50 52.71
N VAL P 38 -19.68 -33.49 52.80
CA VAL P 38 -18.45 -33.50 52.01
C VAL P 38 -18.68 -33.92 50.57
N ARG P 39 -18.20 -33.08 49.66
CA ARG P 39 -18.25 -33.35 48.23
C ARG P 39 -16.86 -33.55 47.67
N VAL P 40 -16.72 -34.50 46.76
CA VAL P 40 -15.45 -34.73 46.07
C VAL P 40 -15.60 -34.84 44.57
N ILE P 41 -14.76 -34.12 43.86
CA ILE P 41 -14.73 -34.15 42.40
C ILE P 41 -13.39 -34.67 41.95
N ILE P 42 -13.40 -35.70 41.11
CA ILE P 42 -12.18 -36.20 40.53
C ILE P 42 -12.08 -35.73 39.12
N THR P 43 -10.92 -35.19 38.77
CA THR P 43 -10.69 -34.71 37.43
C THR P 43 -9.47 -35.42 36.91
N GLU P 44 -9.68 -36.21 35.86
CA GLU P 44 -8.59 -36.98 35.27
C GLU P 44 -7.83 -36.12 34.25
N MET P 45 -6.51 -36.15 34.31
CA MET P 45 -5.68 -35.48 33.29
C MET P 45 -5.05 -36.46 32.34
N ALA P 46 -5.10 -36.13 31.05
CA ALA P 46 -4.34 -36.88 30.03
C ALA P 46 -2.87 -36.67 30.25
N LYS P 47 -2.06 -37.66 29.90
CA LYS P 47 -0.63 -37.64 30.24
C LYS P 47 0.09 -36.55 29.45
N GLY P 48 -0.42 -36.26 28.26
CA GLY P 48 0.07 -35.15 27.45
C GLY P 48 -0.39 -33.76 27.87
N HIS P 49 -1.15 -33.67 28.95
CA HIS P 49 -1.71 -32.41 29.43
C HIS P 49 -1.13 -31.96 30.76
N PHE P 50 -0.14 -32.68 31.28
CA PHE P 50 0.41 -32.39 32.59
C PHE P 50 1.90 -32.24 32.49
N GLY P 51 2.38 -31.09 32.90
CA GLY P 51 3.81 -30.76 32.82
C GLY P 51 4.45 -30.64 34.19
N ILE P 52 5.67 -31.13 34.28
CA ILE P 52 6.54 -30.89 35.42
C ILE P 52 7.87 -30.41 34.89
N GLY P 53 8.36 -29.32 35.43
CA GLY P 53 9.60 -28.73 34.92
C GLY P 53 9.58 -28.44 33.42
N GLY P 54 8.40 -28.16 32.86
CA GLY P 54 8.28 -27.85 31.43
C GLY P 54 8.22 -29.06 30.50
N GLU P 55 8.18 -30.27 31.07
CA GLU P 55 8.21 -31.52 30.31
C GLU P 55 7.05 -32.42 30.71
N LEU P 56 6.54 -33.21 29.77
CA LEU P 56 5.24 -33.97 29.93
C LEU P 56 4.65 -35.03 30.89
N ALA P 57 5.31 -35.24 31.97
CA ALA P 57 4.98 -36.46 32.74
C ALA P 57 5.21 -37.77 31.95
N SER P 58 5.63 -37.62 30.67
CA SER P 58 5.97 -38.73 29.75
C SER P 58 7.38 -38.57 29.21
N PRO Q 1 -8.37 -18.44 25.67
CA PRO Q 1 -7.40 -19.04 26.61
C PRO Q 1 -7.32 -18.34 27.95
N ILE Q 2 -7.53 -19.09 29.03
CA ILE Q 2 -7.65 -18.55 30.39
C ILE Q 2 -6.75 -19.30 31.32
N ALA Q 3 -5.80 -18.62 31.93
CA ALA Q 3 -4.83 -19.28 32.81
C ALA Q 3 -5.02 -18.86 34.25
N GLN Q 4 -5.03 -19.82 35.16
CA GLN Q 4 -5.06 -19.53 36.59
C GLN Q 4 -3.76 -20.04 37.17
N ILE Q 5 -3.06 -19.18 37.91
CA ILE Q 5 -1.77 -19.55 38.47
C ILE Q 5 -1.77 -19.45 39.98
N HIS Q 6 -1.54 -20.58 40.65
CA HIS Q 6 -1.51 -20.56 42.12
C HIS Q 6 -0.09 -20.39 42.54
N ILE Q 7 0.17 -19.39 43.35
CA ILE Q 7 1.53 -19.13 43.84
C ILE Q 7 1.50 -18.84 45.31
N LEU Q 8 2.64 -19.09 45.95
CA LEU Q 8 2.79 -18.70 47.35
C LEU Q 8 2.74 -17.19 47.51
N GLU Q 9 2.06 -16.74 48.55
CA GLU Q 9 2.02 -15.33 48.88
C GLU Q 9 3.43 -14.84 49.20
N GLY Q 10 3.65 -13.55 49.03
CA GLY Q 10 4.92 -12.94 49.41
C GLY Q 10 5.61 -12.07 48.37
N ARG Q 11 5.10 -12.08 47.14
CA ARG Q 11 5.76 -11.41 46.03
CA ARG Q 11 5.75 -11.40 46.05
C ARG Q 11 5.22 -9.97 45.92
N SER Q 12 5.97 -9.12 45.24
CA SER Q 12 5.58 -7.71 45.03
C SER Q 12 4.57 -7.57 43.89
N ASP Q 13 3.86 -6.46 43.87
CA ASP Q 13 2.95 -6.15 42.79
C ASP Q 13 3.64 -6.12 41.44
N GLU Q 14 4.91 -5.71 41.41
CA GLU Q 14 5.64 -5.58 40.15
C GLU Q 14 5.92 -6.96 39.59
N GLN Q 15 6.44 -7.84 40.44
CA GLN Q 15 6.70 -9.22 40.04
C GLN Q 15 5.48 -9.91 39.44
N LYS Q 16 4.34 -9.66 40.06
CA LYS Q 16 3.09 -10.25 39.60
C LYS Q 16 2.63 -9.65 38.30
N GLU Q 17 2.79 -8.34 38.13
CA GLU Q 17 2.50 -7.69 36.88
C GLU Q 17 3.36 -8.32 35.76
N THR Q 18 4.61 -8.59 36.08
CA THR Q 18 5.53 -9.19 35.12
C THR Q 18 5.08 -10.61 34.78
N LEU Q 19 4.74 -11.37 35.82
CA LEU Q 19 4.21 -12.71 35.64
C LEU Q 19 3.03 -12.73 34.67
N ILE Q 20 2.10 -11.82 34.89
CA ILE Q 20 0.94 -11.76 34.02
C ILE Q 20 1.33 -11.49 32.58
N ARG Q 21 2.20 -10.53 32.37
CA ARG Q 21 2.60 -10.17 31.01
C ARG Q 21 3.35 -11.31 30.33
N GLU Q 22 4.38 -11.82 30.99
CA GLU Q 22 5.25 -12.84 30.40
C GLU Q 22 4.49 -14.12 30.06
N VAL Q 23 3.59 -14.53 30.95
CA VAL Q 23 2.77 -15.70 30.72
C VAL Q 23 1.80 -15.42 29.61
N SER Q 24 1.14 -14.26 29.64
CA SER Q 24 0.18 -13.95 28.58
C SER Q 24 0.86 -14.04 27.22
N GLU Q 25 2.10 -13.54 27.15
CA GLU Q 25 2.88 -13.53 25.91
C GLU Q 25 3.20 -14.95 25.49
N ALA Q 26 3.70 -15.73 26.42
CA ALA Q 26 4.04 -17.12 26.14
C ALA Q 26 2.84 -17.93 25.60
N ILE Q 27 1.65 -17.65 26.12
CA ILE Q 27 0.44 -18.29 25.64
C ILE Q 27 0.14 -17.87 24.21
N SER Q 28 0.14 -16.57 23.98
CA SER Q 28 -0.12 -16.03 22.64
C SER Q 28 0.85 -16.61 21.59
N ARG Q 29 2.13 -16.62 21.94
CA ARG Q 29 3.16 -17.14 21.05
C ARG Q 29 2.88 -18.58 20.75
N SER Q 30 2.75 -19.38 21.82
CA SER Q 30 2.65 -20.83 21.71
C SER Q 30 1.45 -21.34 20.89
N LEU Q 31 0.33 -20.62 20.98
CA LEU Q 31 -0.89 -21.06 20.34
C LEU Q 31 -1.28 -20.22 19.16
N ASP Q 32 -0.40 -19.30 18.78
CA ASP Q 32 -0.69 -18.37 17.69
C ASP Q 32 -2.06 -17.72 17.90
N ALA Q 33 -2.33 -17.31 19.13
CA ALA Q 33 -3.62 -16.73 19.46
C ALA Q 33 -3.42 -15.27 19.75
N PRO Q 34 -4.44 -14.46 19.47
CA PRO Q 34 -4.28 -13.00 19.69
C PRO Q 34 -4.09 -12.67 21.17
N LEU Q 35 -3.03 -11.93 21.47
CA LEU Q 35 -2.69 -11.55 22.84
C LEU Q 35 -3.88 -10.97 23.61
N THR Q 36 -4.74 -10.21 22.96
CA THR Q 36 -5.84 -9.53 23.67
C THR Q 36 -6.96 -10.46 24.15
N SER Q 37 -7.01 -11.69 23.66
CA SER Q 37 -7.99 -12.68 24.12
C SER Q 37 -7.55 -13.41 25.41
N VAL Q 38 -6.26 -13.32 25.72
CA VAL Q 38 -5.67 -14.05 26.85
C VAL Q 38 -6.03 -13.43 28.20
N ARG Q 39 -6.58 -14.28 29.08
CA ARG Q 39 -6.89 -13.91 30.46
C ARG Q 39 -5.99 -14.65 31.42
N VAL Q 40 -5.53 -13.95 32.45
CA VAL Q 40 -4.73 -14.57 33.48
C VAL Q 40 -5.25 -14.21 34.86
N ILE Q 41 -5.38 -15.23 35.70
CA ILE Q 41 -5.77 -15.05 37.06
C ILE Q 41 -4.62 -15.51 37.93
N ILE Q 42 -4.22 -14.65 38.85
CA ILE Q 42 -3.28 -15.05 39.90
C ILE Q 42 -4.04 -15.31 41.20
N THR Q 43 -3.76 -16.45 41.81
CA THR Q 43 -4.36 -16.81 43.07
C THR Q 43 -3.21 -17.03 44.06
N GLU Q 44 -3.13 -16.17 45.07
CA GLU Q 44 -2.10 -16.30 46.08
C GLU Q 44 -2.51 -17.30 47.14
N MET Q 45 -1.60 -18.18 47.51
CA MET Q 45 -1.87 -19.09 48.63
C MET Q 45 -1.11 -18.68 49.88
N ALA Q 46 -1.78 -18.73 51.03
CA ALA Q 46 -1.10 -18.60 52.31
C ALA Q 46 -0.18 -19.79 52.52
N LYS Q 47 0.90 -19.60 53.27
CA LYS Q 47 1.93 -20.65 53.41
C LYS Q 47 1.38 -21.85 54.20
N GLY Q 48 0.44 -21.56 55.09
CA GLY Q 48 -0.25 -22.58 55.87
C GLY Q 48 -1.39 -23.26 55.14
N HIS Q 49 -1.59 -22.93 53.87
CA HIS Q 49 -2.62 -23.53 53.06
C HIS Q 49 -2.13 -24.38 51.90
N PHE Q 50 -0.82 -24.60 51.81
CA PHE Q 50 -0.26 -25.38 50.73
C PHE Q 50 0.58 -26.52 51.27
N GLY Q 51 0.22 -27.73 50.88
CA GLY Q 51 0.90 -28.94 51.34
C GLY Q 51 1.69 -29.61 50.23
N ILE Q 52 2.85 -30.13 50.59
CA ILE Q 52 3.60 -31.05 49.75
C ILE Q 52 3.94 -32.27 50.60
N GLY Q 53 3.69 -33.46 50.07
CA GLY Q 53 3.91 -34.66 50.83
C GLY Q 53 3.24 -34.68 52.18
N GLY Q 54 2.11 -33.99 52.31
CA GLY Q 54 1.36 -33.97 53.57
C GLY Q 54 1.84 -32.99 54.62
N GLU Q 55 2.83 -32.16 54.25
CA GLU Q 55 3.46 -31.20 55.15
C GLU Q 55 3.43 -29.82 54.57
N LEU Q 56 3.34 -28.81 55.42
CA LEU Q 56 3.20 -27.44 54.94
C LEU Q 56 4.44 -27.02 54.18
N ALA Q 57 4.28 -26.09 53.25
CA ALA Q 57 5.43 -25.51 52.55
C ALA Q 57 6.11 -24.49 53.45
N SER Q 58 5.40 -24.03 54.49
CA SER Q 58 5.96 -23.12 55.50
C SER Q 58 6.94 -23.80 56.51
N LYS Q 59 7.55 -24.93 56.11
CA LYS Q 59 8.48 -25.74 56.90
C LYS Q 59 9.41 -26.19 55.72
N PRO R 1 4.55 -23.29 42.24
CA PRO R 1 3.73 -22.54 41.28
C PRO R 1 3.08 -23.53 40.34
N ILE R 2 1.75 -23.44 40.26
CA ILE R 2 0.94 -24.39 39.56
C ILE R 2 0.01 -23.64 38.64
N ALA R 3 0.09 -23.92 37.36
CA ALA R 3 -0.75 -23.20 36.39
C ALA R 3 -1.72 -24.13 35.73
N GLN R 4 -2.97 -23.71 35.61
CA GLN R 4 -3.96 -24.46 34.87
C GLN R 4 -4.40 -23.58 33.71
N ILE R 5 -4.37 -24.14 32.50
CA ILE R 5 -4.75 -23.38 31.33
C ILE R 5 -5.92 -24.02 30.62
N HIS R 6 -7.01 -23.27 30.49
CA HIS R 6 -8.16 -23.76 29.75
C HIS R 6 -8.07 -23.29 28.31
N ILE R 7 -8.11 -24.23 27.37
CA ILE R 7 -8.04 -23.90 25.96
C ILE R 7 -9.13 -24.64 25.20
N LEU R 8 -9.49 -24.10 24.06
CA LEU R 8 -10.35 -24.84 23.15
C LEU R 8 -9.67 -26.10 22.63
N GLU R 9 -10.43 -27.17 22.55
CA GLU R 9 -9.95 -28.41 21.92
C GLU R 9 -9.60 -28.15 20.46
N GLY R 10 -8.71 -28.98 19.93
CA GLY R 10 -8.40 -28.97 18.51
C GLY R 10 -6.93 -28.96 18.15
N ARG R 11 -6.07 -28.82 19.12
CA ARG R 11 -4.65 -28.62 18.84
C ARG R 11 -3.91 -29.89 18.86
N SER R 12 -2.71 -29.86 18.32
CA SER R 12 -1.88 -31.05 18.26
C SER R 12 -1.16 -31.26 19.56
N ASP R 13 -0.73 -32.49 19.79
CA ASP R 13 0.11 -32.79 20.94
C ASP R 13 1.39 -31.95 20.98
N GLU R 14 1.93 -31.60 19.82
CA GLU R 14 3.21 -30.88 19.77
C GLU R 14 2.99 -29.46 20.26
N GLN R 15 1.94 -28.80 19.74
CA GLN R 15 1.60 -27.46 20.18
C GLN R 15 1.42 -27.37 21.68
N LYS R 16 0.78 -28.38 22.25
CA LYS R 16 0.53 -28.42 23.68
C LYS R 16 1.79 -28.68 24.48
N GLU R 17 2.66 -29.54 23.98
CA GLU R 17 3.97 -29.75 24.57
C GLU R 17 4.76 -28.42 24.59
N THR R 18 4.67 -27.65 23.51
CA THR R 18 5.32 -26.38 23.43
C THR R 18 4.71 -25.41 24.45
N LEU R 19 3.38 -25.36 24.50
CA LEU R 19 2.66 -24.52 25.47
C LEU R 19 3.15 -24.77 26.88
N ILE R 20 3.25 -26.04 27.23
CA ILE R 20 3.70 -26.39 28.55
C ILE R 20 5.09 -25.84 28.82
N ARG R 21 6.00 -26.03 27.86
CA ARG R 21 7.39 -25.65 28.07
C ARG R 21 7.51 -24.14 28.19
N GLU R 22 6.94 -23.43 27.23
CA GLU R 22 7.10 -21.99 27.15
C GLU R 22 6.47 -21.27 28.33
N VAL R 23 5.32 -21.75 28.76
CA VAL R 23 4.68 -21.21 29.93
C VAL R 23 5.49 -21.54 31.19
N SER R 24 5.94 -22.78 31.31
CA SER R 24 6.76 -23.17 32.47
C SER R 24 7.99 -22.26 32.58
N GLU R 25 8.62 -21.99 31.45
CA GLU R 25 9.80 -21.12 31.39
C GLU R 25 9.44 -19.71 31.81
N ALA R 26 8.36 -19.16 31.25
CA ALA R 26 7.93 -17.80 31.57
C ALA R 26 7.66 -17.63 33.06
N ILE R 27 7.11 -18.65 33.68
CA ILE R 27 6.86 -18.62 35.10
C ILE R 27 8.18 -18.59 35.87
N SER R 28 9.07 -19.52 35.52
CA SER R 28 10.38 -19.60 36.19
C SER R 28 11.16 -18.30 36.08
N ARG R 29 11.18 -17.73 34.88
CA ARG R 29 11.84 -16.45 34.65
C ARG R 29 11.22 -15.37 35.51
N SER R 30 9.90 -15.20 35.40
CA SER R 30 9.18 -14.09 36.02
C SER R 30 9.27 -14.05 37.54
N LEU R 31 9.30 -15.22 38.18
CA LEU R 31 9.30 -15.31 39.63
C LEU R 31 10.63 -15.71 40.21
N ASP R 32 11.64 -15.83 39.36
CA ASP R 32 12.94 -16.32 39.80
C ASP R 32 12.78 -17.59 40.61
N ALA R 33 11.93 -18.49 40.12
CA ALA R 33 11.68 -19.75 40.80
C ALA R 33 12.30 -20.88 40.00
N PRO R 34 12.73 -21.95 40.68
CA PRO R 34 13.36 -23.05 39.96
C PRO R 34 12.38 -23.74 38.98
N LEU R 35 12.81 -23.87 37.72
CA LEU R 35 11.99 -24.48 36.68
C LEU R 35 11.39 -25.83 37.08
N THR R 36 12.13 -26.65 37.83
CA THR R 36 11.67 -27.99 38.17
C THR R 36 10.50 -28.04 39.16
N SER R 37 10.21 -26.94 39.84
CA SER R 37 9.06 -26.87 40.76
C SER R 37 7.74 -26.52 40.05
N VAL R 38 7.85 -26.01 38.81
CA VAL R 38 6.70 -25.54 38.07
C VAL R 38 5.83 -26.68 37.50
N ARG R 39 4.55 -26.64 37.81
CA ARG R 39 3.58 -27.56 37.31
C ARG R 39 2.63 -26.85 36.37
N VAL R 40 2.28 -27.50 35.27
CA VAL R 40 1.27 -26.99 34.38
C VAL R 40 0.22 -28.05 34.06
N ILE R 41 -1.04 -27.64 34.11
CA ILE R 41 -2.14 -28.48 33.72
C ILE R 41 -2.84 -27.83 32.55
N ILE R 42 -3.04 -28.61 31.50
CA ILE R 42 -3.86 -28.17 30.38
C ILE R 42 -5.22 -28.82 30.45
N THR R 43 -6.26 -28.03 30.32
CA THR R 43 -7.60 -28.53 30.35
C THR R 43 -8.27 -28.10 29.04
N GLU R 44 -8.62 -29.09 28.23
CA GLU R 44 -9.24 -28.80 26.94
C GLU R 44 -10.72 -28.61 27.12
N MET R 45 -11.28 -27.59 26.50
CA MET R 45 -12.72 -27.41 26.49
C MET R 45 -13.32 -27.78 25.15
N ALA R 46 -14.45 -28.49 25.18
CA ALA R 46 -15.26 -28.71 23.98
C ALA R 46 -15.84 -27.38 23.51
N LYS R 47 -16.06 -27.24 22.22
CA LYS R 47 -16.48 -25.95 21.65
C LYS R 47 -17.89 -25.61 22.11
N GLY R 48 -18.70 -26.64 22.36
CA GLY R 48 -20.05 -26.48 22.88
C GLY R 48 -20.12 -26.25 24.37
N HIS R 49 -18.95 -26.17 25.02
CA HIS R 49 -18.88 -25.95 26.48
C HIS R 49 -18.31 -24.59 26.90
N PHE R 50 -18.03 -23.72 25.93
CA PHE R 50 -17.41 -22.43 26.22
C PHE R 50 -18.25 -21.32 25.67
N GLY R 51 -18.69 -20.41 26.54
CA GLY R 51 -19.56 -19.31 26.16
C GLY R 51 -18.87 -17.96 26.26
N ILE R 52 -19.14 -17.10 25.30
CA ILE R 52 -18.75 -15.69 25.35
C ILE R 52 -20.00 -14.88 25.06
N GLY R 53 -20.29 -13.93 25.90
CA GLY R 53 -21.50 -13.13 25.74
C GLY R 53 -22.76 -13.98 25.67
N GLY R 54 -22.76 -15.14 26.31
CA GLY R 54 -23.94 -16.00 26.32
C GLY R 54 -24.13 -16.91 25.12
N GLU R 55 -23.15 -16.89 24.20
CA GLU R 55 -23.21 -17.62 22.93
C GLU R 55 -21.99 -18.49 22.78
N LEU R 56 -22.16 -19.64 22.15
CA LEU R 56 -21.07 -20.58 22.06
C LEU R 56 -19.91 -20.00 21.29
N ALA R 57 -18.70 -20.46 21.56
CA ALA R 57 -17.54 -20.09 20.75
C ALA R 57 -17.54 -20.86 19.42
N SER R 58 -18.31 -21.94 19.37
CA SER R 58 -18.49 -22.74 18.14
C SER R 58 -19.35 -22.06 17.03
N LYS R 59 -19.32 -20.74 16.97
CA LYS R 59 -19.67 -20.06 15.71
C LYS R 59 -18.99 -18.72 15.61
N PRO S 1 40.13 18.19 -26.24
CA PRO S 1 38.79 18.82 -26.10
C PRO S 1 38.81 20.16 -25.36
N ILE S 2 38.30 21.20 -26.02
CA ILE S 2 38.40 22.57 -25.56
C ILE S 2 37.03 23.21 -25.58
N ALA S 3 36.53 23.64 -24.43
CA ALA S 3 35.18 24.21 -24.34
C ALA S 3 35.23 25.68 -24.00
N GLN S 4 34.49 26.50 -24.74
CA GLN S 4 34.33 27.90 -24.42
C GLN S 4 32.87 28.11 -24.05
N ILE S 5 32.64 28.72 -22.89
CA ILE S 5 31.28 28.93 -22.42
C ILE S 5 31.01 30.42 -22.24
N HIS S 6 30.04 30.94 -22.98
CA HIS S 6 29.65 32.33 -22.83
C HIS S 6 28.51 32.39 -21.82
N ILE S 7 28.68 33.19 -20.79
CA ILE S 7 27.65 33.37 -19.77
C ILE S 7 27.48 34.83 -19.45
N LEU S 8 26.29 35.17 -18.96
CA LEU S 8 26.07 36.53 -18.48
C LEU S 8 26.94 36.80 -17.28
N GLU S 9 27.47 38.01 -17.22
CA GLU S 9 28.22 38.46 -16.06
C GLU S 9 27.31 38.45 -14.82
N GLY S 10 27.90 38.33 -13.64
CA GLY S 10 27.17 38.46 -12.41
C GLY S 10 27.35 37.36 -11.40
N ARG S 11 28.05 36.29 -11.78
CA ARG S 11 28.19 35.13 -10.93
C ARG S 11 29.45 35.21 -10.07
N SER S 12 29.50 34.41 -9.01
CA SER S 12 30.62 34.44 -8.07
C SER S 12 31.77 33.61 -8.61
N ASP S 13 32.96 33.87 -8.10
CA ASP S 13 34.12 33.06 -8.44
C ASP S 13 33.92 31.58 -8.11
N GLU S 14 33.16 31.28 -7.07
CA GLU S 14 32.96 29.89 -6.64
C GLU S 14 32.09 29.16 -7.64
N GLN S 15 30.98 29.79 -8.02
CA GLN S 15 30.10 29.23 -9.02
C GLN S 15 30.84 28.89 -10.31
N LYS S 16 31.74 29.78 -10.71
CA LYS S 16 32.49 29.60 -11.94
C LYS S 16 33.52 28.50 -11.82
N GLU S 17 34.15 28.41 -10.67
CA GLU S 17 35.06 27.31 -10.38
C GLU S 17 34.30 25.98 -10.49
N THR S 18 33.08 25.96 -9.97
CA THR S 18 32.25 24.76 -10.01
C THR S 18 31.88 24.43 -11.45
N LEU S 19 31.46 25.45 -12.20
CA LEU S 19 31.16 25.29 -13.61
C LEU S 19 32.31 24.62 -14.36
N ILE S 20 33.53 25.12 -14.14
CA ILE S 20 34.70 24.58 -14.82
C ILE S 20 34.90 23.12 -14.48
N ARG S 21 34.79 22.78 -13.20
CA ARG S 21 35.00 21.41 -12.78
C ARG S 21 33.95 20.47 -13.33
N GLU S 22 32.69 20.80 -13.12
CA GLU S 22 31.57 19.94 -13.51
C GLU S 22 31.52 19.71 -15.02
N VAL S 23 31.76 20.76 -15.79
CA VAL S 23 31.77 20.64 -17.24
C VAL S 23 32.97 19.82 -17.67
N SER S 24 34.13 20.09 -17.10
CA SER S 24 35.32 19.31 -17.44
C SER S 24 35.08 17.80 -17.20
N GLU S 25 34.44 17.48 -16.07
CA GLU S 25 34.13 16.10 -15.66
C GLU S 25 33.13 15.51 -16.69
N ALA S 26 32.06 16.22 -16.98
CA ALA S 26 31.07 15.75 -17.98
C ALA S 26 31.70 15.45 -19.35
N ILE S 27 32.64 16.29 -19.79
CA ILE S 27 33.34 16.07 -21.06
C ILE S 27 34.17 14.78 -20.99
N SER S 28 34.97 14.65 -19.93
CA SER S 28 35.79 13.47 -19.74
C SER S 28 34.97 12.19 -19.72
N ARG S 29 33.87 12.22 -18.98
CA ARG S 29 32.99 11.07 -18.87
C ARG S 29 32.44 10.72 -20.24
N SER S 30 31.82 11.72 -20.89
CA SER S 30 31.10 11.51 -22.13
C SER S 30 31.95 10.97 -23.29
N LEU S 31 33.20 11.37 -23.35
CA LEU S 31 34.07 11.03 -24.48
C LEU S 31 35.12 10.03 -24.10
N ASP S 32 35.05 9.52 -22.87
CA ASP S 32 36.07 8.63 -22.37
C ASP S 32 37.47 9.21 -22.61
N ALA S 33 37.62 10.50 -22.35
CA ALA S 33 38.89 11.17 -22.58
C ALA S 33 39.50 11.50 -21.23
N PRO S 34 40.83 11.52 -21.17
CA PRO S 34 41.48 11.84 -19.90
C PRO S 34 41.15 13.26 -19.41
N LEU S 35 40.71 13.36 -18.16
CA LEU S 35 40.34 14.64 -17.55
C LEU S 35 41.41 15.71 -17.71
N THR S 36 42.68 15.35 -17.63
CA THR S 36 43.75 16.34 -17.65
C THR S 36 43.98 17.01 -19.01
N SER S 37 43.42 16.45 -20.08
CA SER S 37 43.52 17.07 -21.42
C SER S 37 42.45 18.15 -21.65
N VAL S 38 41.41 18.14 -20.82
CA VAL S 38 40.25 19.03 -21.01
C VAL S 38 40.54 20.48 -20.60
N ARG S 39 40.27 21.39 -21.52
CA ARG S 39 40.42 22.80 -21.30
C ARG S 39 39.06 23.47 -21.31
N VAL S 40 38.85 24.42 -20.41
CA VAL S 40 37.62 25.20 -20.39
C VAL S 40 37.90 26.69 -20.30
N ILE S 41 37.23 27.44 -21.14
CA ILE S 41 37.34 28.89 -21.13
C ILE S 41 35.98 29.46 -20.82
N ILE S 42 35.92 30.32 -19.81
CA ILE S 42 34.69 31.05 -19.50
C ILE S 42 34.82 32.47 -20.02
N THR S 43 33.80 32.91 -20.75
CA THR S 43 33.77 34.24 -21.30
C THR S 43 32.52 34.90 -20.77
N GLU S 44 32.70 35.94 -19.96
CA GLU S 44 31.58 36.67 -19.37
C GLU S 44 31.07 37.71 -20.36
N MET S 45 29.77 37.76 -20.60
CA MET S 45 29.23 38.84 -21.51
C MET S 45 28.44 39.88 -20.63
N ALA S 46 28.70 41.15 -20.93
CA ALA S 46 27.98 42.25 -20.30
C ALA S 46 26.51 42.16 -20.71
N LYS S 47 25.60 42.63 -19.87
CA LYS S 47 24.16 42.45 -20.12
C LYS S 47 23.70 43.27 -21.33
N GLY S 48 24.39 44.39 -21.57
CA GLY S 48 24.19 45.20 -22.75
C GLY S 48 24.81 44.69 -24.05
N HIS S 49 25.47 43.53 -23.98
CA HIS S 49 26.15 42.94 -25.15
C HIS S 49 25.50 41.65 -25.66
N PHE S 50 24.37 41.25 -25.09
CA PHE S 50 23.75 40.00 -25.43
C PHE S 50 22.32 40.23 -25.83
N GLY S 51 21.97 39.83 -27.05
CA GLY S 51 20.66 40.03 -27.62
C GLY S 51 19.88 38.73 -27.80
N ILE S 52 18.58 38.79 -27.50
CA ILE S 52 17.66 37.72 -27.82
C ILE S 52 16.49 38.35 -28.55
N GLY S 53 16.12 37.80 -29.69
CA GLY S 53 15.08 38.39 -30.50
C GLY S 53 15.31 39.84 -30.85
N GLY S 54 16.56 40.26 -30.96
CA GLY S 54 16.89 41.66 -31.29
C GLY S 54 16.83 42.67 -30.13
N GLU S 55 16.59 42.16 -28.92
CA GLU S 55 16.44 42.99 -27.72
C GLU S 55 17.40 42.53 -26.63
N LEU S 56 17.87 43.45 -25.82
CA LEU S 56 18.88 43.13 -24.82
C LEU S 56 18.35 42.14 -23.82
N ALA S 57 19.23 41.36 -23.21
CA ALA S 57 18.84 40.49 -22.10
C ALA S 57 18.66 41.32 -20.81
N SER S 58 19.19 42.55 -20.81
CA SER S 58 18.90 43.54 -19.71
C SER S 58 17.42 43.96 -19.49
N LYS S 59 16.66 43.74 -20.54
CA LYS S 59 15.29 44.19 -20.69
C LYS S 59 14.40 42.98 -21.00
N VAL S 60 14.81 41.77 -20.59
CA VAL S 60 13.98 40.54 -20.65
C VAL S 60 14.18 39.67 -19.40
N PRO T 1 23.34 30.98 -21.38
CA PRO T 1 24.61 30.23 -21.44
C PRO T 1 24.77 29.38 -22.70
N ILE T 2 25.86 29.63 -23.41
CA ILE T 2 26.12 29.02 -24.71
C ILE T 2 27.51 28.40 -24.71
N ALA T 3 27.59 27.09 -24.92
CA ALA T 3 28.88 26.40 -24.91
C ALA T 3 29.25 25.90 -26.29
N GLN T 4 30.49 26.15 -26.71
CA GLN T 4 31.01 25.57 -27.92
C GLN T 4 32.13 24.62 -27.53
N ILE T 5 32.08 23.39 -28.01
CA ILE T 5 33.08 22.41 -27.68
C ILE T 5 33.81 21.93 -28.93
N HIS T 6 35.13 22.11 -28.97
CA HIS T 6 35.90 21.61 -30.08
C HIS T 6 36.42 20.25 -29.71
N ILE T 7 36.13 19.25 -30.55
CA ILE T 7 36.62 17.90 -30.34
C ILE T 7 37.19 17.31 -31.62
N LEU T 8 38.08 16.34 -31.47
CA LEU T 8 38.56 15.60 -32.62
C LEU T 8 37.45 14.82 -33.26
N GLU T 9 37.44 14.82 -34.59
CA GLU T 9 36.50 13.99 -35.32
C GLU T 9 36.73 12.52 -34.97
N GLY T 10 35.69 11.71 -35.14
CA GLY T 10 35.82 10.26 -35.02
C GLY T 10 34.78 9.58 -34.17
N ARG T 11 33.95 10.36 -33.48
CA ARG T 11 33.06 9.81 -32.47
C ARG T 11 31.71 9.56 -33.09
N SER T 12 30.91 8.75 -32.42
CA SER T 12 29.61 8.36 -32.91
C SER T 12 28.59 9.43 -32.59
N ASP T 13 27.49 9.41 -33.31
CA ASP T 13 26.39 10.30 -33.02
C ASP T 13 25.87 10.13 -31.59
N GLU T 14 25.90 8.92 -31.07
CA GLU T 14 25.35 8.64 -29.74
C GLU T 14 26.24 9.31 -28.69
N GLN T 15 27.54 9.12 -28.82
CA GLN T 15 28.50 9.75 -27.91
C GLN T 15 28.34 11.26 -27.85
N LYS T 16 28.10 11.85 -29.01
CA LYS T 16 27.92 13.29 -29.12
C LYS T 16 26.60 13.76 -28.54
N GLU T 17 25.55 12.98 -28.74
CA GLU T 17 24.26 13.24 -28.10
C GLU T 17 24.42 13.22 -26.57
N THR T 18 25.18 12.26 -26.07
CA THR T 18 25.46 12.16 -24.65
C THR T 18 26.25 13.35 -24.15
N LEU T 19 27.30 13.70 -24.87
CA LEU T 19 28.08 14.89 -24.57
C LEU T 19 27.20 16.12 -24.41
N ILE T 20 26.31 16.34 -25.37
CA ILE T 20 25.45 17.49 -25.32
C ILE T 20 24.59 17.48 -24.07
N ARG T 21 24.00 16.35 -23.76
CA ARG T 21 23.11 16.25 -22.61
C ARG T 21 23.87 16.47 -21.31
N GLU T 22 24.95 15.72 -21.12
CA GLU T 22 25.70 15.75 -19.87
C GLU T 22 26.31 17.12 -19.59
N VAL T 23 26.81 17.76 -20.64
CA VAL T 23 27.35 19.10 -20.49
C VAL T 23 26.23 20.09 -20.19
N SER T 24 25.13 20.00 -20.93
CA SER T 24 24.01 20.91 -20.70
C SER T 24 23.53 20.81 -19.24
N GLU T 25 23.46 19.58 -18.72
CA GLU T 25 23.07 19.31 -17.33
C GLU T 25 24.08 19.94 -16.36
N ALA T 26 25.37 19.68 -16.58
CA ALA T 26 26.40 20.25 -15.72
C ALA T 26 26.37 21.77 -15.66
N ILE T 27 26.07 22.41 -16.79
CA ILE T 27 25.96 23.85 -16.83
C ILE T 27 24.76 24.31 -15.97
N SER T 28 23.61 23.70 -16.21
CA SER T 28 22.39 24.06 -15.48
C SER T 28 22.59 23.89 -13.98
N ARG T 29 23.18 22.77 -13.58
CA ARG T 29 23.47 22.48 -12.17
C ARG T 29 24.38 23.57 -11.60
N SER T 30 25.52 23.77 -12.25
CA SER T 30 26.56 24.64 -11.74
C SER T 30 26.16 26.10 -11.57
N LEU T 31 25.30 26.60 -12.44
CA LEU T 31 24.92 28.02 -12.44
C LEU T 31 23.51 28.24 -11.97
N ASP T 32 22.86 27.18 -11.51
CA ASP T 32 21.46 27.27 -11.12
C ASP T 32 20.66 27.99 -12.20
N ALA T 33 20.91 27.62 -13.46
CA ALA T 33 20.21 28.21 -14.59
C ALA T 33 19.26 27.18 -15.21
N PRO T 34 18.16 27.65 -15.77
CA PRO T 34 17.17 26.70 -16.31
C PRO T 34 17.75 25.92 -17.49
N LEU T 35 17.65 24.60 -17.42
CA LEU T 35 18.17 23.73 -18.45
C LEU T 35 17.77 24.14 -19.87
N THR T 36 16.54 24.61 -20.05
CA THR T 36 16.03 24.91 -21.39
C THR T 36 16.65 26.13 -22.05
N SER T 37 17.36 26.95 -21.28
CA SER T 37 18.08 28.12 -21.84
C SER T 37 19.48 27.75 -22.38
N VAL T 38 19.98 26.58 -21.99
CA VAL T 38 21.33 26.16 -22.34
C VAL T 38 21.47 25.69 -23.80
N ARG T 39 22.42 26.30 -24.51
CA ARG T 39 22.76 25.92 -25.86
C ARG T 39 24.14 25.30 -25.90
N VAL T 40 24.28 24.25 -26.70
CA VAL T 40 25.58 23.63 -26.92
C VAL T 40 25.86 23.46 -28.40
N ILE T 41 27.06 23.84 -28.79
CA ILE T 41 27.53 23.63 -30.15
C ILE T 41 28.73 22.71 -30.11
N ILE T 42 28.69 21.66 -30.91
CA ILE T 42 29.83 20.81 -31.11
C ILE T 42 30.50 21.15 -32.44
N THR T 43 31.80 21.32 -32.40
CA THR T 43 32.57 21.59 -33.58
C THR T 43 33.63 20.51 -33.68
N GLU T 44 33.52 19.68 -34.72
CA GLU T 44 34.48 18.61 -34.93
C GLU T 44 35.71 19.14 -35.66
N MET T 45 36.90 18.78 -35.20
CA MET T 45 38.12 19.13 -35.90
C MET T 45 38.69 17.93 -36.62
N ALA T 46 39.14 18.14 -37.85
CA ALA T 46 39.93 17.14 -38.57
C ALA T 46 41.26 16.97 -37.87
N LYS T 47 41.84 15.78 -37.98
CA LYS T 47 43.06 15.45 -37.23
C LYS T 47 44.27 16.23 -37.76
N GLY T 48 44.23 16.54 -39.06
CA GLY T 48 45.20 17.42 -39.68
C GLY T 48 45.02 18.92 -39.42
N HIS T 49 44.03 19.30 -38.62
CA HIS T 49 43.73 20.70 -38.34
C HIS T 49 43.97 21.12 -36.91
N PHE T 50 44.52 20.21 -36.10
CA PHE T 50 44.71 20.49 -34.69
C PHE T 50 46.15 20.24 -34.34
N GLY T 51 46.80 21.27 -33.81
CA GLY T 51 48.20 21.21 -33.45
C GLY T 51 48.44 21.29 -31.95
N ILE T 52 49.41 20.51 -31.47
CA ILE T 52 49.91 20.61 -30.10
C ILE T 52 51.41 20.69 -30.20
N GLY T 53 52.00 21.68 -29.56
CA GLY T 53 53.42 21.91 -29.66
C GLY T 53 53.93 22.04 -31.08
N GLY T 54 53.09 22.55 -31.97
CA GLY T 54 53.47 22.77 -33.38
C GLY T 54 53.37 21.55 -34.28
N GLU T 55 52.86 20.45 -33.74
CA GLU T 55 52.80 19.17 -34.44
C GLU T 55 51.38 18.65 -34.44
N LEU T 56 51.00 17.96 -35.49
CA LEU T 56 49.63 17.51 -35.62
C LEU T 56 49.25 16.53 -34.53
N ALA T 57 47.94 16.46 -34.29
CA ALA T 57 47.28 15.56 -33.31
C ALA T 57 48.20 15.02 -32.24
N PRO U 1 42.50 35.48 -44.13
CA PRO U 1 42.94 34.73 -42.93
C PRO U 1 42.85 35.53 -41.62
N ILE U 2 42.12 34.98 -40.64
CA ILE U 2 41.80 35.67 -39.42
C ILE U 2 42.16 34.78 -38.26
N ALA U 3 43.04 35.23 -37.39
CA ALA U 3 43.44 34.44 -36.25
C ALA U 3 42.99 35.04 -34.92
N GLN U 4 42.44 34.22 -34.03
CA GLN U 4 42.10 34.66 -32.70
C GLN U 4 42.94 33.86 -31.74
N ILE U 5 43.61 34.55 -30.83
CA ILE U 5 44.50 33.89 -29.89
C ILE U 5 44.08 34.16 -28.47
N HIS U 6 43.74 33.11 -27.74
CA HIS U 6 43.40 33.27 -26.35
C HIS U 6 44.64 33.07 -25.52
N ILE U 7 44.96 34.05 -24.67
CA ILE U 7 46.10 33.95 -23.79
C ILE U 7 45.75 34.36 -22.39
N LEU U 8 46.52 33.87 -21.42
CA LEU U 8 46.37 34.35 -20.05
C LEU U 8 46.74 35.83 -19.93
N GLU U 9 45.96 36.56 -19.14
CA GLU U 9 46.26 37.96 -18.89
C GLU U 9 47.60 38.05 -18.16
N GLY U 10 48.26 39.20 -18.28
CA GLY U 10 49.47 39.46 -17.54
C GLY U 10 50.66 39.95 -18.33
N ARG U 11 50.56 39.96 -19.65
CA ARG U 11 51.68 40.30 -20.52
C ARG U 11 51.68 41.78 -20.84
N SER U 12 52.81 42.28 -21.29
CA SER U 12 52.96 43.71 -21.59
C SER U 12 52.43 44.03 -22.96
N ASP U 13 52.12 45.29 -23.19
CA ASP U 13 51.68 45.74 -24.51
C ASP U 13 52.71 45.43 -25.61
N GLU U 14 54.00 45.45 -25.26
CA GLU U 14 55.07 45.22 -26.25
C GLU U 14 55.07 43.77 -26.67
N GLN U 15 55.02 42.87 -25.69
CA GLN U 15 54.94 41.43 -25.98
C GLN U 15 53.78 41.09 -26.90
N LYS U 16 52.64 41.72 -26.65
CA LYS U 16 51.45 41.50 -27.47
C LYS U 16 51.58 42.06 -28.88
N GLU U 17 52.18 43.24 -28.99
CA GLU U 17 52.48 43.82 -30.28
C GLU U 17 53.37 42.86 -31.08
N THR U 18 54.34 42.28 -30.40
CA THR U 18 55.27 41.34 -31.03
C THR U 18 54.51 40.10 -31.47
N LEU U 19 53.68 39.57 -30.59
CA LEU U 19 52.85 38.42 -30.89
C LEU U 19 52.07 38.65 -32.18
N ILE U 20 51.43 39.82 -32.28
CA ILE U 20 50.63 40.12 -33.45
C ILE U 20 51.46 40.10 -34.70
N ARG U 21 52.61 40.73 -34.64
CA ARG U 21 53.46 40.83 -35.81
C ARG U 21 53.97 39.45 -36.24
N GLU U 22 54.57 38.73 -35.30
CA GLU U 22 55.24 37.47 -35.59
C GLU U 22 54.27 36.42 -36.10
N VAL U 23 53.09 36.38 -35.50
CA VAL U 23 52.04 35.47 -35.96
C VAL U 23 51.53 35.90 -37.35
N SER U 24 51.28 37.18 -37.53
CA SER U 24 50.82 37.66 -38.83
C SER U 24 51.81 37.28 -39.94
N GLU U 25 53.09 37.41 -39.64
CA GLU U 25 54.16 37.05 -40.57
C GLU U 25 54.15 35.57 -40.86
N ALA U 26 54.08 34.76 -39.81
CA ALA U 26 54.08 33.31 -39.98
C ALA U 26 52.92 32.85 -40.86
N ILE U 27 51.77 33.50 -40.71
CA ILE U 27 50.60 33.15 -41.51
C ILE U 27 50.87 33.49 -42.97
N SER U 28 51.32 34.72 -43.21
CA SER U 28 51.61 35.17 -44.57
C SER U 28 52.61 34.28 -45.28
N ARG U 29 53.66 33.96 -44.56
CA ARG U 29 54.72 33.17 -45.05
C ARG U 29 54.19 31.70 -45.38
N SER U 30 53.52 31.09 -44.43
CA SER U 30 53.01 29.71 -44.57
C SER U 30 51.99 29.49 -45.70
N LEU U 31 51.15 30.48 -45.97
CA LEU U 31 50.07 30.32 -46.93
C LEU U 31 50.31 31.10 -48.20
N ASP U 32 51.49 31.69 -48.31
CA ASP U 32 51.79 32.56 -49.44
C ASP U 32 50.66 33.57 -49.65
N ALA U 33 50.17 34.16 -48.57
CA ALA U 33 49.09 35.13 -48.63
C ALA U 33 49.65 36.51 -48.33
N PRO U 34 49.07 37.55 -48.94
CA PRO U 34 49.55 38.90 -48.68
C PRO U 34 49.41 39.31 -47.20
N LEU U 35 50.51 39.77 -46.62
CA LEU U 35 50.54 40.17 -45.22
C LEU U 35 49.40 41.13 -44.84
N THR U 36 49.04 42.04 -45.73
CA THR U 36 48.05 43.08 -45.41
C THR U 36 46.61 42.57 -45.26
N SER U 37 46.34 41.34 -45.72
CA SER U 37 45.01 40.72 -45.55
C SER U 37 44.84 40.03 -44.19
N VAL U 38 45.95 39.78 -43.50
CA VAL U 38 45.95 39.04 -42.25
C VAL U 38 45.43 39.88 -41.07
N ARG U 39 44.44 39.32 -40.38
CA ARG U 39 43.89 39.90 -39.18
C ARG U 39 44.19 39.04 -37.97
N VAL U 40 44.51 39.68 -36.85
CA VAL U 40 44.75 38.96 -35.62
C VAL U 40 43.99 39.59 -34.49
N ILE U 41 43.33 38.76 -33.71
CA ILE U 41 42.64 39.18 -32.53
C ILE U 41 43.24 38.51 -31.32
N ILE U 42 43.60 39.31 -30.32
CA ILE U 42 44.05 38.77 -29.07
C ILE U 42 42.94 38.87 -28.06
N THR U 43 42.69 37.77 -27.37
CA THR U 43 41.68 37.74 -26.34
C THR U 43 42.35 37.30 -25.05
N GLU U 44 42.38 38.20 -24.07
CA GLU U 44 43.00 37.91 -22.80
C GLU U 44 42.04 37.19 -21.90
N MET U 45 42.49 36.13 -21.25
CA MET U 45 41.65 35.46 -20.26
C MET U 45 42.11 35.77 -18.85
N ALA U 46 41.15 36.02 -17.96
CA ALA U 46 41.41 36.11 -16.53
C ALA U 46 41.82 34.73 -16.03
N LYS U 47 42.66 34.69 -14.98
CA LYS U 47 43.25 33.43 -14.51
C LYS U 47 42.17 32.55 -13.87
N GLY U 48 41.14 33.19 -13.30
CA GLY U 48 39.97 32.50 -12.79
C GLY U 48 38.94 32.06 -13.83
N HIS U 49 39.23 32.29 -15.11
CA HIS U 49 38.32 31.91 -16.19
C HIS U 49 38.84 30.80 -17.10
N PHE U 50 39.99 30.21 -16.77
CA PHE U 50 40.60 29.21 -17.61
C PHE U 50 40.88 27.96 -16.81
N GLY U 51 40.31 26.85 -17.26
CA GLY U 51 40.41 25.58 -16.57
C GLY U 51 41.24 24.55 -17.34
N ILE U 52 42.05 23.79 -16.61
CA ILE U 52 42.75 22.62 -17.13
C ILE U 52 42.48 21.47 -16.20
N GLY U 53 42.04 20.36 -16.74
CA GLY U 53 41.63 19.23 -15.91
C GLY U 53 40.58 19.56 -14.86
N GLY U 54 39.73 20.55 -15.13
CA GLY U 54 38.68 20.93 -14.18
C GLY U 54 39.11 21.87 -13.06
N GLU U 55 40.36 22.31 -13.10
CA GLU U 55 40.94 23.17 -12.06
C GLU U 55 41.49 24.43 -12.66
N LEU U 56 41.44 25.51 -11.92
CA LEU U 56 41.86 26.80 -12.45
C LEU U 56 43.34 26.83 -12.81
N ALA U 57 43.69 27.74 -13.73
CA ALA U 57 45.05 28.00 -14.22
C ALA U 57 46.02 26.85 -13.95
N PRO V 1 48.17 29.14 -24.21
CA PRO V 1 47.87 29.88 -25.45
C PRO V 1 47.25 29.01 -26.55
N ILE V 2 46.07 29.42 -27.04
CA ILE V 2 45.27 28.66 -27.96
C ILE V 2 44.88 29.53 -29.13
N ALA V 3 45.29 29.14 -30.33
CA ALA V 3 45.01 29.94 -31.51
C ALA V 3 44.02 29.23 -32.42
N GLN V 4 43.02 29.96 -32.93
CA GLN V 4 42.14 29.44 -33.95
C GLN V 4 42.31 30.28 -35.18
N ILE V 5 42.54 29.63 -36.31
CA ILE V 5 42.79 30.35 -37.56
C ILE V 5 41.76 29.98 -38.60
N HIS V 6 41.01 30.97 -39.06
CA HIS V 6 40.06 30.73 -40.13
C HIS V 6 40.71 31.03 -41.45
N ILE V 7 40.69 30.06 -42.35
CA ILE V 7 41.25 30.23 -43.67
C ILE V 7 40.31 29.72 -44.72
N LEU V 8 40.45 30.25 -45.93
CA LEU V 8 39.72 29.70 -47.06
C LEU V 8 40.13 28.26 -47.33
N GLU V 9 39.16 27.44 -47.67
CA GLU V 9 39.43 26.08 -48.11
C GLU V 9 40.27 26.09 -49.39
N GLY V 10 40.99 25.00 -49.64
CA GLY V 10 41.71 24.81 -50.90
C GLY V 10 43.18 24.44 -50.78
N ARG V 11 43.73 24.50 -49.58
CA ARG V 11 45.15 24.30 -49.39
C ARG V 11 45.46 22.81 -49.16
N SER V 12 46.72 22.44 -49.31
CA SER V 12 47.16 21.06 -49.10
C SER V 12 47.39 20.77 -47.62
N ASP V 13 47.39 19.49 -47.27
CA ASP V 13 47.72 19.07 -45.91
C ASP V 13 49.11 19.51 -45.46
N GLU V 14 50.05 19.59 -46.39
CA GLU V 14 51.41 19.98 -46.06
C GLU V 14 51.46 21.46 -45.67
N GLN V 15 50.84 22.30 -46.49
CA GLN V 15 50.76 23.73 -46.19
C GLN V 15 50.20 24.00 -44.82
N LYS V 16 49.16 23.25 -44.48
CA LYS V 16 48.49 23.40 -43.19
C LYS V 16 49.34 22.92 -42.04
N GLU V 17 50.04 21.83 -42.25
CA GLU V 17 50.99 21.34 -41.27
C GLU V 17 52.07 22.42 -41.01
N THR V 18 52.53 23.07 -42.08
CA THR V 18 53.51 24.12 -41.97
C THR V 18 52.93 25.31 -41.20
N LEU V 19 51.73 25.71 -41.56
CA LEU V 19 51.03 26.77 -40.86
C LEU V 19 51.00 26.53 -39.36
N ILE V 20 50.61 25.32 -38.99
CA ILE V 20 50.53 25.00 -37.59
C ILE V 20 51.87 25.16 -36.90
N ARG V 21 52.92 24.64 -37.52
CA ARG V 21 54.23 24.68 -36.90
C ARG V 21 54.73 26.12 -36.77
N GLU V 22 54.69 26.86 -37.87
CA GLU V 22 55.26 28.19 -37.93
C GLU V 22 54.54 29.15 -36.98
N VAL V 23 53.23 29.02 -36.91
CA VAL V 23 52.45 29.83 -36.01
C VAL V 23 52.73 29.43 -34.57
N SER V 24 52.75 28.13 -34.29
CA SER V 24 53.04 27.68 -32.93
C SER V 24 54.39 28.24 -32.45
N GLU V 25 55.38 28.24 -33.35
CA GLU V 25 56.71 28.74 -33.06
C GLU V 25 56.66 30.23 -32.78
N ALA V 26 56.01 30.98 -33.67
CA ALA V 26 55.89 32.42 -33.49
C ALA V 26 55.23 32.81 -32.16
N ILE V 27 54.24 32.03 -31.72
CA ILE V 27 53.59 32.25 -30.43
C ILE V 27 54.58 32.01 -29.29
N SER V 28 55.24 30.85 -29.31
CA SER V 28 56.23 30.51 -28.28
C SER V 28 57.33 31.56 -28.17
N ARG V 29 57.86 31.98 -29.31
CA ARG V 29 58.90 33.02 -29.36
C ARG V 29 58.37 34.30 -28.73
N SER V 30 57.25 34.79 -29.25
CA SER V 30 56.72 36.10 -28.90
C SER V 30 56.35 36.25 -27.43
N LEU V 31 55.89 35.19 -26.79
CA LEU V 31 55.42 35.24 -25.42
C LEU V 31 56.34 34.57 -24.45
N ASP V 32 57.49 34.12 -24.93
CA ASP V 32 58.41 33.37 -24.11
C ASP V 32 57.65 32.25 -23.37
N ALA V 33 56.78 31.56 -24.09
CA ALA V 33 56.02 30.47 -23.50
C ALA V 33 56.51 29.14 -24.07
N PRO V 34 56.40 28.06 -23.27
CA PRO V 34 56.90 26.77 -23.75
C PRO V 34 56.11 26.28 -24.96
N LEU V 35 56.83 25.92 -26.03
CA LEU V 35 56.21 25.45 -27.27
C LEU V 35 55.18 24.36 -27.06
N THR V 36 55.42 23.46 -26.11
CA THR V 36 54.52 22.31 -25.92
C THR V 36 53.14 22.65 -25.34
N SER V 37 52.99 23.85 -24.79
CA SER V 37 51.68 24.30 -24.26
C SER V 37 50.77 24.90 -25.36
N VAL V 38 51.38 25.25 -26.49
CA VAL V 38 50.67 25.93 -27.58
C VAL V 38 49.74 24.99 -28.38
N ARG V 39 48.47 25.40 -28.48
CA ARG V 39 47.47 24.70 -29.26
C ARG V 39 47.04 25.54 -30.46
N VAL V 40 46.88 24.89 -31.60
CA VAL V 40 46.40 25.57 -32.79
C VAL V 40 45.26 24.81 -33.45
N ILE V 41 44.19 25.55 -33.78
CA ILE V 41 43.06 25.00 -34.46
C ILE V 41 42.93 25.68 -35.80
N ILE V 42 42.85 24.89 -36.85
CA ILE V 42 42.57 25.42 -38.15
C ILE V 42 41.14 25.15 -38.49
N THR V 43 40.47 26.19 -38.96
CA THR V 43 39.08 26.07 -39.37
C THR V 43 39.02 26.53 -40.83
N GLU V 44 38.68 25.60 -41.72
CA GLU V 44 38.54 25.92 -43.13
C GLU V 44 37.18 26.51 -43.45
N MET V 45 37.14 27.57 -44.22
CA MET V 45 35.86 28.13 -44.64
C MET V 45 35.60 27.82 -46.11
N ALA V 46 34.37 27.44 -46.41
CA ALA V 46 33.92 27.36 -47.81
C ALA V 46 33.91 28.76 -48.42
N LYS V 47 34.13 28.84 -49.73
CA LYS V 47 34.27 30.15 -50.39
C LYS V 47 32.93 30.90 -50.40
N GLY V 48 31.83 30.16 -50.42
CA GLY V 48 30.49 30.72 -50.29
C GLY V 48 30.06 31.10 -48.88
N HIS V 49 30.95 30.93 -47.90
CA HIS V 49 30.64 31.21 -46.50
C HIS V 49 31.43 32.36 -45.92
N PHE V 50 32.21 33.06 -46.75
CA PHE V 50 33.02 34.16 -46.30
C PHE V 50 32.74 35.42 -47.10
N GLY V 51 32.34 36.46 -46.40
CA GLY V 51 31.96 37.74 -47.01
C GLY V 51 32.92 38.87 -46.68
N ILE V 52 33.21 39.70 -47.67
CA ILE V 52 33.95 40.93 -47.49
C ILE V 52 33.14 42.02 -48.15
N GLY V 53 32.90 43.09 -47.41
CA GLY V 53 32.04 44.15 -47.92
C GLY V 53 30.68 43.69 -48.38
N GLY V 54 30.16 42.63 -47.76
CA GLY V 54 28.83 42.11 -48.11
C GLY V 54 28.77 41.20 -49.34
N GLU V 55 29.92 40.89 -49.91
CA GLU V 55 30.04 40.10 -51.14
C GLU V 55 30.96 38.90 -50.92
N LEU V 56 30.66 37.80 -51.58
CA LEU V 56 31.42 36.56 -51.35
C LEU V 56 32.87 36.71 -51.75
N ALA V 57 33.70 35.86 -51.15
CA ALA V 57 35.15 35.76 -51.36
C ALA V 57 35.78 36.99 -52.00
N PRO W 1 19.98 30.19 -34.73
CA PRO W 1 21.01 31.09 -35.29
C PRO W 1 21.63 32.05 -34.26
N ILE W 2 22.95 31.98 -34.13
CA ILE W 2 23.68 32.68 -33.10
C ILE W 2 24.80 33.44 -33.76
N ALA W 3 24.80 34.75 -33.60
CA ALA W 3 25.84 35.58 -34.21
C ALA W 3 26.74 36.23 -33.16
N GLN W 4 28.05 36.18 -33.36
CA GLN W 4 29.00 36.86 -32.52
C GLN W 4 29.70 37.89 -33.36
N ILE W 5 29.70 39.13 -32.90
CA ILE W 5 30.28 40.20 -33.67
C ILE W 5 31.43 40.84 -32.89
N HIS W 6 32.64 40.79 -33.45
CA HIS W 6 33.78 41.46 -32.83
C HIS W 6 33.91 42.85 -33.40
N ILE W 7 33.91 43.85 -32.53
CA ILE W 7 34.04 45.24 -32.97
C ILE W 7 35.05 45.98 -32.12
N LEU W 8 35.64 47.01 -32.69
CA LEU W 8 36.50 47.89 -31.90
C LEU W 8 35.72 48.60 -30.83
N GLU W 9 36.33 48.70 -29.65
CA GLU W 9 35.71 49.44 -28.55
C GLU W 9 35.56 50.92 -28.97
N GLY W 10 34.61 51.61 -28.36
CA GLY W 10 34.47 53.03 -28.57
C GLY W 10 33.08 53.51 -28.94
N ARG W 11 32.15 52.60 -29.16
CA ARG W 11 30.82 52.97 -29.62
C ARG W 11 29.86 53.13 -28.45
N SER W 12 28.75 53.79 -28.71
CA SER W 12 27.78 54.10 -27.65
C SER W 12 26.87 52.93 -27.42
N ASP W 13 26.24 52.88 -26.25
CA ASP W 13 25.26 51.86 -25.95
C ASP W 13 24.12 51.85 -26.98
N GLU W 14 23.75 53.02 -27.51
CA GLU W 14 22.62 53.13 -28.46
C GLU W 14 23.00 52.50 -29.78
N GLN W 15 24.16 52.84 -30.28
CA GLN W 15 24.68 52.22 -31.49
C GLN W 15 24.70 50.70 -31.44
N LYS W 16 25.12 50.17 -30.29
CA LYS W 16 25.19 48.75 -30.07
C LYS W 16 23.82 48.11 -29.98
N GLU W 17 22.89 48.78 -29.32
CA GLU W 17 21.51 48.31 -29.28
C GLU W 17 20.93 48.24 -30.69
N THR W 18 21.24 49.22 -31.50
CA THR W 18 20.80 49.26 -32.87
C THR W 18 21.42 48.10 -33.64
N LEU W 19 22.74 47.92 -33.49
CA LEU W 19 23.47 46.84 -34.14
C LEU W 19 22.79 45.49 -33.87
N ILE W 20 22.48 45.25 -32.60
CA ILE W 20 21.82 44.02 -32.23
C ILE W 20 20.49 43.84 -32.94
N ARG W 21 19.67 44.89 -32.95
CA ARG W 21 18.36 44.81 -33.56
C ARG W 21 18.46 44.57 -35.08
N GLU W 22 19.21 45.43 -35.75
CA GLU W 22 19.28 45.42 -37.21
C GLU W 22 19.88 44.11 -37.73
N VAL W 23 20.91 43.61 -37.05
CA VAL W 23 21.49 42.33 -37.41
C VAL W 23 20.49 41.20 -37.15
N SER W 24 19.86 41.21 -35.98
CA SER W 24 18.89 40.17 -35.65
C SER W 24 17.80 40.10 -36.72
N GLU W 25 17.34 41.27 -37.16
CA GLU W 25 16.31 41.39 -38.19
C GLU W 25 16.81 40.84 -39.53
N ALA W 26 18.00 41.27 -39.94
CA ALA W 26 18.59 40.80 -41.19
C ALA W 26 18.73 39.28 -41.22
N ILE W 27 19.07 38.68 -40.08
CA ILE W 27 19.18 37.23 -39.99
C ILE W 27 17.81 36.61 -40.19
N SER W 28 16.83 37.09 -39.43
CA SER W 28 15.47 36.55 -39.51
C SER W 28 14.90 36.63 -40.92
N ARG W 29 15.10 37.79 -41.55
CA ARG W 29 14.66 38.00 -42.92
C ARG W 29 15.33 37.01 -43.85
N SER W 30 16.66 36.99 -43.83
CA SER W 30 17.46 36.22 -44.77
C SER W 30 17.21 34.71 -44.73
N LEU W 31 16.94 34.17 -43.56
CA LEU W 31 16.81 32.73 -43.37
C LEU W 31 15.38 32.32 -43.11
N ASP W 32 14.45 33.26 -43.21
CA ASP W 32 13.07 32.97 -42.92
C ASP W 32 12.95 32.25 -41.59
N ALA W 33 13.70 32.70 -40.61
CA ALA W 33 13.68 32.10 -39.28
C ALA W 33 12.97 33.04 -38.33
N PRO W 34 12.28 32.48 -37.33
CA PRO W 34 11.61 33.34 -36.35
C PRO W 34 12.58 34.27 -35.58
N LEU W 35 12.28 35.57 -35.58
CA LEU W 35 13.11 36.57 -34.91
C LEU W 35 13.44 36.20 -33.47
N THR W 36 12.52 35.58 -32.75
CA THR W 36 12.77 35.34 -31.32
C THR W 36 13.80 34.24 -31.03
N SER W 37 14.17 33.45 -32.03
CA SER W 37 15.20 32.43 -31.85
C SER W 37 16.63 32.99 -32.00
N VAL W 38 16.73 34.18 -32.59
CA VAL W 38 18.01 34.77 -32.93
C VAL W 38 18.73 35.34 -31.72
N ARG W 39 19.98 34.91 -31.56
CA ARG W 39 20.85 35.41 -30.51
C ARG W 39 21.98 36.19 -31.10
N VAL W 40 22.33 37.31 -30.47
CA VAL W 40 23.50 38.06 -30.87
C VAL W 40 24.42 38.37 -29.68
N ILE W 41 25.72 38.16 -29.89
CA ILE W 41 26.72 38.50 -28.92
C ILE W 41 27.65 39.51 -29.49
N ILE W 42 27.82 40.61 -28.76
CA ILE W 42 28.80 41.61 -29.15
C ILE W 42 30.02 41.46 -28.27
N THR W 43 31.18 41.46 -28.91
CA THR W 43 32.43 41.33 -28.21
C THR W 43 33.29 42.54 -28.60
N GLU W 44 33.56 43.42 -27.62
CA GLU W 44 34.32 44.67 -27.83
C GLU W 44 35.82 44.33 -27.79
N MET W 45 36.60 44.76 -28.79
CA MET W 45 38.05 44.57 -28.74
C MET W 45 38.75 45.86 -28.39
N ALA W 46 39.74 45.78 -27.51
CA ALA W 46 40.64 46.91 -27.24
C ALA W 46 41.48 47.19 -28.47
N LYS W 47 41.88 48.44 -28.66
CA LYS W 47 42.54 48.84 -29.92
C LYS W 47 43.92 48.22 -30.00
N GLY W 48 44.52 47.99 -28.84
CA GLY W 48 45.81 47.28 -28.74
C GLY W 48 45.73 45.77 -28.86
N HIS W 49 44.54 45.22 -29.10
CA HIS W 49 44.34 43.78 -29.22
C HIS W 49 43.95 43.32 -30.61
N PHE W 50 43.92 44.23 -31.57
CA PHE W 50 43.48 43.90 -32.89
C PHE W 50 44.54 44.29 -33.90
N GLY W 51 45.00 43.31 -34.68
CA GLY W 51 46.04 43.50 -35.67
C GLY W 51 45.55 43.38 -37.10
N ILE W 52 46.07 44.25 -37.96
CA ILE W 52 45.91 44.13 -39.40
C ILE W 52 47.28 44.22 -40.04
N GLY W 53 47.61 43.29 -40.90
CA GLY W 53 48.94 43.25 -41.49
C GLY W 53 50.06 43.23 -40.47
N GLY W 54 49.81 42.66 -39.29
CA GLY W 54 50.84 42.57 -38.24
C GLY W 54 51.04 43.83 -37.40
N GLU W 55 50.20 44.83 -37.63
CA GLU W 55 50.32 46.13 -36.97
C GLU W 55 48.99 46.50 -36.30
N LEU W 56 49.06 47.20 -35.18
CA LEU W 56 47.84 47.48 -34.41
C LEU W 56 46.88 48.35 -35.20
N ALA W 57 45.59 48.25 -34.92
CA ALA W 57 44.59 49.14 -35.54
C ALA W 57 44.62 50.51 -34.88
N SER W 58 45.22 50.58 -33.68
CA SER W 58 45.44 51.83 -32.97
C SER W 58 46.59 52.73 -33.55
N LYS W 59 46.93 52.56 -34.85
CA LYS W 59 48.03 53.27 -35.52
C LYS W 59 47.74 53.69 -36.96
N PRO X 1 35.22 45.40 -37.99
CA PRO X 1 34.07 44.58 -37.53
C PRO X 1 33.91 43.24 -38.26
N ILE X 2 33.90 42.16 -37.49
CA ILE X 2 33.96 40.81 -37.98
C ILE X 2 32.85 40.02 -37.33
N ALA X 3 31.95 39.50 -38.13
CA ALA X 3 30.83 38.74 -37.60
C ALA X 3 30.93 37.26 -37.97
N GLN X 4 30.70 36.38 -37.00
CA GLN X 4 30.60 34.96 -37.26
C GLN X 4 29.20 34.52 -36.91
N ILE X 5 28.54 33.84 -37.84
CA ILE X 5 27.16 33.44 -37.65
C ILE X 5 27.03 31.94 -37.72
N HIS X 6 26.60 31.32 -36.63
CA HIS X 6 26.37 29.91 -36.63
C HIS X 6 24.92 29.65 -36.99
N ILE X 7 24.70 28.83 -38.02
CA ILE X 7 23.35 28.47 -38.45
C ILE X 7 23.24 27.00 -38.70
N LEU X 8 22.02 26.50 -38.60
CA LEU X 8 21.79 25.11 -38.97
C LEU X 8 22.02 24.88 -40.45
N GLU X 9 22.63 23.76 -40.77
CA GLU X 9 22.83 23.38 -42.16
C GLU X 9 21.47 23.24 -42.83
N GLY X 10 21.45 23.40 -44.14
CA GLY X 10 20.26 23.08 -44.93
C GLY X 10 19.81 24.15 -45.90
N ARG X 11 20.46 25.31 -45.87
CA ARG X 11 20.03 26.44 -46.67
C ARG X 11 20.77 26.46 -48.00
N SER X 12 20.24 27.21 -48.94
CA SER X 12 20.83 27.31 -50.26
C SER X 12 21.95 28.31 -50.29
N ASP X 13 22.81 28.22 -51.30
CA ASP X 13 23.87 29.19 -51.49
C ASP X 13 23.34 30.61 -51.66
N GLU X 14 22.15 30.76 -52.26
CA GLU X 14 21.57 32.09 -52.51
C GLU X 14 21.14 32.73 -51.21
N GLN X 15 20.42 31.98 -50.39
CA GLN X 15 20.05 32.45 -49.07
C GLN X 15 21.24 32.95 -48.25
N LYS X 16 22.33 32.21 -48.33
CA LYS X 16 23.53 32.55 -47.58
C LYS X 16 24.23 33.79 -48.14
N GLU X 17 24.26 33.95 -49.48
CA GLU X 17 24.82 35.23 -50.09
C GLU X 17 23.98 36.36 -49.58
N THR X 18 22.67 36.18 -49.52
CA THR X 18 21.80 37.21 -49.04
C THR X 18 22.09 37.54 -47.58
N LEU X 19 22.19 36.51 -46.75
CA LEU X 19 22.53 36.67 -45.33
C LEU X 19 23.80 37.48 -45.15
N ILE X 20 24.82 37.14 -45.92
CA ILE X 20 26.07 37.89 -45.85
C ILE X 20 25.87 39.37 -46.18
N ARG X 21 25.15 39.64 -47.27
CA ARG X 21 24.99 41.01 -47.72
C ARG X 21 24.18 41.81 -46.70
N GLU X 22 23.03 41.29 -46.32
CA GLU X 22 22.10 42.01 -45.45
C GLU X 22 22.67 42.30 -44.07
N VAL X 23 23.39 41.32 -43.53
CA VAL X 23 24.08 41.50 -42.27
C VAL X 23 25.22 42.50 -42.41
N SER X 24 26.01 42.38 -43.46
CA SER X 24 27.11 43.31 -43.66
C SER X 24 26.58 44.75 -43.70
N GLU X 25 25.46 44.93 -44.39
CA GLU X 25 24.84 46.23 -44.53
C GLU X 25 24.39 46.71 -43.16
N ALA X 26 23.67 45.87 -42.43
CA ALA X 26 23.15 46.25 -41.11
C ALA X 26 24.26 46.69 -40.15
N ILE X 27 25.41 46.01 -40.23
CA ILE X 27 26.57 46.38 -39.44
C ILE X 27 27.09 47.77 -39.85
N SER X 28 27.31 47.97 -41.14
CA SER X 28 27.78 49.25 -41.66
C SER X 28 26.86 50.41 -41.26
N ARG X 29 25.57 50.20 -41.43
CA ARG X 29 24.57 51.19 -41.07
C ARG X 29 24.66 51.51 -39.58
N SER X 30 24.56 50.47 -38.76
CA SER X 30 24.46 50.61 -37.31
C SER X 30 25.66 51.29 -36.65
N LEU X 31 26.85 51.08 -37.18
CA LEU X 31 28.08 51.58 -36.58
C LEU X 31 28.71 52.69 -37.38
N ASP X 32 28.01 53.14 -38.41
CA ASP X 32 28.56 54.16 -39.29
C ASP X 32 29.98 53.78 -39.69
N ALA X 33 30.18 52.51 -40.02
CA ALA X 33 31.49 52.02 -40.45
C ALA X 33 31.45 51.73 -41.94
N PRO X 34 32.60 51.92 -42.62
CA PRO X 34 32.63 51.65 -44.06
C PRO X 34 32.32 50.17 -44.40
N LEU X 35 31.35 49.97 -45.29
CA LEU X 35 30.94 48.63 -45.70
C LEU X 35 32.10 47.72 -46.08
N THR X 36 33.13 48.26 -46.74
CA THR X 36 34.21 47.43 -47.24
C THR X 36 35.12 46.84 -46.15
N SER X 37 35.04 47.35 -44.92
CA SER X 37 35.83 46.81 -43.81
C SER X 37 35.15 45.61 -43.13
N VAL X 38 33.84 45.45 -43.40
CA VAL X 38 33.06 44.41 -42.75
C VAL X 38 33.35 43.00 -43.29
N ARG X 39 33.66 42.10 -42.37
CA ARG X 39 33.86 40.68 -42.67
C ARG X 39 32.76 39.84 -42.06
N VAL X 40 32.28 38.84 -42.80
CA VAL X 40 31.30 37.91 -42.28
C VAL X 40 31.71 36.47 -42.53
N ILE X 41 31.59 35.66 -41.50
CA ILE X 41 31.87 34.24 -41.59
C ILE X 41 30.61 33.49 -41.25
N ILE X 42 30.22 32.59 -42.14
CA ILE X 42 29.12 31.69 -41.88
C ILE X 42 29.66 30.33 -41.49
N THR X 43 29.15 29.79 -40.39
CA THR X 43 29.55 28.48 -39.92
C THR X 43 28.31 27.63 -39.81
N GLU X 44 28.24 26.60 -40.66
CA GLU X 44 27.07 25.74 -40.67
C GLU X 44 27.22 24.67 -39.61
N MET X 45 26.15 24.42 -38.86
CA MET X 45 26.15 23.34 -37.89
C MET X 45 25.32 22.17 -38.36
N ALA X 46 25.86 20.97 -38.18
CA ALA X 46 25.09 19.76 -38.40
C ALA X 46 24.00 19.68 -37.35
N LYS X 47 22.89 19.04 -37.68
CA LYS X 47 21.70 19.05 -36.79
C LYS X 47 21.98 18.22 -35.52
N GLY X 48 22.83 17.20 -35.66
CA GLY X 48 23.32 16.42 -34.54
C GLY X 48 24.42 17.07 -33.69
N HIS X 49 24.80 18.31 -34.01
CA HIS X 49 25.84 19.03 -33.28
C HIS X 49 25.35 20.23 -32.49
N PHE X 50 24.04 20.44 -32.47
CA PHE X 50 23.48 21.62 -31.83
C PHE X 50 22.44 21.20 -30.82
N GLY X 51 22.64 21.60 -29.57
CA GLY X 51 21.76 21.24 -28.47
C GLY X 51 21.03 22.41 -27.88
N ILE X 52 19.76 22.18 -27.56
CA ILE X 52 18.95 23.15 -26.81
C ILE X 52 18.32 22.38 -25.65
N GLY X 53 18.46 22.92 -24.46
CA GLY X 53 18.02 22.21 -23.28
C GLY X 53 18.57 20.81 -23.14
N GLY X 54 19.77 20.56 -23.66
CA GLY X 54 20.40 19.23 -23.56
C GLY X 54 19.94 18.20 -24.59
N GLU X 55 19.11 18.64 -25.54
CA GLU X 55 18.54 17.76 -26.55
C GLU X 55 18.84 18.30 -27.93
N LEU X 56 19.00 17.40 -28.90
CA LEU X 56 19.36 17.83 -30.23
C LEU X 56 18.28 18.73 -30.85
N ALA X 57 18.66 19.60 -31.77
CA ALA X 57 17.68 20.38 -32.54
C ALA X 57 17.06 19.53 -33.64
N SER X 58 17.70 18.40 -33.96
CA SER X 58 17.18 17.43 -34.92
C SER X 58 16.01 16.53 -34.38
N LYS X 59 15.28 17.02 -33.35
CA LYS X 59 14.18 16.27 -32.67
C LYS X 59 12.97 17.13 -32.32
N PRO Y 1 -57.08 -19.23 -15.08
CA PRO Y 1 -56.07 -18.50 -15.88
C PRO Y 1 -55.46 -17.29 -15.18
N ILE Y 2 -54.13 -17.27 -15.08
CA ILE Y 2 -53.40 -16.33 -14.26
C ILE Y 2 -52.28 -15.75 -15.09
N ALA Y 3 -52.29 -14.44 -15.28
CA ALA Y 3 -51.29 -13.80 -16.12
C ALA Y 3 -50.41 -12.88 -15.30
N GLN Y 4 -49.09 -12.97 -15.51
CA GLN Y 4 -48.14 -12.07 -14.89
C GLN Y 4 -47.46 -11.30 -15.98
N ILE Y 5 -47.46 -9.98 -15.88
CA ILE Y 5 -46.92 -9.13 -16.93
C ILE Y 5 -45.80 -8.26 -16.39
N HIS Y 6 -44.60 -8.44 -16.95
CA HIS Y 6 -43.49 -7.62 -16.53
C HIS Y 6 -43.41 -6.44 -17.45
N ILE Y 7 -43.40 -5.25 -16.88
CA ILE Y 7 -43.30 -4.03 -17.66
C ILE Y 7 -42.31 -3.08 -17.05
N LEU Y 8 -41.73 -2.21 -17.88
CA LEU Y 8 -40.88 -1.14 -17.36
C LEU Y 8 -41.67 -0.18 -16.50
N GLU Y 9 -41.07 0.23 -15.39
CA GLU Y 9 -41.69 1.23 -14.53
C GLU Y 9 -41.86 2.53 -15.32
N GLY Y 10 -42.81 3.35 -14.89
CA GLY Y 10 -42.98 4.67 -15.45
C GLY Y 10 -44.38 5.04 -15.89
N ARG Y 11 -45.29 4.09 -15.88
CA ARG Y 11 -46.63 4.30 -16.40
C ARG Y 11 -47.58 4.75 -15.30
N SER Y 12 -48.72 5.30 -15.71
CA SER Y 12 -49.69 5.84 -14.75
C SER Y 12 -50.58 4.75 -14.22
N ASP Y 13 -51.20 5.01 -13.08
CA ASP Y 13 -52.16 4.07 -12.52
C ASP Y 13 -53.31 3.76 -13.49
N GLU Y 14 -53.69 4.74 -14.30
CA GLU Y 14 -54.82 4.58 -15.21
C GLU Y 14 -54.45 3.62 -16.33
N GLN Y 15 -53.28 3.84 -16.93
CA GLN Y 15 -52.78 2.95 -17.96
C GLN Y 15 -52.73 1.50 -17.50
N LYS Y 16 -52.30 1.30 -16.26
CA LYS Y 16 -52.19 -0.03 -15.69
C LYS Y 16 -53.53 -0.65 -15.40
N GLU Y 17 -54.48 0.16 -14.93
CA GLU Y 17 -55.85 -0.29 -14.75
C GLU Y 17 -56.43 -0.75 -16.10
N THR Y 18 -56.13 -0.01 -17.15
CA THR Y 18 -56.58 -0.35 -18.50
C THR Y 18 -55.95 -1.65 -18.95
N LEU Y 19 -54.63 -1.75 -18.76
CA LEU Y 19 -53.91 -2.98 -19.09
C LEU Y 19 -54.55 -4.20 -18.46
N ILE Y 20 -54.85 -4.11 -17.17
CA ILE Y 20 -55.47 -5.22 -16.48
C ILE Y 20 -56.79 -5.59 -17.11
N ARG Y 21 -57.63 -4.61 -17.39
CA ARG Y 21 -58.95 -4.88 -17.92
C ARG Y 21 -58.88 -5.50 -19.31
N GLU Y 22 -58.13 -4.85 -20.19
CA GLU Y 22 -58.05 -5.27 -21.60
C GLU Y 22 -57.46 -6.65 -21.75
N VAL Y 23 -56.43 -6.95 -20.97
CA VAL Y 23 -55.81 -8.25 -20.99
C VAL Y 23 -56.75 -9.28 -20.41
N SER Y 24 -57.37 -8.96 -19.28
CA SER Y 24 -58.34 -9.89 -18.68
C SER Y 24 -59.45 -10.25 -19.67
N GLU Y 25 -59.93 -9.26 -20.42
CA GLU Y 25 -60.97 -9.51 -21.40
C GLU Y 25 -60.44 -10.34 -22.55
N ALA Y 26 -59.28 -10.00 -23.09
CA ALA Y 26 -58.68 -10.79 -24.17
C ALA Y 26 -58.51 -12.27 -23.80
N ILE Y 27 -58.15 -12.52 -22.55
CA ILE Y 27 -58.03 -13.90 -22.07
C ILE Y 27 -59.40 -14.58 -22.06
N SER Y 28 -60.39 -13.92 -21.46
CA SER Y 28 -61.74 -14.48 -21.37
C SER Y 28 -62.29 -14.80 -22.74
N ARG Y 29 -62.11 -13.86 -23.67
CA ARG Y 29 -62.59 -14.04 -25.05
C ARG Y 29 -61.90 -15.24 -25.67
N SER Y 30 -60.57 -15.22 -25.64
CA SER Y 30 -59.76 -16.22 -26.35
C SER Y 30 -59.99 -17.65 -25.91
N LEU Y 31 -60.27 -17.86 -24.63
CA LEU Y 31 -60.37 -19.19 -24.07
C LEU Y 31 -61.78 -19.55 -23.70
N ASP Y 32 -62.72 -18.69 -24.05
CA ASP Y 32 -64.11 -18.89 -23.66
C ASP Y 32 -64.21 -19.22 -22.17
N ALA Y 33 -63.46 -18.48 -21.35
CA ALA Y 33 -63.45 -18.71 -19.91
C ALA Y 33 -64.16 -17.56 -19.24
N PRO Y 34 -64.80 -17.83 -18.10
CA PRO Y 34 -65.50 -16.75 -17.39
C PRO Y 34 -64.54 -15.64 -16.92
N LEU Y 35 -64.86 -14.40 -17.28
CA LEU Y 35 -64.06 -13.25 -16.92
C LEU Y 35 -63.69 -13.19 -15.44
N THR Y 36 -64.61 -13.58 -14.56
CA THR Y 36 -64.41 -13.44 -13.14
C THR Y 36 -63.30 -14.39 -12.57
N SER Y 37 -62.92 -15.42 -13.32
CA SER Y 37 -61.87 -16.36 -12.87
C SER Y 37 -60.45 -15.85 -13.21
N VAL Y 38 -60.39 -14.87 -14.11
CA VAL Y 38 -59.10 -14.36 -14.60
C VAL Y 38 -58.38 -13.47 -13.60
N ARG Y 39 -57.13 -13.82 -13.34
CA ARG Y 39 -56.26 -13.05 -12.46
C ARG Y 39 -55.14 -12.44 -13.26
N VAL Y 40 -54.78 -11.21 -12.94
CA VAL Y 40 -53.65 -10.56 -13.56
C VAL Y 40 -52.74 -9.94 -12.52
N ILE Y 41 -51.46 -10.15 -12.70
CA ILE Y 41 -50.45 -9.56 -11.86
C ILE Y 41 -49.54 -8.71 -12.71
N ILE Y 42 -49.37 -7.45 -12.30
CA ILE Y 42 -48.43 -6.57 -12.94
C ILE Y 42 -47.19 -6.47 -12.08
N THR Y 43 -46.03 -6.64 -12.71
CA THR Y 43 -44.77 -6.56 -12.02
C THR Y 43 -43.96 -5.50 -12.74
N GLU Y 44 -43.68 -4.39 -12.04
CA GLU Y 44 -42.91 -3.31 -12.61
C GLU Y 44 -41.43 -3.57 -12.47
N MET Y 45 -40.68 -3.36 -13.54
CA MET Y 45 -39.23 -3.49 -13.45
C MET Y 45 -38.58 -2.12 -13.45
N ALA Y 46 -37.58 -1.95 -12.59
CA ALA Y 46 -36.69 -0.78 -12.64
C ALA Y 46 -35.87 -0.82 -13.93
N LYS Y 47 -35.51 0.33 -14.46
CA LYS Y 47 -34.85 0.41 -15.78
C LYS Y 47 -33.44 -0.20 -15.71
N GLY Y 48 -32.83 -0.10 -14.53
CA GLY Y 48 -31.53 -0.72 -14.27
C GLY Y 48 -31.58 -2.22 -13.99
N HIS Y 49 -32.77 -2.82 -14.05
CA HIS Y 49 -32.94 -4.24 -13.78
C HIS Y 49 -33.32 -5.08 -14.99
N PHE Y 50 -33.37 -4.46 -16.17
CA PHE Y 50 -33.83 -5.14 -17.36
C PHE Y 50 -32.79 -5.02 -18.45
N GLY Y 51 -32.33 -6.16 -18.92
CA GLY Y 51 -31.28 -6.23 -19.93
C GLY Y 51 -31.77 -6.74 -21.27
N ILE Y 52 -31.27 -6.13 -22.34
CA ILE Y 52 -31.46 -6.63 -23.70
C ILE Y 52 -30.10 -6.68 -24.37
N GLY Y 53 -29.76 -7.81 -24.94
CA GLY Y 53 -28.43 -8.01 -25.49
C GLY Y 53 -27.30 -7.73 -24.50
N GLY Y 54 -27.54 -7.95 -23.22
CA GLY Y 54 -26.50 -7.74 -22.20
C GLY Y 54 -26.31 -6.30 -21.74
N GLU Y 55 -27.16 -5.41 -22.22
CA GLU Y 55 -27.06 -3.99 -21.95
C GLU Y 55 -28.40 -3.48 -21.35
N LEU Y 56 -28.34 -2.51 -20.46
CA LEU Y 56 -29.56 -2.04 -19.79
C LEU Y 56 -30.53 -1.45 -20.79
N ALA Y 57 -31.82 -1.48 -20.48
CA ALA Y 57 -32.84 -0.80 -21.31
C ALA Y 57 -32.82 0.71 -21.03
N SER Y 58 -32.22 1.10 -19.91
CA SER Y 58 -32.02 2.51 -19.55
C SER Y 58 -30.89 3.22 -20.35
N LYS Y 59 -30.56 2.70 -21.56
CA LYS Y 59 -29.47 3.23 -22.42
C LYS Y 59 -29.81 3.25 -23.91
N PRO Z 1 -42.30 -5.21 -22.61
CA PRO Z 1 -43.42 -5.90 -21.94
C PRO Z 1 -43.51 -7.39 -22.24
N ILE Z 2 -43.51 -8.20 -21.18
CA ILE Z 2 -43.42 -9.65 -21.28
C ILE Z 2 -44.51 -10.26 -20.44
N ALA Z 3 -45.39 -11.03 -21.06
CA ALA Z 3 -46.50 -11.63 -20.34
C ALA Z 3 -46.33 -13.15 -20.29
N GLN Z 4 -46.54 -13.73 -19.10
CA GLN Z 4 -46.62 -15.17 -18.97
C GLN Z 4 -48.01 -15.51 -18.52
N ILE Z 5 -48.64 -16.44 -19.22
CA ILE Z 5 -50.00 -16.82 -18.91
C ILE Z 5 -50.09 -18.29 -18.55
N HIS Z 6 -50.55 -18.58 -17.33
CA HIS Z 6 -50.73 -19.95 -16.94
C HIS Z 6 -52.16 -20.31 -17.24
N ILE Z 7 -52.34 -21.39 -17.99
CA ILE Z 7 -53.69 -21.91 -18.29
C ILE Z 7 -53.76 -23.41 -18.11
N LEU Z 8 -54.96 -23.91 -17.85
CA LEU Z 8 -55.18 -25.34 -17.81
C LEU Z 8 -54.92 -25.95 -19.17
N GLU Z 9 -54.28 -27.11 -19.17
CA GLU Z 9 -54.06 -27.86 -20.40
C GLU Z 9 -55.43 -28.24 -21.00
N GLY Z 10 -55.44 -28.47 -22.29
CA GLY Z 10 -56.60 -29.01 -22.96
C GLY Z 10 -57.04 -28.29 -24.22
N ARG Z 11 -56.43 -27.15 -24.51
CA ARG Z 11 -56.91 -26.29 -25.57
C ARG Z 11 -56.18 -26.61 -26.86
N SER Z 12 -56.72 -26.17 -27.98
CA SER Z 12 -56.12 -26.43 -29.30
C SER Z 12 -55.02 -25.43 -29.60
N ASP Z 13 -54.14 -25.79 -30.53
CA ASP Z 13 -53.10 -24.88 -30.99
C ASP Z 13 -53.66 -23.57 -31.55
N GLU Z 14 -54.84 -23.63 -32.16
CA GLU Z 14 -55.44 -22.46 -32.77
C GLU Z 14 -55.88 -21.48 -31.69
N GLN Z 15 -56.58 -22.00 -30.68
CA GLN Z 15 -57.02 -21.18 -29.55
C GLN Z 15 -55.87 -20.44 -28.90
N LYS Z 16 -54.76 -21.16 -28.76
CA LYS Z 16 -53.57 -20.59 -28.14
C LYS Z 16 -52.90 -19.56 -29.01
N GLU Z 17 -52.87 -19.80 -30.32
CA GLU Z 17 -52.38 -18.81 -31.26
C GLU Z 17 -53.22 -17.51 -31.17
N THR Z 18 -54.53 -17.68 -31.05
CA THR Z 18 -55.43 -16.55 -30.89
C THR Z 18 -55.17 -15.82 -29.56
N LEU Z 19 -55.05 -16.57 -28.48
CA LEU Z 19 -54.71 -16.01 -27.18
C LEU Z 19 -53.48 -15.12 -27.28
N ILE Z 20 -52.44 -15.64 -27.91
CA ILE Z 20 -51.20 -14.88 -28.01
C ILE Z 20 -51.42 -13.58 -28.75
N ARG Z 21 -52.13 -13.64 -29.86
CA ARG Z 21 -52.35 -12.45 -30.67
C ARG Z 21 -53.18 -11.42 -29.90
N GLU Z 22 -54.32 -11.84 -29.40
CA GLU Z 22 -55.28 -10.94 -28.77
C GLU Z 22 -54.72 -10.28 -27.54
N VAL Z 23 -53.97 -11.04 -26.76
CA VAL Z 23 -53.33 -10.49 -25.59
C VAL Z 23 -52.21 -9.53 -26.00
N SER Z 24 -51.40 -9.92 -26.97
CA SER Z 24 -50.32 -9.05 -27.43
C SER Z 24 -50.89 -7.69 -27.88
N GLU Z 25 -52.02 -7.75 -28.58
CA GLU Z 25 -52.70 -6.56 -29.09
C GLU Z 25 -53.21 -5.71 -27.92
N ALA Z 26 -53.90 -6.34 -26.98
CA ALA Z 26 -54.42 -5.62 -25.82
C ALA Z 26 -53.30 -4.92 -25.02
N ILE Z 27 -52.14 -5.54 -24.93
CA ILE Z 27 -51.00 -4.93 -24.26
C ILE Z 27 -50.52 -3.71 -25.04
N SER Z 28 -50.29 -3.88 -26.33
CA SER Z 28 -49.84 -2.78 -27.18
C SER Z 28 -50.77 -1.57 -27.13
N ARG Z 29 -52.05 -1.86 -27.25
CA ARG Z 29 -53.07 -0.89 -27.24
C ARG Z 29 -53.10 -0.13 -25.84
N SER Z 30 -53.16 -0.89 -24.75
CA SER Z 30 -53.23 -0.34 -23.40
C SER Z 30 -52.06 0.55 -22.96
N LEU Z 31 -50.87 0.22 -23.42
CA LEU Z 31 -49.66 0.91 -22.97
C LEU Z 31 -49.06 1.77 -24.04
N ASP Z 32 -49.75 1.89 -25.16
CA ASP Z 32 -49.23 2.63 -26.29
C ASP Z 32 -47.79 2.20 -26.59
N ALA Z 33 -47.56 0.88 -26.56
CA ALA Z 33 -46.24 0.35 -26.82
C ALA Z 33 -46.25 -0.35 -28.17
N PRO Z 34 -45.10 -0.35 -28.86
CA PRO Z 34 -45.06 -1.00 -30.17
C PRO Z 34 -45.32 -2.52 -30.07
N LEU Z 35 -46.27 -2.98 -30.87
CA LEU Z 35 -46.65 -4.39 -30.89
C LEU Z 35 -45.45 -5.34 -31.01
N THR Z 36 -44.45 -4.98 -31.79
CA THR Z 36 -43.33 -5.89 -32.05
C THR Z 36 -42.40 -6.12 -30.85
N SER Z 37 -42.50 -5.28 -29.83
CA SER Z 37 -41.70 -5.47 -28.59
C SER Z 37 -42.36 -6.47 -27.59
N VAL Z 38 -43.65 -6.74 -27.79
CA VAL Z 38 -44.43 -7.57 -26.87
C VAL Z 38 -44.11 -9.06 -27.00
N ARG Z 39 -43.76 -9.66 -25.87
CA ARG Z 39 -43.51 -11.08 -25.77
C ARG Z 39 -44.60 -11.75 -24.94
N VAL Z 40 -45.05 -12.93 -25.38
CA VAL Z 40 -46.00 -13.71 -24.60
C VAL Z 40 -45.56 -15.15 -24.45
N ILE Z 41 -45.65 -15.65 -23.23
CA ILE Z 41 -45.33 -17.03 -22.93
C ILE Z 41 -46.58 -17.68 -22.40
N ILE Z 42 -46.93 -18.81 -22.99
CA ILE Z 42 -47.99 -19.63 -22.47
C ILE Z 42 -47.39 -20.80 -21.71
N THR Z 43 -47.89 -21.02 -20.51
CA THR Z 43 -47.47 -22.14 -19.70
C THR Z 43 -48.69 -22.97 -19.37
N GLU Z 44 -48.74 -24.20 -19.87
CA GLU Z 44 -49.87 -25.07 -19.64
C GLU Z 44 -49.71 -25.77 -18.32
N MET Z 45 -50.78 -25.82 -17.54
CA MET Z 45 -50.76 -26.61 -16.31
C MET Z 45 -51.55 -27.90 -16.46
N ALA Z 46 -50.99 -29.00 -15.96
CA ALA Z 46 -51.77 -30.24 -15.78
C ALA Z 46 -52.85 -30.03 -14.74
N LYS Z 47 -53.96 -30.75 -14.88
CA LYS Z 47 -55.15 -30.52 -14.02
C LYS Z 47 -54.87 -30.95 -12.58
N GLY Z 48 -54.00 -31.94 -12.43
CA GLY Z 48 -53.50 -32.36 -11.12
C GLY Z 48 -52.43 -31.48 -10.49
N HIS Z 49 -52.07 -30.39 -11.16
CA HIS Z 49 -51.03 -29.49 -10.67
C HIS Z 49 -51.53 -28.10 -10.26
N PHE Z 50 -52.84 -27.91 -10.30
CA PHE Z 50 -53.42 -26.61 -10.00
C PHE Z 50 -54.45 -26.74 -8.92
N GLY Z 51 -54.23 -26.01 -7.82
CA GLY Z 51 -55.08 -26.07 -6.65
C GLY Z 51 -55.85 -24.78 -6.40
N ILE Z 52 -57.11 -24.92 -6.00
CA ILE Z 52 -57.92 -23.81 -5.55
C ILE Z 52 -58.51 -24.23 -4.23
N GLY Z 53 -58.36 -23.38 -3.24
CA GLY Z 53 -58.81 -23.74 -1.90
C GLY Z 53 -58.25 -25.03 -1.35
N GLY Z 54 -57.05 -25.39 -1.77
CA GLY Z 54 -56.42 -26.63 -1.34
C GLY Z 54 -56.87 -27.92 -2.04
N GLU Z 55 -57.70 -27.79 -3.06
CA GLU Z 55 -58.29 -28.92 -3.76
C GLU Z 55 -58.04 -28.79 -5.27
N LEU Z 56 -57.87 -29.90 -5.95
CA LEU Z 56 -57.48 -29.86 -7.36
C LEU Z 56 -58.56 -29.20 -8.20
N ALA Z 57 -58.20 -28.61 -9.32
CA ALA Z 57 -59.19 -28.10 -10.28
C ALA Z 57 -59.81 -29.25 -11.08
N SER Z 58 -59.14 -30.40 -11.07
CA SER Z 58 -59.63 -31.62 -11.71
C SER Z 58 -60.76 -32.35 -10.90
N LYS Z 59 -61.46 -31.63 -10.01
CA LYS Z 59 -62.55 -32.26 -9.16
C LYS Z 59 -63.64 -31.24 -8.79
N PRO AA 1 -36.56 -28.12 -4.15
CA PRO AA 1 -37.92 -27.50 -4.15
C PRO AA 1 -37.93 -26.01 -3.77
N ILE AA 2 -38.48 -25.19 -4.65
CA ILE AA 2 -38.39 -23.76 -4.56
C ILE AA 2 -39.76 -23.18 -4.75
N ALA AA 3 -40.26 -22.49 -3.74
CA ALA AA 3 -41.61 -21.93 -3.81
C ALA AA 3 -41.57 -20.41 -3.85
N GLN AA 4 -42.35 -19.83 -4.76
CA GLN AA 4 -42.53 -18.39 -4.81
C GLN AA 4 -43.99 -18.12 -4.51
N ILE AA 5 -44.23 -17.24 -3.55
CA ILE AA 5 -45.59 -16.92 -3.14
C ILE AA 5 -45.88 -15.45 -3.37
N HIS AA 6 -46.85 -15.14 -4.22
CA HIS AA 6 -47.31 -13.78 -4.40
C HIS AA 6 -48.45 -13.48 -3.45
N ILE AA 7 -48.28 -12.45 -2.65
CA ILE AA 7 -49.31 -12.05 -1.71
C ILE AA 7 -49.53 -10.56 -1.74
N LEU AA 8 -50.72 -10.14 -1.35
CA LEU AA 8 -50.99 -8.70 -1.20
C LEU AA 8 -50.14 -8.11 -0.10
N GLU AA 9 -49.63 -6.91 -0.36
CA GLU AA 9 -48.89 -6.18 0.66
C GLU AA 9 -49.81 -5.89 1.83
N GLY AA 10 -49.21 -5.71 2.99
CA GLY AA 10 -49.95 -5.31 4.17
C GLY AA 10 -49.76 -6.14 5.42
N ARG AA 11 -49.01 -7.23 5.33
CA ARG AA 11 -48.82 -8.14 6.45
C ARG AA 11 -47.57 -7.80 7.24
N SER AA 12 -47.51 -8.30 8.47
CA SER AA 12 -46.37 -8.02 9.34
C SER AA 12 -45.20 -8.93 9.04
N ASP AA 13 -44.01 -8.53 9.45
CA ASP AA 13 -42.84 -9.36 9.31
C ASP AA 13 -43.02 -10.72 10.00
N GLU AA 14 -43.75 -10.76 11.10
CA GLU AA 14 -43.91 -11.99 11.88
C GLU AA 14 -44.74 -12.94 11.07
N GLN AA 15 -45.86 -12.45 10.55
CA GLN AA 15 -46.76 -13.27 9.76
C GLN AA 15 -46.04 -13.91 8.58
N LYS AA 16 -45.17 -13.13 7.96
CA LYS AA 16 -44.39 -13.60 6.84
C LYS AA 16 -43.32 -14.61 7.23
N GLU AA 17 -42.69 -14.40 8.37
CA GLU AA 17 -41.76 -15.38 8.91
C GLU AA 17 -42.49 -16.71 9.17
N THR AA 18 -43.70 -16.63 9.70
CA THR AA 18 -44.50 -17.80 9.94
C THR AA 18 -44.85 -18.50 8.62
N LEU AA 19 -45.30 -17.71 7.65
CA LEU AA 19 -45.62 -18.22 6.34
C LEU AA 19 -44.47 -19.04 5.76
N ILE AA 20 -43.28 -18.47 5.83
CA ILE AA 20 -42.12 -19.14 5.31
C ILE AA 20 -41.88 -20.48 6.01
N ARG AA 21 -41.98 -20.48 7.33
CA ARG AA 21 -41.72 -21.71 8.07
C ARG AA 21 -42.77 -22.76 7.77
N GLU AA 22 -44.03 -22.39 7.89
CA GLU AA 22 -45.11 -23.36 7.78
C GLU AA 22 -45.16 -23.97 6.38
N VAL AA 23 -44.95 -23.14 5.37
CA VAL AA 23 -44.95 -23.62 4.00
C VAL AA 23 -43.75 -24.53 3.79
N SER AA 24 -42.59 -24.09 4.26
CA SER AA 24 -41.41 -24.90 4.10
C SER AA 24 -41.64 -26.29 4.70
N GLU AA 25 -42.29 -26.33 5.86
CA GLU AA 25 -42.54 -27.57 6.57
C GLU AA 25 -43.50 -28.43 5.78
N ALA AA 26 -44.59 -27.82 5.32
CA ALA AA 26 -45.57 -28.54 4.51
C ALA AA 26 -44.94 -29.18 3.26
N ILE AA 27 -43.99 -28.48 2.64
CA ILE AA 27 -43.31 -29.00 1.45
C ILE AA 27 -42.48 -30.20 1.83
N SER AA 28 -41.68 -30.05 2.87
CA SER AA 28 -40.83 -31.14 3.35
C SER AA 28 -41.63 -32.38 3.70
N ARG AA 29 -42.73 -32.18 4.42
CA ARG AA 29 -43.60 -33.27 4.82
C ARG AA 29 -44.15 -33.96 3.58
N SER AA 30 -44.77 -33.17 2.71
CA SER AA 30 -45.52 -33.69 1.56
C SER AA 30 -44.66 -34.49 0.58
N LEU AA 31 -43.40 -34.10 0.42
CA LEU AA 31 -42.54 -34.70 -0.58
C LEU AA 31 -41.47 -35.55 0.02
N ASP AA 32 -41.52 -35.72 1.33
CA ASP AA 32 -40.48 -36.45 2.03
C ASP AA 32 -39.11 -35.94 1.61
N ALA AA 33 -38.97 -34.62 1.53
CA ALA AA 33 -37.71 -33.99 1.14
C ALA AA 33 -37.10 -33.31 2.34
N PRO AA 34 -35.76 -33.24 2.37
CA PRO AA 34 -35.12 -32.65 3.56
C PRO AA 34 -35.46 -31.16 3.68
N LEU AA 35 -35.91 -30.76 4.86
CA LEU AA 35 -36.30 -29.39 5.12
C LEU AA 35 -35.24 -28.38 4.68
N THR AA 36 -33.97 -28.70 4.85
CA THR AA 36 -32.90 -27.73 4.59
C THR AA 36 -32.69 -27.41 3.11
N SER AA 37 -33.24 -28.23 2.21
CA SER AA 37 -33.15 -27.95 0.78
C SER AA 37 -34.24 -26.98 0.28
N VAL AA 38 -35.28 -26.78 1.10
CA VAL AA 38 -36.45 -26.00 0.70
C VAL AA 38 -36.19 -24.49 0.73
N ARG AA 39 -36.48 -23.84 -0.39
CA ARG AA 39 -36.36 -22.41 -0.52
C ARG AA 39 -37.74 -21.80 -0.70
N VAL AA 40 -37.97 -20.67 -0.06
CA VAL AA 40 -39.19 -19.94 -0.25
C VAL AA 40 -38.93 -18.46 -0.53
N ILE AA 41 -39.62 -17.95 -1.54
CA ILE AA 41 -39.54 -16.56 -1.89
C ILE AA 41 -40.92 -15.95 -1.72
N ILE AA 42 -41.00 -14.85 -0.97
CA ILE AA 42 -42.23 -14.08 -0.87
C ILE AA 42 -42.14 -12.86 -1.75
N THR AA 43 -43.15 -12.66 -2.56
CA THR AA 43 -43.21 -11.50 -3.43
C THR AA 43 -44.48 -10.74 -3.07
N GLU AA 44 -44.31 -9.51 -2.55
CA GLU AA 44 -45.46 -8.68 -2.15
C GLU AA 44 -46.00 -7.93 -3.35
N MET AA 45 -47.31 -7.94 -3.53
CA MET AA 45 -47.91 -7.15 -4.60
C MET AA 45 -48.60 -5.93 -4.04
N ALA AA 46 -48.41 -4.78 -4.70
CA ALA AA 46 -49.19 -3.58 -4.40
C ALA AA 46 -50.64 -3.83 -4.77
N LYS AA 47 -51.56 -3.18 -4.08
CA LYS AA 47 -53.01 -3.46 -4.27
C LYS AA 47 -53.47 -2.98 -5.65
N GLY AA 48 -52.81 -1.94 -6.16
CA GLY AA 48 -53.04 -1.45 -7.52
C GLY AA 48 -52.38 -2.25 -8.63
N HIS AA 49 -51.69 -3.34 -8.28
CA HIS AA 49 -51.01 -4.18 -9.26
C HIS AA 49 -51.61 -5.57 -9.43
N PHE AA 50 -52.73 -5.84 -8.76
CA PHE AA 50 -53.33 -7.14 -8.79
C PHE AA 50 -54.77 -7.06 -9.23
N GLY AA 51 -55.10 -7.77 -10.31
CA GLY AA 51 -56.42 -7.74 -10.89
C GLY AA 51 -57.16 -9.05 -10.74
N ILE AA 52 -58.46 -8.95 -10.47
CA ILE AA 52 -59.37 -10.09 -10.53
C ILE AA 52 -60.57 -9.68 -11.38
N GLY AA 53 -60.92 -10.50 -12.36
CA GLY AA 53 -61.97 -10.15 -13.29
C GLY AA 53 -61.78 -8.82 -13.99
N GLY AA 54 -60.53 -8.41 -14.19
CA GLY AA 54 -60.24 -7.13 -14.86
C GLY AA 54 -60.32 -5.88 -13.99
N GLU AA 55 -60.54 -6.07 -12.69
CA GLU AA 55 -60.74 -4.98 -11.74
C GLU AA 55 -59.75 -5.12 -10.58
N LEU AA 56 -59.28 -4.00 -10.03
CA LEU AA 56 -58.25 -4.04 -8.98
C LEU AA 56 -58.75 -4.74 -7.72
N ALA AA 57 -57.79 -5.24 -6.94
CA ALA AA 57 -57.99 -5.94 -5.66
C ALA AA 57 -59.42 -6.44 -5.46
N PRO BA 1 -53.59 -14.69 -2.43
CA PRO BA 1 -52.28 -15.40 -2.29
C PRO BA 1 -52.11 -16.58 -3.26
N ILE BA 2 -51.03 -16.54 -4.04
CA ILE BA 2 -50.80 -17.46 -5.14
C ILE BA 2 -49.42 -18.03 -4.99
N ALA BA 3 -49.31 -19.34 -4.84
CA ALA BA 3 -48.01 -19.97 -4.69
C ALA BA 3 -47.65 -20.81 -5.91
N GLN BA 4 -46.42 -20.66 -6.40
CA GLN BA 4 -45.87 -21.55 -7.44
C GLN BA 4 -44.72 -22.34 -6.85
N ILE BA 5 -44.77 -23.66 -6.98
CA ILE BA 5 -43.77 -24.52 -6.37
C ILE BA 5 -43.06 -25.32 -7.47
N HIS BA 6 -41.75 -25.11 -7.60
CA HIS BA 6 -40.96 -25.90 -8.54
C HIS BA 6 -40.40 -27.10 -7.82
N ILE BA 7 -40.69 -28.30 -8.34
CA ILE BA 7 -40.19 -29.53 -7.77
C ILE BA 7 -39.64 -30.43 -8.84
N LEU BA 8 -38.73 -31.31 -8.43
CA LEU BA 8 -38.24 -32.30 -9.36
C LEU BA 8 -39.35 -33.24 -9.76
N GLU BA 9 -39.35 -33.61 -11.04
CA GLU BA 9 -40.29 -34.61 -11.51
C GLU BA 9 -40.06 -35.94 -10.78
N GLY BA 10 -41.10 -36.76 -10.70
CA GLY BA 10 -40.96 -38.13 -10.23
C GLY BA 10 -41.94 -38.56 -9.17
N ARG BA 11 -42.76 -37.63 -8.68
CA ARG BA 11 -43.66 -37.91 -7.58
C ARG BA 11 -45.03 -38.34 -8.09
N SER BA 12 -45.81 -38.96 -7.21
CA SER BA 12 -47.12 -39.49 -7.59
C SER BA 12 -48.16 -38.41 -7.54
N ASP BA 13 -49.27 -38.62 -8.22
CA ASP BA 13 -50.38 -37.68 -8.19
C ASP BA 13 -50.90 -37.47 -6.76
N GLU BA 14 -50.81 -38.50 -5.93
CA GLU BA 14 -51.32 -38.41 -4.56
C GLU BA 14 -50.45 -37.48 -3.74
N GLN BA 15 -49.14 -37.70 -3.83
CA GLN BA 15 -48.19 -36.84 -3.14
C GLN BA 15 -48.38 -35.36 -3.48
N LYS BA 16 -48.64 -35.10 -4.74
CA LYS BA 16 -48.83 -33.76 -5.22
C LYS BA 16 -50.15 -33.16 -4.76
N GLU BA 17 -51.20 -33.97 -4.74
CA GLU BA 17 -52.48 -33.56 -4.19
C GLU BA 17 -52.30 -33.16 -2.70
N THR BA 18 -51.51 -33.95 -1.98
CA THR BA 18 -51.22 -33.67 -0.59
C THR BA 18 -50.43 -32.36 -0.43
N LEU BA 19 -49.40 -32.21 -1.24
CA LEU BA 19 -48.64 -30.98 -1.28
C LEU BA 19 -49.55 -29.76 -1.43
N ILE BA 20 -50.44 -29.82 -2.40
CA ILE BA 20 -51.33 -28.70 -2.66
C ILE BA 20 -52.15 -28.37 -1.43
N ARG BA 21 -52.72 -29.38 -0.81
CA ARG BA 21 -53.59 -29.18 0.32
C ARG BA 21 -52.82 -28.60 1.50
N GLU BA 22 -51.72 -29.24 1.86
CA GLU BA 22 -50.98 -28.89 3.06
C GLU BA 22 -50.39 -27.50 2.96
N VAL BA 23 -49.90 -27.17 1.78
CA VAL BA 23 -49.37 -25.83 1.56
C VAL BA 23 -50.50 -24.81 1.59
N SER BA 24 -51.62 -25.10 0.91
CA SER BA 24 -52.73 -24.19 0.91
C SER BA 24 -53.16 -23.87 2.35
N GLU BA 25 -53.19 -24.90 3.18
CA GLU BA 25 -53.58 -24.78 4.58
C GLU BA 25 -52.58 -23.91 5.33
N ALA BA 26 -51.30 -24.22 5.17
CA ALA BA 26 -50.26 -23.45 5.84
C ALA BA 26 -50.29 -21.94 5.49
N ILE BA 27 -50.62 -21.63 4.24
CA ILE BA 27 -50.77 -20.26 3.82
C ILE BA 27 -51.96 -19.63 4.54
N SER BA 28 -53.11 -20.30 4.50
CA SER BA 28 -54.32 -19.78 5.13
C SER BA 28 -54.10 -19.51 6.61
N ARG BA 29 -53.48 -20.45 7.28
CA ARG BA 29 -53.19 -20.36 8.71
C ARG BA 29 -52.29 -19.16 8.95
N SER BA 30 -51.16 -19.15 8.25
CA SER BA 30 -50.12 -18.16 8.50
C SER BA 30 -50.55 -16.69 8.28
N LEU BA 31 -51.42 -16.46 7.32
CA LEU BA 31 -51.82 -15.11 6.94
C LEU BA 31 -53.24 -14.79 7.35
N ASP BA 32 -53.87 -15.70 8.10
CA ASP BA 32 -55.26 -15.51 8.48
C ASP BA 32 -56.10 -15.14 7.27
N ALA BA 33 -55.85 -15.83 6.15
CA ALA BA 33 -56.58 -15.56 4.93
C ALA BA 33 -57.53 -16.70 4.66
N PRO BA 34 -58.67 -16.41 4.01
CA PRO BA 34 -59.62 -17.48 3.72
C PRO BA 34 -59.04 -18.55 2.78
N LEU BA 35 -59.13 -19.82 3.20
CA LEU BA 35 -58.59 -20.94 2.43
C LEU BA 35 -59.02 -20.93 0.96
N THR BA 36 -60.24 -20.53 0.68
CA THR BA 36 -60.77 -20.60 -0.68
C THR BA 36 -60.16 -19.60 -1.66
N SER BA 37 -59.47 -18.59 -1.16
CA SER BA 37 -58.78 -17.63 -2.02
C SER BA 37 -57.38 -18.10 -2.46
N VAL BA 38 -56.85 -19.11 -1.76
CA VAL BA 38 -55.50 -19.60 -2.01
C VAL BA 38 -55.37 -20.45 -3.29
N ARG BA 39 -54.43 -20.06 -4.13
CA ARG BA 39 -54.12 -20.77 -5.36
C ARG BA 39 -52.74 -21.36 -5.29
N VAL BA 40 -52.59 -22.58 -5.80
CA VAL BA 40 -51.28 -23.22 -5.85
C VAL BA 40 -51.02 -23.80 -7.23
N ILE BA 41 -49.83 -23.53 -7.73
CA ILE BA 41 -49.37 -24.07 -9.00
C ILE BA 41 -48.14 -24.91 -8.75
N ILE BA 42 -48.18 -26.14 -9.23
CA ILE BA 42 -47.03 -26.99 -9.19
C ILE BA 42 -46.39 -27.02 -10.54
N THR BA 43 -45.09 -26.81 -10.57
CA THR BA 43 -44.33 -26.85 -11.81
C THR BA 43 -43.24 -27.90 -11.67
N GLU BA 44 -43.35 -28.97 -12.46
CA GLU BA 44 -42.39 -30.07 -12.36
C GLU BA 44 -41.16 -29.73 -13.23
N MET BA 45 -39.98 -29.94 -12.69
CA MET BA 45 -38.77 -29.78 -13.48
C MET BA 45 -38.19 -31.14 -13.86
N ALA BA 46 -37.77 -31.26 -15.12
CA ALA BA 46 -36.96 -32.40 -15.54
C ALA BA 46 -35.61 -32.38 -14.81
N LYS BA 47 -35.02 -33.55 -14.59
CA LYS BA 47 -33.77 -33.64 -13.80
C LYS BA 47 -32.60 -33.00 -14.54
N GLY BA 48 -32.66 -33.04 -15.87
CA GLY BA 48 -31.69 -32.36 -16.72
C GLY BA 48 -31.88 -30.86 -16.88
N HIS BA 49 -32.88 -30.30 -16.21
CA HIS BA 49 -33.17 -28.86 -16.31
C HIS BA 49 -32.92 -28.09 -15.02
N PHE BA 50 -32.36 -28.74 -14.00
CA PHE BA 50 -32.18 -28.10 -12.72
C PHE BA 50 -30.75 -28.22 -12.30
N GLY BA 51 -30.11 -27.07 -12.08
CA GLY BA 51 -28.71 -27.01 -11.72
C GLY BA 51 -28.47 -26.55 -10.30
N ILE BA 52 -27.51 -27.17 -9.64
CA ILE BA 52 -26.98 -26.69 -8.37
C ILE BA 52 -25.47 -26.61 -8.51
N GLY BA 53 -24.91 -25.47 -8.15
CA GLY BA 53 -23.48 -25.27 -8.33
C GLY BA 53 -22.99 -25.48 -9.74
N GLY BA 54 -23.85 -25.22 -10.73
CA GLY BA 54 -23.50 -25.40 -12.14
C GLY BA 54 -23.58 -26.83 -12.68
N GLU BA 55 -24.04 -27.78 -11.85
CA GLU BA 55 -24.08 -29.19 -12.19
C GLU BA 55 -25.49 -29.71 -12.04
N LEU BA 56 -25.87 -30.67 -12.86
CA LEU BA 56 -27.24 -31.16 -12.86
C LEU BA 56 -27.56 -31.82 -11.53
N ALA BA 57 -28.84 -31.81 -11.15
CA ALA BA 57 -29.30 -32.54 -9.96
C ALA BA 57 -29.41 -34.04 -10.25
N SER BA 58 -29.45 -34.37 -11.54
CA SER BA 58 -29.43 -35.77 -12.01
C SER BA 58 -28.05 -36.48 -11.90
N LYS BA 59 -27.18 -36.00 -11.00
CA LYS BA 59 -25.82 -36.54 -10.81
C LYS BA 59 -25.46 -36.63 -9.34
N PRO CA 1 -34.78 -16.22 -25.88
CA PRO CA 1 -34.32 -16.61 -24.54
C PRO CA 1 -34.40 -15.49 -23.49
N ILE CA 2 -35.10 -15.76 -22.39
CA ILE CA 2 -35.42 -14.77 -21.39
C ILE CA 2 -35.05 -15.32 -20.04
N ALA CA 3 -34.15 -14.65 -19.34
CA ALA CA 3 -33.72 -15.10 -18.03
C ALA CA 3 -34.19 -14.16 -16.91
N GLN CA 4 -34.72 -14.72 -15.82
CA GLN CA 4 -35.05 -13.94 -14.64
C GLN CA 4 -34.20 -14.46 -13.50
N ILE CA 5 -33.53 -13.55 -12.83
CA ILE CA 5 -32.60 -13.93 -11.77
C ILE CA 5 -33.02 -13.29 -10.46
N HIS CA 6 -33.32 -14.11 -9.47
CA HIS CA 6 -33.65 -13.60 -8.15
C HIS CA 6 -32.40 -13.56 -7.32
N ILE CA 7 -32.09 -12.40 -6.77
CA ILE CA 7 -30.93 -12.24 -5.93
C ILE CA 7 -31.25 -11.44 -4.69
N LEU CA 8 -30.47 -11.65 -3.64
CA LEU CA 8 -30.63 -10.84 -2.44
C LEU CA 8 -30.27 -9.41 -2.74
N GLU CA 9 -31.05 -8.51 -2.16
CA GLU CA 9 -30.74 -7.08 -2.27
C GLU CA 9 -29.41 -6.79 -1.61
N GLY CA 10 -28.77 -5.72 -2.06
CA GLY CA 10 -27.54 -5.24 -1.42
C GLY CA 10 -26.36 -4.98 -2.34
N ARG CA 11 -26.49 -5.32 -3.62
CA ARG CA 11 -25.38 -5.23 -4.55
C ARG CA 11 -25.39 -3.89 -5.26
N SER CA 12 -24.25 -3.53 -5.84
CA SER CA 12 -24.11 -2.24 -6.51
C SER CA 12 -24.67 -2.30 -7.90
N ASP CA 13 -24.99 -1.14 -8.46
CA ASP CA 13 -25.44 -1.05 -9.84
C ASP CA 13 -24.42 -1.64 -10.83
N GLU CA 14 -23.13 -1.53 -10.51
CA GLU CA 14 -22.08 -2.00 -11.41
C GLU CA 14 -22.08 -3.51 -11.44
N GLN CA 15 -22.12 -4.12 -10.27
CA GLN CA 15 -22.18 -5.59 -10.16
C GLN CA 15 -23.34 -6.16 -10.96
N LYS CA 16 -24.47 -5.49 -10.87
CA LYS CA 16 -25.67 -5.94 -11.57
C LYS CA 16 -25.57 -5.76 -13.07
N GLU CA 17 -24.96 -4.66 -13.49
CA GLU CA 17 -24.70 -4.44 -14.89
C GLU CA 17 -23.81 -5.56 -15.44
N THR CA 18 -22.81 -5.93 -14.65
CA THR CA 18 -21.90 -7.00 -15.01
C THR CA 18 -22.66 -8.33 -15.10
N LEU CA 19 -23.47 -8.62 -14.08
CA LEU CA 19 -24.28 -9.80 -14.07
C LEU CA 19 -25.09 -9.92 -15.35
N ILE CA 20 -25.74 -8.83 -15.74
CA ILE CA 20 -26.58 -8.86 -16.94
C ILE CA 20 -25.75 -9.21 -18.16
N ARG CA 21 -24.60 -8.58 -18.30
CA ARG CA 21 -23.77 -8.77 -19.47
C ARG CA 21 -23.26 -10.20 -19.51
N GLU CA 22 -22.64 -10.65 -18.42
CA GLU CA 22 -21.98 -11.95 -18.39
C GLU CA 22 -22.95 -13.10 -18.61
N VAL CA 23 -24.13 -12.98 -18.02
CA VAL CA 23 -25.15 -13.99 -18.18
C VAL CA 23 -25.66 -13.95 -19.60
N SER CA 24 -25.93 -12.76 -20.13
CA SER CA 24 -26.43 -12.65 -21.50
C SER CA 24 -25.45 -13.32 -22.46
N GLU CA 25 -24.16 -13.10 -22.23
CA GLU CA 25 -23.10 -13.68 -23.05
C GLU CA 25 -23.09 -15.21 -22.93
N ALA CA 26 -23.12 -15.70 -21.70
CA ALA CA 26 -23.14 -17.16 -21.46
C ALA CA 26 -24.32 -17.85 -22.14
N ILE CA 27 -25.47 -17.19 -22.14
CA ILE CA 27 -26.64 -17.72 -22.85
C ILE CA 27 -26.40 -17.77 -24.36
N SER CA 28 -25.97 -16.65 -24.94
CA SER CA 28 -25.70 -16.57 -26.37
C SER CA 28 -24.71 -17.62 -26.82
N ARG CA 29 -23.65 -17.72 -26.07
CA ARG CA 29 -22.66 -18.65 -26.35
C ARG CA 29 -23.17 -20.12 -26.28
N SER CA 30 -23.80 -20.48 -25.16
CA SER CA 30 -24.24 -21.84 -24.91
C SER CA 30 -25.27 -22.36 -25.91
N LEU CA 31 -26.12 -21.48 -26.41
CA LEU CA 31 -27.21 -21.88 -27.29
C LEU CA 31 -26.98 -21.46 -28.73
N ASP CA 32 -25.81 -20.93 -29.02
CA ASP CA 32 -25.53 -20.39 -30.34
C ASP CA 32 -26.67 -19.49 -30.81
N ALA CA 33 -27.16 -18.64 -29.91
CA ALA CA 33 -28.25 -17.73 -30.23
C ALA CA 33 -27.70 -16.31 -30.31
N PRO CA 34 -28.32 -15.47 -31.16
CA PRO CA 34 -27.82 -14.10 -31.29
C PRO CA 34 -27.95 -13.30 -29.98
N LEU CA 35 -26.85 -12.69 -29.56
CA LEU CA 35 -26.81 -11.93 -28.30
C LEU CA 35 -27.93 -10.91 -28.19
N THR CA 36 -28.31 -10.29 -29.29
CA THR CA 36 -29.32 -9.22 -29.24
C THR CA 36 -30.76 -9.68 -28.96
N SER CA 37 -31.02 -10.99 -29.06
CA SER CA 37 -32.34 -11.54 -28.70
C SER CA 37 -32.50 -11.84 -27.20
N VAL CA 38 -31.37 -11.89 -26.49
CA VAL CA 38 -31.35 -12.27 -25.08
C VAL CA 38 -31.85 -11.16 -24.15
N ARG CA 39 -32.82 -11.51 -23.32
CA ARG CA 39 -33.36 -10.64 -22.31
C ARG CA 39 -33.02 -11.14 -20.93
N VAL CA 40 -32.68 -10.22 -20.03
CA VAL CA 40 -32.43 -10.57 -18.66
C VAL CA 40 -33.18 -9.65 -17.70
N ILE CA 41 -33.83 -10.26 -16.71
CA ILE CA 41 -34.54 -9.54 -15.69
C ILE CA 41 -33.90 -9.87 -14.36
N ILE CA 42 -33.54 -8.83 -13.61
CA ILE CA 42 -33.07 -9.01 -12.26
C ILE CA 42 -34.16 -8.63 -11.29
N THR CA 43 -34.38 -9.50 -10.32
CA THR CA 43 -35.41 -9.30 -9.32
C THR CA 43 -34.74 -9.41 -7.97
N GLU CA 44 -34.72 -8.27 -7.30
CA GLU CA 44 -34.06 -8.09 -6.09
C GLU CA 44 -34.98 -8.56 -4.93
N MET CA 45 -34.56 -9.47 -4.04
CA MET CA 45 -35.48 -9.90 -2.91
C MET CA 45 -34.91 -9.31 -1.56
N ALA CA 46 -35.84 -8.78 -0.77
CA ALA CA 46 -35.54 -8.29 0.57
C ALA CA 46 -35.12 -9.46 1.42
N LYS CA 47 -34.28 -9.21 2.41
CA LYS CA 47 -33.67 -10.31 3.20
C LYS CA 47 -34.73 -11.00 4.06
N GLY CA 48 -35.74 -10.24 4.46
CA GLY CA 48 -36.90 -10.78 5.16
C GLY CA 48 -37.93 -11.50 4.28
N HIS CA 49 -37.67 -11.60 2.98
CA HIS CA 49 -38.58 -12.27 2.05
C HIS CA 49 -38.04 -13.58 1.45
N PHE CA 50 -36.87 -14.04 1.92
CA PHE CA 50 -36.25 -15.23 1.37
C PHE CA 50 -35.94 -16.22 2.46
N GLY CA 51 -36.49 -17.42 2.32
CA GLY CA 51 -36.36 -18.47 3.32
C GLY CA 51 -35.50 -19.62 2.84
N ILE CA 52 -34.68 -20.15 3.73
CA ILE CA 52 -34.01 -21.42 3.54
C ILE CA 52 -34.26 -22.28 4.76
N GLY CA 53 -34.67 -23.53 4.54
CA GLY CA 53 -35.03 -24.40 5.64
C GLY CA 53 -36.06 -23.81 6.60
N GLY CA 54 -36.94 -22.95 6.10
CA GLY CA 54 -37.99 -22.36 6.94
C GLY CA 54 -37.54 -21.18 7.81
N GLU CA 55 -36.31 -20.72 7.60
CA GLU CA 55 -35.74 -19.62 8.37
C GLU CA 55 -35.22 -18.54 7.42
N LEU CA 56 -35.29 -17.29 7.83
CA LEU CA 56 -34.91 -16.19 6.96
C LEU CA 56 -33.42 -16.29 6.59
N ALA CA 57 -33.04 -15.74 5.44
CA ALA CA 57 -31.62 -15.63 5.08
C ALA CA 57 -30.96 -14.48 5.85
N SER CA 58 -31.77 -13.57 6.39
CA SER CA 58 -31.29 -12.47 7.24
C SER CA 58 -30.89 -12.91 8.67
N LYS CA 59 -30.53 -14.19 8.87
CA LYS CA 59 -30.17 -14.77 10.19
C LYS CA 59 -29.00 -15.75 10.14
N PRO DA 1 -28.81 -16.83 -5.04
CA PRO DA 1 -29.14 -16.47 -6.44
C PRO DA 1 -29.75 -17.63 -7.25
N ILE DA 2 -30.91 -17.38 -7.83
CA ILE DA 2 -31.71 -18.39 -8.51
C ILE DA 2 -32.09 -17.85 -9.87
N ALA DA 3 -31.68 -18.53 -10.92
CA ALA DA 3 -32.01 -18.10 -12.27
C ALA DA 3 -32.98 -19.06 -12.96
N GLN DA 4 -34.00 -18.52 -13.60
CA GLN DA 4 -34.88 -19.30 -14.43
C GLN DA 4 -34.73 -18.82 -15.87
N ILE DA 5 -34.49 -19.74 -16.79
CA ILE DA 5 -34.27 -19.39 -18.17
C ILE DA 5 -35.31 -20.04 -19.06
N HIS DA 6 -36.07 -19.24 -19.77
CA HIS DA 6 -37.02 -19.78 -20.73
C HIS DA 6 -36.37 -19.86 -22.09
N ILE DA 7 -36.38 -21.03 -22.70
CA ILE DA 7 -35.82 -21.21 -24.03
C ILE DA 7 -36.75 -22.03 -24.89
N LEU DA 8 -36.62 -21.85 -26.20
CA LEU DA 8 -37.36 -22.70 -27.12
C LEU DA 8 -36.90 -24.14 -27.02
N GLU DA 9 -37.87 -25.04 -27.10
CA GLU DA 9 -37.57 -26.47 -27.13
C GLU DA 9 -36.76 -26.80 -28.38
N GLY DA 10 -35.99 -27.88 -28.30
CA GLY DA 10 -35.27 -28.37 -29.47
C GLY DA 10 -33.79 -28.65 -29.29
N ARG DA 11 -33.24 -28.29 -28.14
CA ARG DA 11 -31.82 -28.39 -27.91
C ARG DA 11 -31.46 -29.71 -27.26
N SER DA 12 -30.20 -30.08 -27.30
CA SER DA 12 -29.74 -31.35 -26.75
C SER DA 12 -29.50 -31.24 -25.29
N ASP DA 13 -29.48 -32.36 -24.59
CA ASP DA 13 -29.13 -32.39 -23.18
C ASP DA 13 -27.76 -31.81 -22.89
N GLU DA 14 -26.81 -31.97 -23.81
CA GLU DA 14 -25.44 -31.49 -23.61
C GLU DA 14 -25.42 -29.97 -23.64
N GLN DA 15 -26.07 -29.39 -24.65
CA GLN DA 15 -26.18 -27.94 -24.76
C GLN DA 15 -26.76 -27.31 -23.50
N LYS DA 16 -27.78 -27.97 -22.97
CA LYS DA 16 -28.43 -27.48 -21.76
C LYS DA 16 -27.55 -27.62 -20.53
N GLU DA 17 -26.82 -28.71 -20.45
CA GLU DA 17 -25.88 -28.91 -19.37
C GLU DA 17 -24.84 -27.78 -19.42
N THR DA 18 -24.41 -27.44 -20.63
CA THR DA 18 -23.43 -26.37 -20.82
C THR DA 18 -24.03 -25.02 -20.40
N LEU DA 19 -25.25 -24.76 -20.84
CA LEU DA 19 -25.97 -23.56 -20.45
C LEU DA 19 -26.00 -23.39 -18.95
N ILE DA 20 -26.33 -24.46 -18.26
CA ILE DA 20 -26.41 -24.40 -16.82
C ILE DA 20 -25.07 -24.01 -16.24
N ARG DA 21 -24.02 -24.67 -16.70
CA ARG DA 21 -22.70 -24.45 -16.12
C ARG DA 21 -22.23 -23.02 -16.37
N GLU DA 22 -22.28 -22.61 -17.63
CA GLU DA 22 -21.75 -21.32 -18.05
C GLU DA 22 -22.49 -20.16 -17.39
N VAL DA 23 -23.81 -20.29 -17.30
CA VAL DA 23 -24.61 -19.27 -16.62
C VAL DA 23 -24.33 -19.26 -15.12
N SER DA 24 -24.28 -20.43 -14.50
CA SER DA 24 -23.96 -20.52 -13.08
C SER DA 24 -22.63 -19.83 -12.79
N GLU DA 25 -21.65 -20.07 -13.65
CA GLU DA 25 -20.31 -19.46 -13.52
C GLU DA 25 -20.40 -17.94 -13.66
N ALA DA 26 -21.08 -17.46 -14.69
CA ALA DA 26 -21.22 -16.04 -14.92
C ALA DA 26 -21.88 -15.32 -13.74
N ILE DA 27 -22.84 -15.97 -13.11
CA ILE DA 27 -23.48 -15.43 -11.94
C ILE DA 27 -22.50 -15.34 -10.77
N SER DA 28 -21.83 -16.45 -10.48
CA SER DA 28 -20.83 -16.49 -9.41
C SER DA 28 -19.73 -15.41 -9.59
N ARG DA 29 -19.23 -15.30 -10.81
CA ARG DA 29 -18.22 -14.31 -11.13
C ARG DA 29 -18.76 -12.91 -10.88
N SER DA 30 -19.90 -12.60 -11.50
CA SER DA 30 -20.45 -11.25 -11.51
C SER DA 30 -20.80 -10.70 -10.13
N LEU DA 31 -21.22 -11.57 -9.23
CA LEU DA 31 -21.70 -11.15 -7.92
C LEU DA 31 -20.75 -11.54 -6.81
N ASP DA 32 -19.59 -12.06 -7.17
CA ASP DA 32 -18.67 -12.55 -6.19
C ASP DA 32 -19.40 -13.44 -5.17
N ALA DA 33 -20.26 -14.31 -5.66
CA ALA DA 33 -20.99 -15.22 -4.80
C ALA DA 33 -20.45 -16.64 -4.97
N PRO DA 34 -20.45 -17.43 -3.89
CA PRO DA 34 -20.02 -18.82 -4.04
C PRO DA 34 -20.83 -19.64 -5.08
N LEU DA 35 -20.12 -20.26 -6.02
CA LEU DA 35 -20.73 -21.07 -7.07
C LEU DA 35 -21.73 -22.09 -6.56
N THR DA 36 -21.49 -22.70 -5.40
CA THR DA 36 -22.36 -23.77 -4.91
C THR DA 36 -23.72 -23.31 -4.43
N SER DA 37 -23.91 -22.02 -4.22
CA SER DA 37 -25.22 -21.48 -3.83
C SER DA 37 -26.13 -21.21 -5.04
N VAL DA 38 -25.53 -21.17 -6.23
CA VAL DA 38 -26.27 -20.81 -7.44
C VAL DA 38 -27.19 -21.93 -7.93
N ARG DA 39 -28.46 -21.60 -8.13
CA ARG DA 39 -29.45 -22.49 -8.70
C ARG DA 39 -29.87 -22.02 -10.07
N VAL DA 40 -30.04 -22.96 -11.00
CA VAL DA 40 -30.55 -22.64 -12.31
C VAL DA 40 -31.69 -23.57 -12.71
N ILE DA 41 -32.75 -22.97 -13.24
CA ILE DA 41 -33.88 -23.70 -13.74
C ILE DA 41 -34.04 -23.41 -15.21
N ILE DA 42 -34.12 -24.45 -16.02
CA ILE DA 42 -34.40 -24.31 -17.42
C ILE DA 42 -35.81 -24.70 -17.69
N THR DA 43 -36.51 -23.86 -18.44
CA THR DA 43 -37.89 -24.08 -18.74
C THR DA 43 -37.99 -24.03 -20.25
N GLU DA 44 -38.33 -25.16 -20.85
CA GLU DA 44 -38.47 -25.25 -22.28
C GLU DA 44 -39.84 -24.79 -22.72
N MET DA 45 -39.90 -23.97 -23.74
CA MET DA 45 -41.20 -23.60 -24.31
C MET DA 45 -41.44 -24.30 -25.62
N ALA DA 46 -42.67 -24.78 -25.81
CA ALA DA 46 -43.12 -25.27 -27.12
C ALA DA 46 -43.17 -24.10 -28.09
N LYS DA 47 -42.96 -24.38 -29.37
CA LYS DA 47 -42.86 -23.30 -30.37
C LYS DA 47 -44.21 -22.61 -30.55
N GLY DA 48 -45.29 -23.37 -30.34
CA GLY DA 48 -46.63 -22.84 -30.39
C GLY DA 48 -47.07 -22.08 -29.14
N HIS DA 49 -46.17 -21.96 -28.18
CA HIS DA 49 -46.49 -21.30 -26.91
C HIS DA 49 -45.73 -19.98 -26.68
N PHE DA 50 -44.96 -19.55 -27.68
CA PHE DA 50 -44.16 -18.35 -27.54
C PHE DA 50 -44.48 -17.38 -28.65
N GLY DA 51 -44.91 -16.18 -28.27
CA GLY DA 51 -45.31 -15.15 -29.21
C GLY DA 51 -44.35 -13.97 -29.24
N ILE DA 52 -44.11 -13.44 -30.43
CA ILE DA 52 -43.41 -12.19 -30.62
C ILE DA 52 -44.26 -11.33 -31.54
N GLY DA 53 -44.49 -10.10 -31.11
CA GLY DA 53 -45.31 -9.17 -31.85
C GLY DA 53 -46.78 -9.61 -31.98
N GLY DA 54 -47.23 -10.64 -31.25
CA GLY DA 54 -48.55 -11.31 -31.45
C GLY DA 54 -48.61 -12.55 -32.36
N GLU DA 55 -47.45 -12.98 -32.85
CA GLU DA 55 -47.35 -14.08 -33.81
C GLU DA 55 -46.39 -15.14 -33.27
N LEU DA 56 -46.66 -16.40 -33.60
CA LEU DA 56 -45.86 -17.48 -33.06
C LEU DA 56 -44.41 -17.39 -33.51
N ALA DA 57 -43.48 -17.91 -32.71
CA ALA DA 57 -42.08 -18.01 -33.12
C ALA DA 57 -41.89 -19.17 -34.10
N SER DA 58 -42.87 -20.08 -34.13
CA SER DA 58 -42.88 -21.19 -35.09
C SER DA 58 -43.26 -20.79 -36.56
N LYS DA 59 -43.05 -19.51 -36.92
CA LYS DA 59 -43.43 -18.96 -38.23
C LYS DA 59 -42.38 -18.00 -38.79
#